data_6CRN
#
_entry.id   6CRN
#
_cell.length_a   41.770
_cell.length_b   98.942
_cell.length_c   122.043
_cell.angle_alpha   66.49
_cell.angle_beta   88.31
_cell.angle_gamma   78.10
#
_symmetry.space_group_name_H-M   'P 1'
#
loop_
_entity.id
_entity.type
_entity.pdbx_description
1 polymer 'Ubiquitin carboxyl-terminal hydrolase 15'
2 polymer 'Ubiquitin variant 15.2'
3 non-polymer 'ZINC ION'
4 water water
#
loop_
_entity_poly.entity_id
_entity_poly.type
_entity_poly.pdbx_seq_one_letter_code
_entity_poly.pdbx_strand_id
1 'polypeptide(L)'
;SGAAADYSEPGRNNEQPGLCGLSNLGNTCFMNSAIQCLSNTPPLTEYFLNDKYQEELNFDNPLGMRGEIAKSYAELIKQM
WSGKFSYVTPRAFKTQVGRFAPQFSGYQQQDCQELLAFLLDGLHEDLNRIRKKPYIQLKDADGRPDKVVAEEAWENHLKR
NDSIIVDIFHGLFKSTLVCPECAKISVTFDPFCYLTLPLPMPKKPFVKLKDCIELFTTKEKLGAEDPWYCPNCKEHQQAT
KKLDLWSLPPVLVVHLKRFSYSRYMRDKLDTLVDFPINDLDMSEFLINPNAGPCRYNLIAVSNHYGGMGGGHYTAFAKNK
DDGKWYYFDDSSVSTASEDQIVSKAAYVLFYQRQDSSGZN
;
A,B,C,D
2 'polypeptide(L)'
;GAAMQIFVKTLASKFISLEVEPSDTIENVKAKIQDKEGIPPDQQTLIFARKQLEDGRTLSDYNIQKYSTLHLLLRLRGSS
G
;
E,F,G,H
#
# COMPACT_ATOMS: atom_id res chain seq x y z
N GLY A 11 33.45 -42.94 -22.61
CA GLY A 11 32.50 -42.34 -23.54
C GLY A 11 31.17 -43.09 -23.68
N ARG A 12 31.20 -44.37 -24.10
CA ARG A 12 30.00 -45.14 -24.43
C ARG A 12 29.40 -45.75 -23.16
N ASN A 13 28.10 -45.51 -23.01
CA ASN A 13 27.41 -45.29 -21.74
C ASN A 13 25.90 -45.49 -21.99
N ASN A 14 25.10 -46.00 -21.03
CA ASN A 14 23.69 -46.00 -21.47
C ASN A 14 23.10 -44.84 -20.68
N GLU A 15 22.87 -43.73 -21.35
CA GLU A 15 22.62 -42.48 -20.65
C GLU A 15 21.34 -41.78 -21.10
N GLN A 16 20.97 -40.78 -20.30
CA GLN A 16 19.85 -39.91 -20.59
C GLN A 16 20.19 -38.96 -21.73
N PRO A 17 19.32 -38.84 -22.73
CA PRO A 17 19.59 -37.91 -23.84
C PRO A 17 19.80 -36.48 -23.34
N GLY A 18 20.81 -35.81 -23.89
CA GLY A 18 21.12 -34.45 -23.54
C GLY A 18 22.02 -34.29 -22.33
N LEU A 19 22.18 -35.34 -21.52
CA LEU A 19 23.08 -35.30 -20.37
C LEU A 19 24.46 -35.82 -20.80
N CYS A 20 25.07 -35.04 -21.70
CA CYS A 20 26.27 -35.46 -22.42
C CYS A 20 27.29 -34.34 -22.33
N GLY A 21 28.48 -34.68 -21.84
CA GLY A 21 29.54 -33.70 -21.78
C GLY A 21 30.27 -33.55 -23.10
N LEU A 22 31.18 -32.58 -23.12
CA LEU A 22 32.04 -32.32 -24.28
C LEU A 22 33.46 -32.20 -23.77
N SER A 23 34.31 -33.17 -24.11
CA SER A 23 35.68 -33.16 -23.62
C SER A 23 36.40 -31.89 -24.06
N ASN A 24 37.39 -31.50 -23.27
CA ASN A 24 38.16 -30.28 -23.51
C ASN A 24 39.20 -30.47 -24.60
N LEU A 25 39.30 -29.49 -25.51
CA LEU A 25 40.25 -29.53 -26.63
C LEU A 25 41.06 -28.23 -26.70
N GLY A 26 41.97 -28.03 -25.74
CA GLY A 26 42.71 -26.78 -25.76
C GLY A 26 41.89 -25.58 -25.33
N ASN A 27 42.16 -24.43 -25.97
CA ASN A 27 41.50 -23.17 -25.65
C ASN A 27 40.58 -22.88 -26.82
N THR A 28 39.28 -23.12 -26.61
CA THR A 28 38.26 -23.02 -27.63
C THR A 28 37.33 -21.83 -27.41
N CYS A 29 37.81 -20.82 -26.68
CA CYS A 29 36.97 -19.76 -26.11
C CYS A 29 35.90 -20.46 -25.26
N PHE A 30 34.62 -20.21 -25.46
CA PHE A 30 33.57 -20.87 -24.70
C PHE A 30 32.74 -21.81 -25.58
N MET A 31 33.43 -22.54 -26.47
CA MET A 31 32.76 -23.42 -27.41
C MET A 31 31.89 -24.46 -26.69
N ASN A 32 32.48 -25.21 -25.76
CA ASN A 32 31.72 -26.23 -25.05
C ASN A 32 30.54 -25.62 -24.30
N SER A 33 30.80 -24.52 -23.59
CA SER A 33 29.74 -23.85 -22.85
C SER A 33 28.66 -23.34 -23.80
N ALA A 34 29.07 -22.75 -24.92
CA ALA A 34 28.10 -22.26 -25.90
C ALA A 34 27.30 -23.40 -26.52
N ILE A 35 27.96 -24.53 -26.82
CA ILE A 35 27.24 -25.66 -27.41
C ILE A 35 26.18 -26.18 -26.46
N GLN A 36 26.51 -26.29 -25.18
CA GLN A 36 25.55 -26.79 -24.20
C GLN A 36 24.35 -25.85 -24.08
N CYS A 37 24.58 -24.53 -24.22
CA CYS A 37 23.47 -23.59 -24.21
C CYS A 37 22.57 -23.79 -25.42
N LEU A 38 23.16 -23.94 -26.60
CA LEU A 38 22.37 -24.17 -27.81
C LEU A 38 21.74 -25.55 -27.78
N SER A 39 22.49 -26.56 -27.32
CA SER A 39 21.94 -27.91 -27.22
C SER A 39 20.69 -27.96 -26.36
N ASN A 40 20.60 -27.10 -25.35
CA ASN A 40 19.44 -27.07 -24.46
C ASN A 40 18.50 -25.91 -24.77
N THR A 41 18.52 -25.42 -26.01
CA THR A 41 17.47 -24.59 -26.58
C THR A 41 16.53 -25.53 -27.33
N PRO A 42 15.40 -25.91 -26.75
CA PRO A 42 14.61 -27.04 -27.29
C PRO A 42 14.18 -26.87 -28.73
N PRO A 43 13.65 -25.72 -29.15
CA PRO A 43 13.25 -25.61 -30.57
C PRO A 43 14.40 -25.81 -31.53
N LEU A 44 15.61 -25.43 -31.14
CA LEU A 44 16.78 -25.65 -31.99
C LEU A 44 17.12 -27.13 -32.06
N THR A 45 17.17 -27.81 -30.90
CA THR A 45 17.56 -29.21 -30.88
C THR A 45 16.48 -30.09 -31.54
N GLU A 46 15.21 -29.78 -31.29
CA GLU A 46 14.14 -30.53 -31.92
C GLU A 46 14.19 -30.39 -33.44
N TYR A 47 14.55 -29.20 -33.93
CA TYR A 47 14.68 -28.99 -35.37
C TYR A 47 15.74 -29.90 -35.98
N PHE A 48 16.87 -30.08 -35.30
CA PHE A 48 17.93 -30.93 -35.82
C PHE A 48 17.63 -32.41 -35.60
N LEU A 49 17.09 -32.77 -34.43
CA LEU A 49 16.78 -34.16 -34.14
C LEU A 49 15.69 -34.70 -35.07
N ASN A 50 14.83 -33.81 -35.58
CA ASN A 50 13.74 -34.22 -36.45
C ASN A 50 14.11 -34.15 -37.93
N ASP A 51 15.38 -33.94 -38.26
CA ASP A 51 15.89 -34.01 -39.63
C ASP A 51 15.20 -33.04 -40.60
N LYS A 52 15.00 -31.79 -40.18
CA LYS A 52 14.50 -30.78 -41.11
C LYS A 52 15.60 -29.88 -41.65
N TYR A 53 16.85 -30.12 -41.28
CA TYR A 53 17.92 -29.21 -41.72
C TYR A 53 18.48 -29.60 -43.08
N GLN A 54 18.37 -30.87 -43.47
CA GLN A 54 18.92 -31.31 -44.75
C GLN A 54 18.30 -30.55 -45.91
N GLU A 55 16.96 -30.44 -45.92
CA GLU A 55 16.29 -29.73 -47.00
C GLU A 55 16.61 -28.24 -47.00
N GLU A 56 17.03 -27.70 -45.87
CA GLU A 56 17.24 -26.26 -45.71
C GLU A 56 18.72 -25.89 -45.76
N LEU A 57 19.60 -26.86 -45.96
CA LEU A 57 21.02 -26.56 -46.08
C LEU A 57 21.27 -25.67 -47.29
N ASN A 58 21.96 -24.55 -47.08
CA ASN A 58 22.26 -23.59 -48.14
C ASN A 58 23.74 -23.70 -48.46
N PHE A 59 24.04 -24.22 -49.66
CA PHE A 59 25.42 -24.46 -50.08
C PHE A 59 25.99 -23.33 -50.91
N ASP A 60 25.20 -22.30 -51.24
CA ASP A 60 25.64 -21.23 -52.11
C ASP A 60 25.63 -19.87 -51.43
N ASN A 61 25.24 -19.79 -50.15
CA ASN A 61 25.18 -18.51 -49.44
C ASN A 61 26.53 -17.80 -49.44
N PRO A 62 26.61 -16.57 -49.97
CA PRO A 62 27.90 -15.86 -49.93
C PRO A 62 28.37 -15.55 -48.53
N LEU A 63 27.46 -15.48 -47.56
CA LEU A 63 27.80 -15.22 -46.17
C LEU A 63 27.85 -16.47 -45.29
N GLY A 64 27.70 -17.67 -45.86
CA GLY A 64 27.73 -18.91 -45.11
C GLY A 64 29.05 -19.64 -45.10
N MET A 65 29.00 -20.90 -44.66
CA MET A 65 30.12 -21.84 -44.53
C MET A 65 29.79 -23.11 -45.29
N ARG A 66 28.99 -22.83 -46.32
CA ARG A 66 28.34 -23.73 -47.31
C ARG A 66 27.85 -25.00 -46.60
N GLY A 67 27.02 -24.80 -45.56
CA GLY A 67 26.38 -25.86 -44.77
C GLY A 67 27.25 -26.64 -43.79
N GLU A 68 28.57 -26.38 -43.77
CA GLU A 68 29.45 -27.23 -42.98
C GLU A 68 29.33 -26.95 -41.49
N ILE A 69 29.02 -25.71 -41.09
CA ILE A 69 28.82 -25.44 -39.67
C ILE A 69 27.52 -26.08 -39.20
N ALA A 70 26.46 -25.96 -39.98
CA ALA A 70 25.17 -26.55 -39.61
C ALA A 70 25.23 -28.07 -39.66
N LYS A 71 25.89 -28.63 -40.68
CA LYS A 71 26.00 -30.08 -40.79
C LYS A 71 26.72 -30.68 -39.59
N SER A 72 27.93 -30.18 -39.30
CA SER A 72 28.68 -30.69 -38.15
C SER A 72 27.92 -30.49 -36.86
N TYR A 73 27.30 -29.31 -36.68
CA TYR A 73 26.55 -29.06 -35.46
C TYR A 73 25.40 -30.05 -35.30
N ALA A 74 24.65 -30.28 -36.38
CA ALA A 74 23.54 -31.24 -36.33
C ALA A 74 24.02 -32.61 -35.90
N GLU A 75 25.14 -33.07 -36.47
CA GLU A 75 25.65 -34.39 -36.13
C GLU A 75 26.19 -34.44 -34.70
N LEU A 76 26.69 -33.31 -34.19
CA LEU A 76 27.07 -33.24 -32.78
C LEU A 76 25.84 -33.34 -31.89
N ILE A 77 24.78 -32.60 -32.21
CA ILE A 77 23.56 -32.63 -31.43
C ILE A 77 22.94 -34.02 -31.44
N LYS A 78 23.01 -34.71 -32.59
CA LYS A 78 22.46 -36.06 -32.66
C LYS A 78 23.20 -37.02 -31.73
N GLN A 79 24.53 -36.87 -31.63
CA GLN A 79 25.28 -37.67 -30.66
C GLN A 79 24.87 -37.32 -29.24
N MET A 80 24.74 -36.03 -28.95
CA MET A 80 24.47 -35.59 -27.58
C MET A 80 23.09 -36.01 -27.11
N TRP A 81 22.14 -36.15 -28.03
CA TRP A 81 20.77 -36.51 -27.68
C TRP A 81 20.41 -37.94 -28.09
N SER A 82 21.39 -38.75 -28.45
CA SER A 82 21.12 -40.15 -28.75
C SER A 82 20.97 -40.98 -27.50
N GLY A 83 21.49 -40.49 -26.38
CA GLY A 83 21.48 -41.25 -25.15
C GLY A 83 22.53 -42.35 -25.07
N LYS A 84 23.48 -42.38 -26.01
CA LYS A 84 24.50 -43.42 -26.05
C LYS A 84 25.81 -42.99 -25.39
N PHE A 85 25.92 -41.74 -24.96
CA PHE A 85 27.19 -41.19 -24.51
C PHE A 85 27.02 -40.38 -23.23
N SER A 86 27.98 -40.54 -22.30
CA SER A 86 28.09 -39.60 -21.18
C SER A 86 28.89 -38.36 -21.56
N TYR A 87 29.79 -38.50 -22.54
CA TYR A 87 30.45 -37.35 -23.14
C TYR A 87 30.93 -37.73 -24.53
N VAL A 88 31.20 -36.70 -25.34
CA VAL A 88 31.76 -36.87 -26.66
C VAL A 88 32.88 -35.85 -26.83
N THR A 89 33.79 -36.15 -27.75
CA THR A 89 34.86 -35.21 -28.08
C THR A 89 34.50 -34.52 -29.38
N PRO A 90 34.14 -33.22 -29.35
CA PRO A 90 33.60 -32.53 -30.54
C PRO A 90 34.68 -32.08 -31.52
N ARG A 91 35.49 -33.04 -31.97
CA ARG A 91 36.61 -32.70 -32.85
C ARG A 91 36.13 -32.18 -34.20
N ALA A 92 35.14 -32.83 -34.80
CA ALA A 92 34.68 -32.43 -36.12
C ALA A 92 34.11 -31.03 -36.12
N PHE A 93 33.30 -30.70 -35.11
CA PHE A 93 32.74 -29.36 -35.02
C PHE A 93 33.82 -28.31 -34.77
N LYS A 94 34.81 -28.64 -33.94
CA LYS A 94 35.88 -27.68 -33.67
C LYS A 94 36.70 -27.38 -34.92
N THR A 95 37.02 -28.41 -35.71
CA THR A 95 37.81 -28.18 -36.92
C THR A 95 37.06 -27.30 -37.92
N GLN A 96 35.74 -27.49 -38.03
CA GLN A 96 34.97 -26.66 -38.94
C GLN A 96 34.89 -25.22 -38.42
N VAL A 97 34.87 -25.03 -37.10
CA VAL A 97 34.90 -23.67 -36.56
C VAL A 97 36.25 -23.03 -36.85
N GLY A 98 37.34 -23.77 -36.67
CA GLY A 98 38.66 -23.24 -36.98
C GLY A 98 38.85 -22.93 -38.45
N ARG A 99 38.22 -23.73 -39.31
CA ARG A 99 38.36 -23.52 -40.75
C ARG A 99 37.71 -22.21 -41.19
N PHE A 100 36.58 -21.85 -40.59
CA PHE A 100 35.88 -20.63 -40.97
C PHE A 100 36.05 -19.49 -39.97
N ALA A 101 36.53 -19.76 -38.76
CA ALA A 101 36.75 -18.73 -37.75
C ALA A 101 38.03 -19.05 -36.97
N PRO A 102 39.19 -18.85 -37.58
CA PRO A 102 40.46 -19.11 -36.87
C PRO A 102 40.66 -18.25 -35.62
N GLN A 103 39.97 -17.13 -35.50
CA GLN A 103 40.15 -16.25 -34.34
C GLN A 103 39.95 -16.95 -33.01
N PHE A 104 39.20 -18.06 -33.00
CA PHE A 104 38.96 -18.82 -31.78
C PHE A 104 39.85 -20.05 -31.68
N SER A 105 40.99 -20.06 -32.37
CA SER A 105 41.95 -21.15 -32.31
C SER A 105 43.08 -20.83 -31.34
N GLY A 106 43.36 -21.78 -30.45
CA GLY A 106 44.59 -21.89 -29.67
C GLY A 106 44.89 -20.70 -28.77
N TYR A 107 46.18 -20.52 -28.51
CA TYR A 107 46.64 -19.48 -27.58
C TYR A 107 46.26 -18.10 -28.07
N GLN A 108 46.65 -17.76 -29.30
CA GLN A 108 46.33 -16.45 -29.86
C GLN A 108 44.84 -16.32 -30.09
N GLN A 109 44.08 -16.21 -29.00
CA GLN A 109 42.63 -16.05 -29.06
C GLN A 109 42.28 -14.58 -28.87
N GLN A 110 41.29 -14.11 -29.62
CA GLN A 110 40.82 -12.74 -29.53
C GLN A 110 39.30 -12.71 -29.64
N ASP A 111 38.70 -11.82 -28.84
CA ASP A 111 37.26 -11.56 -28.90
C ASP A 111 36.47 -12.86 -28.77
N CYS A 112 36.65 -13.52 -27.63
CA CYS A 112 36.00 -14.82 -27.43
C CYS A 112 34.49 -14.70 -27.37
N GLN A 113 33.94 -13.52 -27.10
CA GLN A 113 32.50 -13.39 -26.99
C GLN A 113 31.79 -13.42 -28.34
N GLU A 114 32.51 -13.16 -29.43
CA GLU A 114 31.95 -13.20 -30.77
C GLU A 114 31.74 -14.62 -31.28
N LEU A 115 32.08 -15.65 -30.50
CA LEU A 115 31.84 -17.02 -30.94
C LEU A 115 30.35 -17.34 -30.98
N LEU A 116 29.61 -16.94 -29.95
CA LEU A 116 28.16 -17.12 -29.97
C LEU A 116 27.56 -16.38 -31.15
N ALA A 117 27.99 -15.14 -31.39
CA ALA A 117 27.54 -14.39 -32.56
C ALA A 117 27.95 -15.09 -33.85
N PHE A 118 29.16 -15.67 -33.87
CA PHE A 118 29.58 -16.42 -35.06
C PHE A 118 28.69 -17.64 -35.27
N LEU A 119 28.33 -18.32 -34.18
CA LEU A 119 27.52 -19.53 -34.30
C LEU A 119 26.10 -19.19 -34.73
N LEU A 120 25.49 -18.19 -34.09
CA LEU A 120 24.13 -17.81 -34.47
C LEU A 120 24.06 -17.34 -35.92
N ASP A 121 25.03 -16.52 -36.34
CA ASP A 121 25.02 -16.02 -37.71
C ASP A 121 25.43 -17.11 -38.70
N GLY A 122 26.34 -17.99 -38.29
CA GLY A 122 26.76 -19.07 -39.17
C GLY A 122 25.69 -20.13 -39.35
N LEU A 123 25.06 -20.55 -38.26
CA LEU A 123 23.91 -21.45 -38.36
C LEU A 123 22.82 -20.83 -39.22
N HIS A 124 22.57 -19.53 -39.05
CA HIS A 124 21.54 -18.85 -39.83
C HIS A 124 21.83 -18.91 -41.32
N GLU A 125 23.06 -18.58 -41.72
CA GLU A 125 23.37 -18.48 -43.14
C GLU A 125 23.45 -19.86 -43.80
N ASP A 126 23.95 -20.86 -43.08
CA ASP A 126 23.95 -22.21 -43.61
C ASP A 126 22.55 -22.78 -43.76
N LEU A 127 21.54 -22.11 -43.18
CA LEU A 127 20.16 -22.56 -43.29
C LEU A 127 19.23 -21.47 -43.82
N ASN A 128 19.79 -20.46 -44.48
CA ASN A 128 18.99 -19.33 -44.95
C ASN A 128 18.13 -19.77 -46.14
N ARG A 129 16.80 -19.64 -45.99
CA ARG A 129 15.88 -20.10 -47.02
C ARG A 129 15.91 -19.23 -48.27
N ILE A 130 16.43 -18.01 -48.18
CA ILE A 130 16.61 -17.14 -49.34
C ILE A 130 17.86 -17.61 -50.09
N ARG A 131 17.66 -18.09 -51.32
CA ARG A 131 18.74 -18.69 -52.12
C ARG A 131 19.44 -17.65 -52.98
N LYS A 132 18.85 -16.47 -53.11
CA LYS A 132 19.45 -15.35 -53.79
C LYS A 132 18.90 -14.08 -53.17
N LYS A 133 19.76 -13.32 -52.55
CA LYS A 133 19.27 -12.22 -51.72
C LYS A 133 19.17 -10.94 -52.54
N PRO A 134 18.03 -10.26 -52.52
CA PRO A 134 17.96 -8.94 -53.12
C PRO A 134 18.63 -7.89 -52.24
N TYR A 135 19.16 -6.86 -52.88
CA TYR A 135 19.63 -5.69 -52.16
C TYR A 135 18.44 -4.80 -51.84
N ILE A 136 18.30 -4.42 -50.57
CA ILE A 136 17.17 -3.64 -50.10
C ILE A 136 17.67 -2.31 -49.57
N GLN A 137 17.07 -1.22 -50.06
CA GLN A 137 17.40 0.14 -49.60
C GLN A 137 16.61 0.42 -48.33
N LEU A 138 17.28 0.38 -47.20
CA LEU A 138 16.65 0.68 -45.92
C LEU A 138 16.44 2.19 -45.75
N LYS A 139 15.42 2.53 -44.96
CA LYS A 139 14.91 3.88 -44.80
C LYS A 139 14.52 4.09 -43.34
N ASP A 140 14.93 5.19 -42.74
CA ASP A 140 14.28 5.46 -41.46
C ASP A 140 12.85 5.99 -41.66
N ALA A 141 12.17 6.17 -40.53
CA ALA A 141 10.72 6.20 -40.43
C ALA A 141 10.04 7.32 -41.26
N ASP A 142 10.72 8.49 -41.41
CA ASP A 142 10.09 9.72 -41.97
C ASP A 142 8.80 10.07 -41.24
N GLY A 143 8.82 10.10 -39.91
CA GLY A 143 7.59 10.56 -39.30
C GLY A 143 6.43 9.58 -39.43
N ARG A 144 6.62 8.47 -40.14
CA ARG A 144 5.58 7.46 -40.26
C ARG A 144 5.39 6.76 -38.92
N PRO A 145 4.20 6.22 -38.65
CA PRO A 145 3.94 5.59 -37.35
C PRO A 145 4.81 4.35 -37.11
N ASP A 146 5.04 4.06 -35.83
CA ASP A 146 5.97 3.01 -35.44
C ASP A 146 5.58 1.64 -36.00
N LYS A 147 4.28 1.31 -35.97
CA LYS A 147 3.85 -0.01 -36.40
C LYS A 147 4.08 -0.21 -37.90
N VAL A 148 3.96 0.86 -38.68
CA VAL A 148 4.17 0.76 -40.12
C VAL A 148 5.65 0.59 -40.42
N VAL A 149 6.50 1.38 -39.76
CA VAL A 149 7.94 1.33 -40.03
C VAL A 149 8.53 0.03 -39.53
N ALA A 150 8.11 -0.43 -38.35
CA ALA A 150 8.65 -1.67 -37.80
C ALA A 150 8.24 -2.86 -38.67
N GLU A 151 7.01 -2.86 -39.17
N GLU A 151 7.04 -2.84 -39.22
CA GLU A 151 6.57 -3.89 -40.11
CA GLU A 151 6.64 -3.94 -40.09
C GLU A 151 7.45 -3.87 -41.36
C GLU A 151 7.36 -3.89 -41.43
N GLU A 152 7.65 -2.69 -41.94
CA GLU A 152 8.47 -2.58 -43.14
C GLU A 152 9.89 -3.08 -42.90
N ALA A 153 10.47 -2.76 -41.74
CA ALA A 153 11.81 -3.23 -41.40
C ALA A 153 11.84 -4.75 -41.26
N TRP A 154 10.81 -5.34 -40.64
CA TRP A 154 10.80 -6.78 -40.43
C TRP A 154 10.70 -7.55 -41.75
N GLU A 155 9.87 -7.05 -42.69
CA GLU A 155 9.77 -7.71 -43.98
C GLU A 155 11.05 -7.56 -44.78
N ASN A 156 11.69 -6.40 -44.70
CA ASN A 156 12.98 -6.21 -45.37
C ASN A 156 14.01 -7.20 -44.82
N HIS A 157 14.00 -7.41 -43.51
CA HIS A 157 14.86 -8.43 -42.91
C HIS A 157 14.54 -9.81 -43.46
N LEU A 158 13.25 -10.17 -43.50
CA LEU A 158 12.84 -11.51 -43.90
C LEU A 158 13.06 -11.76 -45.39
N LYS A 159 13.18 -10.72 -46.21
CA LYS A 159 13.43 -10.91 -47.63
C LYS A 159 14.86 -11.36 -47.91
N ARG A 160 15.80 -11.04 -47.02
CA ARG A 160 17.16 -11.52 -47.12
C ARG A 160 17.51 -12.57 -46.06
N ASN A 161 16.71 -12.66 -44.99
CA ASN A 161 17.07 -13.48 -43.83
C ASN A 161 15.83 -14.24 -43.38
N ASP A 162 15.81 -15.54 -43.67
CA ASP A 162 14.66 -16.39 -43.33
C ASP A 162 15.21 -17.77 -43.01
N SER A 163 15.18 -18.14 -41.73
CA SER A 163 15.77 -19.40 -41.30
C SER A 163 15.21 -19.76 -39.93
N ILE A 164 15.49 -20.98 -39.50
CA ILE A 164 15.13 -21.41 -38.15
C ILE A 164 15.77 -20.50 -37.10
N ILE A 165 16.95 -19.95 -37.40
CA ILE A 165 17.62 -19.06 -36.45
C ILE A 165 16.84 -17.76 -36.31
N VAL A 166 16.35 -17.21 -37.42
CA VAL A 166 15.46 -16.05 -37.34
C VAL A 166 14.20 -16.39 -36.55
N ASP A 167 13.63 -17.57 -36.81
CA ASP A 167 12.41 -17.98 -36.11
C ASP A 167 12.62 -18.07 -34.60
N ILE A 168 13.81 -18.48 -34.16
CA ILE A 168 14.04 -18.72 -32.74
C ILE A 168 14.62 -17.48 -32.05
N PHE A 169 15.57 -16.80 -32.68
CA PHE A 169 16.44 -15.86 -31.96
C PHE A 169 16.28 -14.39 -32.34
N HIS A 170 15.62 -14.07 -33.44
CA HIS A 170 15.65 -12.70 -33.94
C HIS A 170 14.50 -11.85 -33.39
N GLY A 171 14.85 -10.64 -32.97
CA GLY A 171 13.88 -9.63 -32.60
C GLY A 171 14.15 -8.29 -33.25
N LEU A 172 13.48 -7.24 -32.78
CA LEU A 172 13.58 -5.90 -33.36
C LEU A 172 13.62 -4.87 -32.26
N PHE A 173 14.59 -3.96 -32.30
CA PHE A 173 14.52 -2.77 -31.48
C PHE A 173 14.42 -1.52 -32.36
N LYS A 174 14.04 -0.42 -31.72
CA LYS A 174 13.95 0.90 -32.35
C LYS A 174 15.16 1.75 -32.00
N SER A 175 15.76 2.37 -33.02
CA SER A 175 16.94 3.21 -32.88
C SER A 175 16.57 4.66 -33.20
N THR A 176 16.73 5.54 -32.22
CA THR A 176 16.55 6.97 -32.39
C THR A 176 17.91 7.63 -32.30
N LEU A 177 18.35 8.27 -33.38
CA LEU A 177 19.63 8.95 -33.42
C LEU A 177 19.40 10.46 -33.50
N VAL A 178 20.23 11.22 -32.77
CA VAL A 178 20.07 12.67 -32.67
C VAL A 178 21.41 13.34 -32.96
N CYS A 179 21.41 14.28 -33.93
CA CYS A 179 22.57 15.08 -34.32
C CYS A 179 22.76 16.29 -33.40
N PRO A 180 24.01 16.62 -33.02
CA PRO A 180 24.24 17.84 -32.21
C PRO A 180 23.90 19.19 -32.84
N GLU A 181 24.28 19.53 -34.06
CA GLU A 181 23.49 20.59 -34.68
C GLU A 181 22.08 20.29 -35.07
N CYS A 182 21.85 19.62 -36.19
CA CYS A 182 20.52 19.70 -36.74
C CYS A 182 19.45 19.32 -35.71
N ALA A 183 19.81 18.55 -34.69
CA ALA A 183 18.84 17.98 -33.76
C ALA A 183 17.85 17.15 -34.54
N LYS A 184 18.26 16.73 -35.73
CA LYS A 184 17.41 15.94 -36.58
C LYS A 184 17.37 14.54 -36.04
N ILE A 185 16.16 14.03 -35.90
CA ILE A 185 15.97 12.63 -35.51
C ILE A 185 15.64 11.72 -36.69
N SER A 186 16.42 10.65 -36.75
CA SER A 186 16.38 9.54 -37.68
C SER A 186 16.04 8.29 -36.88
N VAL A 187 14.97 7.60 -37.27
CA VAL A 187 14.45 6.45 -36.52
C VAL A 187 14.49 5.21 -37.39
N THR A 188 15.20 4.18 -36.93
CA THR A 188 15.22 2.90 -37.63
C THR A 188 14.72 1.80 -36.72
N PHE A 189 14.32 0.71 -37.35
CA PHE A 189 14.00 -0.53 -36.67
C PHE A 189 15.00 -1.57 -37.16
N ASP A 190 15.82 -2.07 -36.25
CA ASP A 190 16.96 -2.92 -36.56
C ASP A 190 16.78 -4.30 -35.95
N PRO A 191 17.12 -5.35 -36.67
CA PRO A 191 17.05 -6.69 -36.10
C PRO A 191 18.24 -6.98 -35.20
N PHE A 192 18.03 -7.93 -34.29
CA PHE A 192 19.07 -8.45 -33.41
C PHE A 192 18.82 -9.92 -33.20
N CYS A 193 19.88 -10.67 -32.90
CA CYS A 193 19.76 -12.06 -32.50
C CYS A 193 20.22 -12.31 -31.06
N TYR A 194 20.72 -11.29 -30.37
CA TYR A 194 21.07 -11.38 -28.96
C TYR A 194 21.19 -9.96 -28.41
N LEU A 195 21.11 -9.86 -27.09
CA LEU A 195 21.26 -8.59 -26.40
C LEU A 195 22.56 -8.58 -25.62
N THR A 196 23.29 -7.47 -25.75
CA THR A 196 24.50 -7.21 -24.97
C THR A 196 24.16 -6.15 -23.93
N LEU A 197 24.13 -6.55 -22.65
CA LEU A 197 23.69 -5.62 -21.61
C LEU A 197 24.88 -4.98 -20.92
N PRO A 198 24.88 -3.66 -20.77
CA PRO A 198 25.96 -3.01 -20.01
C PRO A 198 25.77 -3.17 -18.52
N LEU A 199 26.89 -3.14 -17.81
CA LEU A 199 26.73 -3.14 -16.37
C LEU A 199 26.88 -1.73 -15.83
N PRO A 200 26.30 -1.43 -14.66
CA PRO A 200 26.44 -0.07 -14.11
C PRO A 200 27.89 0.29 -13.85
N MET A 201 28.24 1.52 -14.21
CA MET A 201 29.56 2.06 -13.93
C MET A 201 29.45 3.31 -13.05
N PRO A 202 30.32 3.47 -12.05
CA PRO A 202 31.42 2.54 -11.77
C PRO A 202 30.93 1.25 -11.13
N LYS A 203 31.79 0.24 -11.10
CA LYS A 203 31.41 -1.10 -10.68
C LYS A 203 30.74 -1.10 -9.32
N LYS A 204 29.52 -1.67 -9.26
CA LYS A 204 28.77 -2.00 -8.06
C LYS A 204 28.89 -3.48 -7.72
N PRO A 205 28.81 -3.84 -6.44
CA PRO A 205 28.89 -5.27 -6.07
C PRO A 205 27.63 -6.06 -6.39
N PHE A 206 26.48 -5.41 -6.53
CA PHE A 206 25.22 -6.10 -6.75
C PHE A 206 24.32 -5.24 -7.62
N VAL A 207 23.73 -5.86 -8.65
CA VAL A 207 22.78 -5.20 -9.51
C VAL A 207 21.72 -6.21 -9.93
N LYS A 208 20.50 -5.72 -10.15
CA LYS A 208 19.43 -6.57 -10.63
C LYS A 208 19.41 -6.56 -12.15
N LEU A 209 18.98 -7.68 -12.74
CA LEU A 209 19.01 -7.82 -14.19
C LEU A 209 18.23 -6.71 -14.87
N LYS A 210 17.11 -6.29 -14.26
CA LYS A 210 16.30 -5.24 -14.87
C LYS A 210 17.04 -3.90 -14.90
N ASP A 211 17.87 -3.61 -13.90
CA ASP A 211 18.68 -2.39 -13.95
C ASP A 211 19.62 -2.41 -15.15
N CYS A 212 20.18 -3.57 -15.48
CA CYS A 212 21.06 -3.65 -16.64
C CYS A 212 20.26 -3.48 -17.93
N ILE A 213 19.05 -4.06 -17.97
CA ILE A 213 18.16 -3.87 -19.10
C ILE A 213 17.72 -2.42 -19.15
N GLU A 214 17.54 -1.80 -17.96
CA GLU A 214 17.01 -0.44 -17.94
C GLU A 214 18.07 0.52 -18.43
N LEU A 215 19.34 0.15 -18.21
CA LEU A 215 20.50 0.84 -18.76
C LEU A 215 20.66 0.64 -20.26
N PHE A 216 20.34 -0.55 -20.76
CA PHE A 216 20.50 -0.82 -22.19
C PHE A 216 19.69 0.15 -23.04
N THR A 217 18.53 0.58 -22.53
CA THR A 217 17.62 1.45 -23.25
C THR A 217 17.83 2.94 -22.95
N THR A 218 18.97 3.32 -22.40
CA THR A 218 19.26 4.71 -22.10
C THR A 218 20.12 5.32 -23.21
N LYS A 219 19.78 6.55 -23.62
CA LYS A 219 20.51 7.21 -24.70
C LYS A 219 21.98 7.39 -24.37
N GLU A 220 22.86 6.90 -25.25
CA GLU A 220 24.31 7.00 -25.11
C GLU A 220 24.89 7.45 -26.44
N LYS A 221 26.00 8.20 -26.37
CA LYS A 221 26.69 8.78 -27.53
C LYS A 221 27.78 7.86 -28.07
N LEU A 222 27.74 7.54 -29.37
CA LEU A 222 28.77 6.65 -29.93
C LEU A 222 30.19 7.16 -29.71
N PRO A 227 30.79 6.74 -35.48
CA PRO A 227 31.03 6.75 -36.93
C PRO A 227 29.72 6.81 -37.72
N TRP A 228 29.04 7.93 -37.65
CA TRP A 228 27.73 8.11 -38.28
C TRP A 228 27.72 9.41 -39.07
N TYR A 229 27.28 9.33 -40.32
CA TYR A 229 27.21 10.48 -41.21
C TYR A 229 25.78 11.00 -41.18
N CYS A 230 25.61 12.25 -40.77
CA CYS A 230 24.30 12.88 -40.80
C CYS A 230 24.02 13.45 -42.19
N PRO A 231 22.98 12.99 -42.89
CA PRO A 231 22.65 13.58 -44.19
C PRO A 231 22.30 15.07 -44.13
N ASN A 232 21.68 15.53 -43.04
CA ASN A 232 21.25 16.93 -42.98
C ASN A 232 22.42 17.87 -42.70
N CYS A 233 23.14 17.64 -41.61
CA CYS A 233 24.31 18.46 -41.30
C CYS A 233 25.47 18.10 -42.22
N LYS A 234 25.34 16.99 -42.94
CA LYS A 234 26.27 16.57 -43.95
C LYS A 234 27.71 16.54 -43.44
N GLU A 235 27.94 16.11 -42.20
CA GLU A 235 28.98 15.09 -42.04
C GLU A 235 28.76 14.21 -40.80
N HIS A 236 29.68 13.24 -40.75
CA HIS A 236 30.18 12.57 -39.54
C HIS A 236 30.19 13.36 -38.21
N GLN A 237 29.30 12.94 -37.30
CA GLN A 237 29.15 13.54 -35.98
C GLN A 237 28.95 12.49 -34.88
N GLN A 238 29.15 12.91 -33.62
CA GLN A 238 28.93 12.02 -32.47
C GLN A 238 27.47 12.13 -32.02
N ALA A 239 26.61 11.35 -32.67
CA ALA A 239 25.20 11.35 -32.35
C ALA A 239 24.95 10.62 -31.04
N THR A 240 23.76 10.85 -30.48
CA THR A 240 23.27 10.07 -29.35
C THR A 240 22.27 9.04 -29.83
N LYS A 241 22.53 7.77 -29.52
CA LYS A 241 21.68 6.67 -29.95
C LYS A 241 20.86 6.19 -28.76
N LYS A 242 19.57 5.95 -29.02
CA LYS A 242 18.63 5.48 -28.00
C LYS A 242 17.91 4.26 -28.53
N LEU A 243 17.93 3.17 -27.75
CA LEU A 243 17.34 1.91 -28.17
C LEU A 243 16.14 1.56 -27.31
N ASP A 244 15.09 1.05 -27.97
CA ASP A 244 13.89 0.56 -27.32
C ASP A 244 13.51 -0.76 -27.96
N LEU A 245 13.17 -1.75 -27.14
CA LEU A 245 12.85 -3.07 -27.68
C LEU A 245 11.43 -3.06 -28.22
N TRP A 246 11.30 -3.42 -29.49
CA TRP A 246 10.02 -3.48 -30.18
C TRP A 246 9.41 -4.88 -30.16
N SER A 247 10.18 -5.90 -30.51
CA SER A 247 9.71 -7.27 -30.44
C SER A 247 10.83 -8.18 -29.98
N LEU A 248 10.48 -9.22 -29.23
CA LEU A 248 11.42 -10.13 -28.62
C LEU A 248 11.26 -11.53 -29.22
N PRO A 249 12.35 -12.28 -29.36
CA PRO A 249 12.27 -13.60 -29.97
C PRO A 249 11.77 -14.63 -28.99
N PRO A 250 11.36 -15.81 -29.48
CA PRO A 250 10.98 -16.89 -28.55
C PRO A 250 12.10 -17.30 -27.60
N VAL A 251 13.36 -17.18 -28.02
CA VAL A 251 14.51 -17.46 -27.15
C VAL A 251 15.38 -16.21 -27.12
N LEU A 252 15.51 -15.62 -25.93
CA LEU A 252 16.24 -14.37 -25.75
C LEU A 252 17.61 -14.68 -25.16
N VAL A 253 18.67 -14.37 -25.92
CA VAL A 253 20.05 -14.59 -25.50
C VAL A 253 20.58 -13.28 -24.95
N VAL A 254 21.01 -13.30 -23.69
CA VAL A 254 21.39 -12.07 -22.96
C VAL A 254 22.87 -12.17 -22.59
N HIS A 255 23.67 -11.29 -23.19
CA HIS A 255 25.10 -11.21 -22.93
C HIS A 255 25.40 -10.08 -21.94
N LEU A 256 26.00 -10.41 -20.80
CA LEU A 256 26.43 -9.44 -19.81
C LEU A 256 27.84 -8.95 -20.11
N LYS A 257 28.00 -7.64 -20.34
CA LYS A 257 29.31 -7.09 -20.71
C LYS A 257 30.18 -7.05 -19.46
N ARG A 258 30.96 -8.11 -19.28
CA ARG A 258 31.85 -8.25 -18.15
C ARG A 258 33.29 -7.92 -18.48
N PHE A 259 33.62 -7.73 -19.76
CA PHE A 259 34.99 -7.48 -20.18
C PHE A 259 35.09 -6.06 -20.72
N SER A 260 35.56 -5.14 -19.87
CA SER A 260 35.88 -3.80 -20.34
C SER A 260 36.88 -3.85 -21.48
N TYR A 261 37.89 -4.71 -21.35
CA TYR A 261 38.87 -4.95 -22.41
C TYR A 261 38.46 -6.26 -23.08
N SER A 262 37.47 -6.16 -23.97
CA SER A 262 36.87 -7.36 -24.54
C SER A 262 37.82 -8.10 -25.46
N ARG A 263 38.84 -7.42 -26.00
CA ARG A 263 39.70 -8.04 -26.99
C ARG A 263 40.46 -9.24 -26.43
N TYR A 264 40.84 -9.20 -25.15
CA TYR A 264 41.68 -10.25 -24.58
C TYR A 264 41.14 -10.78 -23.26
N MET A 265 39.84 -10.64 -23.01
CA MET A 265 39.21 -11.10 -21.77
C MET A 265 39.87 -10.49 -20.53
N ARG A 266 40.42 -9.28 -20.66
N ARG A 266 40.43 -9.29 -20.68
CA ARG A 266 41.09 -8.64 -19.56
CA ARG A 266 41.09 -8.60 -19.58
C ARG A 266 40.17 -7.61 -18.89
C ARG A 266 40.13 -7.65 -18.87
N ASP A 267 40.43 -7.38 -17.61
CA ASP A 267 39.69 -6.40 -16.79
C ASP A 267 38.19 -6.74 -16.75
N LYS A 268 37.90 -7.78 -15.98
CA LYS A 268 36.56 -8.35 -15.92
C LYS A 268 35.78 -7.77 -14.75
N LEU A 269 34.51 -7.43 -14.98
CA LEU A 269 33.63 -6.93 -13.94
C LEU A 269 32.96 -8.12 -13.25
N ASP A 270 33.27 -8.31 -11.95
CA ASP A 270 32.72 -9.43 -11.20
C ASP A 270 31.40 -9.10 -10.50
N THR A 271 30.76 -7.98 -10.86
CA THR A 271 29.49 -7.58 -10.24
C THR A 271 28.51 -8.75 -10.24
N LEU A 272 27.82 -8.94 -9.11
CA LEU A 272 26.79 -9.98 -9.02
C LEU A 272 25.50 -9.46 -9.63
N VAL A 273 25.16 -9.95 -10.81
CA VAL A 273 23.91 -9.62 -11.47
C VAL A 273 22.86 -10.62 -11.04
N ASP A 274 21.84 -10.15 -10.34
CA ASP A 274 20.72 -11.00 -9.93
C ASP A 274 19.72 -11.11 -11.06
N PHE A 275 19.53 -12.31 -11.58
CA PHE A 275 18.58 -12.56 -12.66
C PHE A 275 17.59 -13.64 -12.24
N PRO A 276 16.35 -13.56 -12.71
CA PRO A 276 15.35 -14.55 -12.30
C PRO A 276 15.58 -15.89 -12.99
N ILE A 277 15.36 -16.97 -12.23
CA ILE A 277 15.32 -18.29 -12.85
C ILE A 277 14.02 -18.49 -13.60
N ASN A 278 12.92 -17.91 -13.09
CA ASN A 278 11.60 -18.10 -13.65
C ASN A 278 10.84 -16.77 -13.61
N ASP A 279 9.89 -16.63 -14.54
CA ASP A 279 8.92 -15.54 -14.51
C ASP A 279 9.61 -14.19 -14.69
N LEU A 280 10.47 -14.10 -15.70
CA LEU A 280 10.99 -12.83 -16.17
C LEU A 280 9.95 -12.18 -17.07
N ASP A 281 9.35 -11.08 -16.60
CA ASP A 281 8.32 -10.38 -17.36
C ASP A 281 8.98 -9.17 -18.00
N MET A 282 9.18 -9.24 -19.32
CA MET A 282 9.79 -8.15 -20.07
C MET A 282 8.78 -7.13 -20.60
N SER A 283 7.50 -7.25 -20.25
CA SER A 283 6.47 -6.43 -20.88
C SER A 283 6.74 -4.94 -20.66
N GLU A 284 7.26 -4.58 -19.48
CA GLU A 284 7.49 -3.16 -19.18
C GLU A 284 8.57 -2.54 -20.06
N PHE A 285 9.38 -3.34 -20.74
CA PHE A 285 10.42 -2.82 -21.63
C PHE A 285 9.99 -2.80 -23.08
N LEU A 286 8.87 -3.42 -23.43
CA LEU A 286 8.39 -3.47 -24.81
C LEU A 286 7.58 -2.21 -25.12
N ILE A 287 8.08 -1.41 -26.07
CA ILE A 287 7.34 -0.22 -26.50
C ILE A 287 6.33 -0.53 -27.59
N ASN A 288 6.24 -1.78 -28.06
CA ASN A 288 5.18 -2.19 -28.96
C ASN A 288 3.95 -2.53 -28.12
N PRO A 289 2.88 -1.76 -28.22
CA PRO A 289 1.69 -2.07 -27.40
C PRO A 289 0.99 -3.35 -27.83
N ASN A 290 1.01 -3.66 -29.13
CA ASN A 290 0.35 -4.86 -29.65
C ASN A 290 1.18 -6.11 -29.47
N ALA A 291 2.35 -6.02 -28.84
CA ALA A 291 3.14 -7.20 -28.54
C ALA A 291 2.38 -8.04 -27.51
N GLY A 292 2.45 -9.36 -27.67
CA GLY A 292 1.77 -10.23 -26.76
C GLY A 292 2.48 -10.30 -25.42
N PRO A 293 1.94 -11.14 -24.53
CA PRO A 293 2.64 -11.39 -23.27
C PRO A 293 4.03 -11.96 -23.53
N CYS A 294 5.03 -11.39 -22.87
CA CYS A 294 6.41 -11.78 -23.03
C CYS A 294 6.97 -12.09 -21.65
N ARG A 295 6.73 -13.31 -21.20
CA ARG A 295 7.32 -13.80 -19.96
C ARG A 295 8.32 -14.88 -20.32
N TYR A 296 9.44 -14.91 -19.60
CA TYR A 296 10.53 -15.79 -19.96
C TYR A 296 10.95 -16.61 -18.77
N ASN A 297 11.37 -17.85 -19.04
CA ASN A 297 12.03 -18.69 -18.06
C ASN A 297 13.45 -18.99 -18.53
N LEU A 298 14.38 -19.02 -17.57
CA LEU A 298 15.76 -19.33 -17.88
C LEU A 298 15.90 -20.80 -18.28
N ILE A 299 16.70 -21.04 -19.31
CA ILE A 299 16.99 -22.42 -19.74
C ILE A 299 18.48 -22.74 -19.73
N ALA A 300 19.37 -21.76 -19.75
CA ALA A 300 20.80 -22.03 -19.79
C ALA A 300 21.57 -20.80 -19.35
N VAL A 301 22.77 -21.03 -18.82
CA VAL A 301 23.68 -19.97 -18.38
C VAL A 301 25.10 -20.40 -18.73
N SER A 302 25.82 -19.53 -19.43
CA SER A 302 27.26 -19.73 -19.63
C SER A 302 28.01 -19.00 -18.52
N ASN A 303 28.88 -19.72 -17.82
CA ASN A 303 29.69 -19.14 -16.76
C ASN A 303 31.11 -18.94 -17.25
N HIS A 304 31.76 -17.88 -16.75
CA HIS A 304 33.19 -17.68 -16.98
C HIS A 304 33.89 -17.61 -15.63
N TYR A 305 34.88 -18.47 -15.45
CA TYR A 305 35.76 -18.44 -14.29
C TYR A 305 37.10 -17.86 -14.73
N GLY A 306 37.53 -16.80 -14.06
CA GLY A 306 38.78 -16.18 -14.43
C GLY A 306 39.97 -17.08 -14.14
N GLY A 307 41.08 -16.76 -14.79
CA GLY A 307 42.30 -17.51 -14.60
C GLY A 307 43.29 -17.18 -15.68
N MET A 308 44.50 -17.70 -15.51
CA MET A 308 45.54 -17.54 -16.51
C MET A 308 45.11 -18.18 -17.82
N GLY A 309 45.60 -17.64 -18.93
CA GLY A 309 44.99 -17.92 -20.21
C GLY A 309 43.72 -17.09 -20.37
N GLY A 310 42.79 -17.63 -21.16
CA GLY A 310 41.51 -16.98 -21.33
C GLY A 310 40.48 -17.30 -20.27
N GLY A 311 40.86 -18.05 -19.23
CA GLY A 311 39.91 -18.48 -18.24
C GLY A 311 39.21 -19.75 -18.67
N HIS A 312 38.19 -20.12 -17.90
CA HIS A 312 37.45 -21.36 -18.15
C HIS A 312 35.95 -21.08 -18.13
N TYR A 313 35.23 -21.74 -19.04
CA TYR A 313 33.79 -21.58 -19.16
C TYR A 313 33.09 -22.90 -18.86
N THR A 314 31.92 -22.79 -18.22
CA THR A 314 31.06 -23.93 -17.95
C THR A 314 29.63 -23.51 -18.29
N ALA A 315 28.67 -24.41 -18.03
CA ALA A 315 27.29 -24.09 -18.36
C ALA A 315 26.34 -24.73 -17.35
N PHE A 316 25.31 -23.98 -16.98
CA PHE A 316 24.09 -24.51 -16.41
C PHE A 316 23.08 -24.64 -17.54
N ALA A 317 22.29 -25.72 -17.52
CA ALA A 317 21.23 -25.88 -18.48
C ALA A 317 20.13 -26.72 -17.87
N LYS A 318 18.89 -26.41 -18.23
CA LYS A 318 17.76 -27.22 -17.82
C LYS A 318 17.43 -28.25 -18.90
N ASN A 319 17.35 -29.51 -18.50
CA ASN A 319 17.02 -30.57 -19.45
C ASN A 319 15.54 -30.51 -19.79
N LYS A 320 15.23 -30.51 -21.08
CA LYS A 320 13.85 -30.31 -21.53
C LYS A 320 12.95 -31.48 -21.12
N ASP A 321 13.51 -32.68 -20.94
CA ASP A 321 12.68 -33.85 -20.67
C ASP A 321 12.31 -34.00 -19.20
N ASP A 322 13.25 -33.78 -18.27
CA ASP A 322 12.95 -33.92 -16.85
C ASP A 322 12.82 -32.59 -16.12
N GLY A 323 13.13 -31.47 -16.78
CA GLY A 323 12.95 -30.19 -16.15
C GLY A 323 13.94 -29.88 -15.04
N LYS A 324 14.96 -30.70 -14.86
CA LYS A 324 15.94 -30.49 -13.82
C LYS A 324 17.14 -29.74 -14.38
N TRP A 325 17.86 -29.07 -13.48
CA TRP A 325 19.04 -28.31 -13.85
C TRP A 325 20.28 -29.18 -13.78
N TYR A 326 21.20 -28.97 -14.71
CA TYR A 326 22.44 -29.72 -14.73
C TYR A 326 23.61 -28.77 -14.95
N TYR A 327 24.78 -29.21 -14.51
CA TYR A 327 26.01 -28.44 -14.62
C TYR A 327 26.95 -29.16 -15.58
N PHE A 328 27.48 -28.42 -16.55
CA PHE A 328 28.32 -28.98 -17.60
C PHE A 328 29.68 -28.31 -17.52
N ASP A 329 30.70 -29.09 -17.15
CA ASP A 329 32.09 -28.61 -17.08
C ASP A 329 32.87 -29.52 -18.02
N ASP A 330 33.02 -29.07 -19.26
CA ASP A 330 33.60 -29.87 -20.34
C ASP A 330 32.93 -31.24 -20.41
N SER A 331 33.68 -32.30 -20.11
CA SER A 331 33.17 -33.65 -20.22
C SER A 331 32.33 -34.07 -19.02
N SER A 332 32.30 -33.26 -17.97
CA SER A 332 31.61 -33.61 -16.74
C SER A 332 30.19 -33.06 -16.74
N VAL A 333 29.22 -33.92 -16.41
CA VAL A 333 27.82 -33.54 -16.29
C VAL A 333 27.32 -33.98 -14.92
N SER A 334 26.78 -33.04 -14.15
CA SER A 334 26.30 -33.34 -12.81
C SER A 334 25.03 -32.56 -12.54
N THR A 335 24.23 -33.08 -11.60
CA THR A 335 23.01 -32.41 -11.19
C THR A 335 23.33 -31.09 -10.50
N ALA A 336 22.39 -30.15 -10.61
CA ALA A 336 22.56 -28.81 -10.08
C ALA A 336 21.23 -28.35 -9.49
N SER A 337 21.32 -27.42 -8.55
CA SER A 337 20.15 -26.80 -7.97
C SER A 337 20.04 -25.38 -8.51
N GLU A 338 18.82 -24.93 -8.77
CA GLU A 338 18.62 -23.57 -9.26
C GLU A 338 19.21 -22.54 -8.30
N ASP A 339 19.41 -22.87 -7.03
CA ASP A 339 19.92 -21.94 -6.03
C ASP A 339 21.40 -21.62 -6.20
N GLN A 340 22.15 -22.37 -7.00
CA GLN A 340 23.56 -22.05 -7.24
C GLN A 340 23.78 -21.37 -8.59
N ILE A 341 22.73 -21.15 -9.37
CA ILE A 341 22.89 -20.61 -10.72
C ILE A 341 23.34 -19.15 -10.67
N VAL A 342 22.66 -18.34 -9.86
CA VAL A 342 22.98 -16.92 -9.82
C VAL A 342 24.30 -16.75 -9.07
N SER A 343 25.33 -16.37 -9.81
CA SER A 343 26.64 -16.12 -9.24
C SER A 343 27.34 -15.09 -10.10
N LYS A 344 28.45 -14.57 -9.60
CA LYS A 344 29.20 -13.58 -10.37
C LYS A 344 29.86 -14.20 -11.60
N ALA A 345 29.87 -15.53 -11.71
CA ALA A 345 30.41 -16.19 -12.90
C ALA A 345 29.47 -16.14 -14.09
N ALA A 346 28.18 -15.84 -13.88
CA ALA A 346 27.21 -15.82 -14.96
C ALA A 346 27.60 -14.82 -16.03
N TYR A 347 27.56 -15.23 -17.29
CA TYR A 347 28.08 -14.44 -18.38
C TYR A 347 27.07 -14.25 -19.51
N VAL A 348 26.48 -15.35 -19.98
CA VAL A 348 25.45 -15.31 -21.03
C VAL A 348 24.21 -16.05 -20.52
N LEU A 349 23.05 -15.42 -20.65
CA LEU A 349 21.79 -16.00 -20.20
C LEU A 349 20.91 -16.35 -21.39
N PHE A 350 20.33 -17.55 -21.36
CA PHE A 350 19.36 -18.00 -22.36
C PHE A 350 17.99 -18.05 -21.69
N TYR A 351 17.06 -17.25 -22.21
CA TYR A 351 15.69 -17.21 -21.70
C TYR A 351 14.73 -17.67 -22.79
N GLN A 352 13.77 -18.51 -22.43
CA GLN A 352 12.75 -18.98 -23.36
C GLN A 352 11.38 -18.42 -22.99
N ARG A 353 10.70 -17.87 -23.98
CA ARG A 353 9.35 -17.36 -23.79
C ARG A 353 8.42 -18.47 -23.31
N GLN A 354 7.63 -18.16 -22.29
CA GLN A 354 6.70 -19.15 -21.74
C GLN A 354 5.72 -19.62 -22.81
N ASP A 355 5.75 -20.94 -23.07
CA ASP A 355 4.87 -21.69 -23.97
C ASP A 355 5.36 -21.71 -25.42
N SER A 356 6.64 -21.39 -25.65
CA SER A 356 7.16 -21.47 -27.01
C SER A 356 7.37 -22.90 -27.48
N SER A 357 7.38 -23.87 -26.57
CA SER A 357 7.62 -25.26 -26.93
C SER A 357 6.43 -26.13 -26.59
N SER B 8 -0.50 -58.12 -22.74
CA SER B 8 -1.30 -56.91 -22.86
C SER B 8 -2.20 -56.74 -21.64
N GLU B 9 -2.85 -55.56 -21.55
CA GLU B 9 -3.78 -55.20 -20.49
C GLU B 9 -4.36 -53.82 -20.79
N PRO B 10 -5.65 -53.59 -20.53
CA PRO B 10 -6.26 -52.32 -20.94
C PRO B 10 -5.83 -51.15 -20.07
N GLY B 11 -5.09 -50.21 -20.65
CA GLY B 11 -4.50 -49.11 -19.91
C GLY B 11 -2.99 -49.16 -19.86
N ARG B 12 -2.40 -50.33 -20.06
CA ARG B 12 -0.96 -50.51 -19.93
C ARG B 12 -0.28 -50.12 -21.25
N ASN B 13 0.41 -48.99 -21.23
CA ASN B 13 1.26 -48.55 -22.32
C ASN B 13 2.49 -47.90 -21.69
N ASN B 14 3.51 -47.65 -22.50
CA ASN B 14 4.73 -47.02 -22.02
C ASN B 14 4.63 -45.52 -22.31
N GLU B 15 4.34 -44.75 -21.27
CA GLU B 15 4.00 -43.35 -21.42
C GLU B 15 4.91 -42.49 -20.55
N GLN B 16 4.85 -41.19 -20.79
CA GLN B 16 5.60 -40.25 -19.98
C GLN B 16 5.00 -40.23 -18.58
N PRO B 17 5.81 -40.35 -17.53
CA PRO B 17 5.27 -40.37 -16.17
C PRO B 17 4.37 -39.18 -15.88
N GLY B 18 3.26 -39.45 -15.19
CA GLY B 18 2.29 -38.44 -14.84
C GLY B 18 1.23 -38.18 -15.87
N LEU B 19 1.44 -38.61 -17.12
CA LEU B 19 0.45 -38.44 -18.17
C LEU B 19 -0.45 -39.67 -18.23
N CYS B 20 -1.20 -39.87 -17.15
CA CYS B 20 -1.94 -41.09 -16.89
C CYS B 20 -3.37 -40.74 -16.52
N GLY B 21 -4.33 -41.30 -17.26
CA GLY B 21 -5.74 -41.10 -17.00
C GLY B 21 -6.27 -42.01 -15.89
N LEU B 22 -7.54 -41.79 -15.56
CA LEU B 22 -8.24 -42.57 -14.54
C LEU B 22 -9.60 -43.00 -15.08
N SER B 23 -9.81 -44.30 -15.23
CA SER B 23 -11.09 -44.81 -15.72
C SER B 23 -12.24 -44.40 -14.81
N ASN B 24 -13.43 -44.29 -15.39
CA ASN B 24 -14.63 -44.02 -14.62
C ASN B 24 -15.13 -45.34 -14.03
N LEU B 25 -15.43 -45.33 -12.73
CA LEU B 25 -15.86 -46.52 -11.98
C LEU B 25 -17.14 -46.19 -11.25
N GLY B 26 -18.22 -46.25 -11.98
CA GLY B 26 -19.42 -45.68 -11.42
C GLY B 26 -19.26 -44.18 -11.60
N ASN B 27 -19.87 -43.42 -10.69
CA ASN B 27 -19.89 -41.98 -10.85
C ASN B 27 -19.30 -41.41 -9.58
N THR B 28 -18.14 -40.79 -9.70
CA THR B 28 -17.34 -40.55 -8.50
C THR B 28 -17.46 -39.12 -8.05
N CYS B 29 -18.49 -38.43 -8.57
CA CYS B 29 -18.57 -36.97 -8.57
C CYS B 29 -17.29 -36.44 -9.21
N PHE B 30 -16.49 -35.71 -8.44
CA PHE B 30 -15.31 -35.02 -8.93
C PHE B 30 -14.00 -35.68 -8.44
N MET B 31 -14.05 -36.99 -8.23
CA MET B 31 -12.89 -37.72 -7.74
C MET B 31 -11.74 -37.73 -8.74
N ASN B 32 -12.00 -38.16 -9.97
CA ASN B 32 -10.92 -38.25 -10.97
C ASN B 32 -10.30 -36.89 -11.21
N SER B 33 -11.14 -35.85 -11.37
CA SER B 33 -10.61 -34.50 -11.55
C SER B 33 -9.81 -34.06 -10.33
N ALA B 34 -10.29 -34.38 -9.13
CA ALA B 34 -9.57 -34.03 -7.91
C ALA B 34 -8.21 -34.72 -7.85
N ILE B 35 -8.16 -36.01 -8.21
CA ILE B 35 -6.92 -36.76 -8.16
C ILE B 35 -5.89 -36.14 -9.09
N GLN B 36 -6.31 -35.77 -10.31
CA GLN B 36 -5.39 -35.19 -11.28
C GLN B 36 -4.82 -33.87 -10.78
N CYS B 37 -5.64 -33.07 -10.09
CA CYS B 37 -5.14 -31.82 -9.52
C CYS B 37 -4.11 -32.08 -8.44
N LEU B 38 -4.40 -33.01 -7.53
CA LEU B 38 -3.45 -33.34 -6.46
C LEU B 38 -2.23 -34.06 -7.01
N SER B 39 -2.44 -35.00 -7.95
CA SER B 39 -1.33 -35.70 -8.58
C SER B 39 -0.33 -34.75 -9.21
N ASN B 40 -0.79 -33.61 -9.70
CA ASN B 40 0.07 -32.62 -10.36
C ASN B 40 0.38 -31.44 -9.44
N THR B 41 0.33 -31.66 -8.13
CA THR B 41 0.91 -30.77 -7.13
C THR B 41 2.29 -31.32 -6.79
N PRO B 42 3.37 -30.74 -7.33
CA PRO B 42 4.69 -31.39 -7.28
C PRO B 42 5.15 -31.73 -5.88
N PRO B 43 5.07 -30.82 -4.90
CA PRO B 43 5.55 -31.20 -3.56
C PRO B 43 4.80 -32.36 -2.95
N LEU B 44 3.51 -32.51 -3.25
CA LEU B 44 2.75 -33.64 -2.73
C LEU B 44 3.19 -34.94 -3.40
N THR B 45 3.30 -34.94 -4.74
CA THR B 45 3.63 -36.16 -5.46
C THR B 45 5.08 -36.58 -5.19
N GLU B 46 6.00 -35.62 -5.15
CA GLU B 46 7.39 -35.94 -4.84
C GLU B 46 7.52 -36.55 -3.46
N TYR B 47 6.70 -36.07 -2.51
CA TYR B 47 6.71 -36.61 -1.15
C TYR B 47 6.34 -38.10 -1.16
N PHE B 48 5.34 -38.47 -1.95
CA PHE B 48 4.92 -39.87 -2.00
C PHE B 48 5.87 -40.71 -2.85
N LEU B 49 6.32 -40.18 -3.99
CA LEU B 49 7.22 -40.93 -4.86
C LEU B 49 8.55 -41.22 -4.18
N ASN B 50 8.95 -40.42 -3.21
CA ASN B 50 10.21 -40.59 -2.50
C ASN B 50 10.06 -41.43 -1.24
N ASP B 51 8.90 -42.07 -1.05
CA ASP B 51 8.66 -42.97 0.07
C ASP B 51 8.91 -42.26 1.40
N LYS B 52 8.36 -41.05 1.51
CA LYS B 52 8.44 -40.25 2.73
C LYS B 52 7.20 -40.37 3.59
N TYR B 53 6.18 -41.11 3.13
CA TYR B 53 4.92 -41.21 3.86
C TYR B 53 4.90 -42.37 4.83
N GLN B 54 5.69 -43.42 4.57
CA GLN B 54 5.74 -44.56 5.47
C GLN B 54 6.16 -44.13 6.87
N GLU B 55 7.13 -43.22 6.96
CA GLU B 55 7.60 -42.73 8.25
C GLU B 55 6.47 -42.02 9.01
N GLU B 56 5.53 -41.42 8.30
CA GLU B 56 4.53 -40.54 8.89
C GLU B 56 3.11 -41.12 8.91
N LEU B 57 2.90 -42.36 8.46
CA LEU B 57 1.57 -42.94 8.47
C LEU B 57 1.04 -43.08 9.90
N ASN B 58 -0.16 -42.54 10.12
CA ASN B 58 -0.84 -42.57 11.41
C ASN B 58 -2.05 -43.49 11.29
N PHE B 59 -2.01 -44.62 12.00
CA PHE B 59 -3.08 -45.61 11.90
C PHE B 59 -4.12 -45.50 13.01
N ASP B 60 -3.88 -44.68 14.04
CA ASP B 60 -4.78 -44.63 15.18
C ASP B 60 -5.36 -43.23 15.45
N ASN B 61 -5.11 -42.28 14.57
CA ASN B 61 -5.69 -40.94 14.68
C ASN B 61 -7.20 -41.04 14.78
N PRO B 62 -7.83 -40.49 15.83
CA PRO B 62 -9.29 -40.59 15.94
C PRO B 62 -10.05 -39.92 14.80
N LEU B 63 -9.45 -38.94 14.12
CA LEU B 63 -10.06 -38.28 12.99
C LEU B 63 -9.55 -38.78 11.65
N GLY B 64 -8.75 -39.84 11.65
CA GLY B 64 -8.17 -40.37 10.44
C GLY B 64 -8.96 -41.53 9.86
N MET B 65 -8.31 -42.24 8.95
CA MET B 65 -8.89 -43.40 8.25
C MET B 65 -7.95 -44.58 8.39
N ARG B 66 -7.28 -44.67 9.54
CA ARG B 66 -6.35 -45.75 9.86
C ARG B 66 -5.27 -45.90 8.78
N GLY B 67 -4.85 -44.76 8.22
CA GLY B 67 -3.83 -44.71 7.20
C GLY B 67 -4.25 -45.16 5.82
N GLU B 68 -5.50 -45.56 5.64
CA GLU B 68 -5.89 -46.17 4.37
C GLU B 68 -6.01 -45.16 3.25
N ILE B 69 -6.40 -43.92 3.56
CA ILE B 69 -6.51 -42.90 2.51
C ILE B 69 -5.13 -42.52 1.98
N ALA B 70 -4.16 -42.34 2.89
CA ALA B 70 -2.81 -41.99 2.45
C ALA B 70 -2.14 -43.16 1.75
N LYS B 71 -2.28 -44.37 2.30
CA LYS B 71 -1.71 -45.55 1.65
C LYS B 71 -2.29 -45.74 0.26
N SER B 72 -3.63 -45.73 0.16
CA SER B 72 -4.28 -45.90 -1.13
C SER B 72 -3.89 -44.81 -2.12
N TYR B 73 -3.88 -43.54 -1.67
CA TYR B 73 -3.51 -42.45 -2.56
C TYR B 73 -2.06 -42.57 -3.03
N ALA B 74 -1.14 -42.83 -2.10
CA ALA B 74 0.27 -42.98 -2.45
C ALA B 74 0.48 -44.07 -3.49
N GLU B 75 -0.19 -45.21 -3.31
CA GLU B 75 -0.01 -46.32 -4.26
C GLU B 75 -0.61 -46.01 -5.62
N LEU B 76 -1.69 -45.23 -5.66
CA LEU B 76 -2.23 -44.80 -6.94
C LEU B 76 -1.26 -43.86 -7.64
N ILE B 77 -0.67 -42.92 -6.90
CA ILE B 77 0.27 -41.97 -7.48
C ILE B 77 1.49 -42.69 -8.04
N LYS B 78 1.94 -43.76 -7.37
CA LYS B 78 3.09 -44.50 -7.87
C LYS B 78 2.79 -45.14 -9.23
N GLN B 79 1.57 -45.64 -9.41
CA GLN B 79 1.18 -46.14 -10.73
C GLN B 79 1.14 -45.03 -11.76
N MET B 80 0.55 -43.89 -11.40
CA MET B 80 0.36 -42.82 -12.38
C MET B 80 1.67 -42.22 -12.84
N TRP B 81 2.70 -42.25 -12.00
CA TRP B 81 4.00 -41.68 -12.33
C TRP B 81 5.05 -42.75 -12.59
N SER B 82 4.63 -44.00 -12.77
CA SER B 82 5.55 -45.09 -13.10
C SER B 82 5.95 -45.08 -14.57
N GLY B 83 5.18 -44.44 -15.43
CA GLY B 83 5.43 -44.49 -16.86
C GLY B 83 5.00 -45.77 -17.54
N LYS B 84 4.29 -46.65 -16.83
CA LYS B 84 3.84 -47.92 -17.35
C LYS B 84 2.38 -47.92 -17.77
N PHE B 85 1.67 -46.81 -17.65
CA PHE B 85 0.24 -46.77 -17.92
C PHE B 85 -0.14 -45.51 -18.69
N SER B 86 -1.01 -45.68 -19.68
CA SER B 86 -1.67 -44.53 -20.29
C SER B 86 -2.90 -44.11 -19.48
N TYR B 87 -3.51 -45.04 -18.78
CA TYR B 87 -4.53 -44.74 -17.77
C TYR B 87 -4.57 -45.89 -16.78
N VAL B 88 -5.16 -45.63 -15.61
CA VAL B 88 -5.27 -46.61 -14.55
C VAL B 88 -6.69 -46.58 -14.01
N THR B 89 -7.13 -47.72 -13.45
CA THR B 89 -8.43 -47.81 -12.82
C THR B 89 -8.24 -47.71 -11.31
N PRO B 90 -8.61 -46.60 -10.67
CA PRO B 90 -8.30 -46.37 -9.24
C PRO B 90 -9.28 -47.06 -8.30
N ARG B 91 -9.42 -48.37 -8.45
CA ARG B 91 -10.40 -49.13 -7.67
C ARG B 91 -10.09 -49.10 -6.18
N ALA B 92 -8.82 -49.31 -5.81
CA ALA B 92 -8.48 -49.34 -4.40
C ALA B 92 -8.71 -47.99 -3.72
N PHE B 93 -8.32 -46.89 -4.37
CA PHE B 93 -8.54 -45.57 -3.77
C PHE B 93 -10.02 -45.24 -3.69
N LYS B 94 -10.77 -45.60 -4.72
CA LYS B 94 -12.22 -45.37 -4.71
C LYS B 94 -12.88 -46.16 -3.58
N THR B 95 -12.41 -47.39 -3.34
CA THR B 95 -12.98 -48.21 -2.27
C THR B 95 -12.78 -47.56 -0.91
N GLN B 96 -11.62 -46.97 -0.66
CA GLN B 96 -11.38 -46.30 0.61
C GLN B 96 -12.21 -45.02 0.72
N VAL B 97 -12.42 -44.31 -0.39
CA VAL B 97 -13.27 -43.12 -0.35
C VAL B 97 -14.73 -43.52 -0.08
N GLY B 98 -15.21 -44.56 -0.75
CA GLY B 98 -16.57 -45.02 -0.52
C GLY B 98 -16.78 -45.57 0.88
N ARG B 99 -15.75 -46.17 1.47
CA ARG B 99 -15.88 -46.76 2.80
C ARG B 99 -15.89 -45.70 3.88
N PHE B 100 -15.03 -44.69 3.79
CA PHE B 100 -14.95 -43.64 4.78
C PHE B 100 -15.78 -42.41 4.44
N ALA B 101 -16.23 -42.28 3.19
CA ALA B 101 -17.06 -41.14 2.78
C ALA B 101 -18.17 -41.63 1.87
N PRO B 102 -19.18 -42.32 2.43
CA PRO B 102 -20.31 -42.77 1.61
C PRO B 102 -21.13 -41.62 1.02
N GLN B 103 -21.05 -40.42 1.60
CA GLN B 103 -21.80 -39.27 1.13
C GLN B 103 -21.58 -38.95 -0.34
N PHE B 104 -20.47 -39.41 -0.92
CA PHE B 104 -20.16 -39.10 -2.31
C PHE B 104 -20.60 -40.20 -3.27
N SER B 105 -20.74 -41.43 -2.81
CA SER B 105 -21.31 -42.48 -3.63
C SER B 105 -22.68 -42.05 -4.16
N GLY B 106 -23.01 -42.54 -5.35
CA GLY B 106 -24.30 -42.22 -5.95
C GLY B 106 -24.33 -42.36 -7.45
N CYS B 112 -19.99 -29.88 -5.19
CA CYS B 112 -19.47 -31.23 -4.97
C CYS B 112 -17.98 -31.17 -4.64
N GLN B 113 -17.45 -29.95 -4.53
CA GLN B 113 -16.03 -29.73 -4.29
C GLN B 113 -15.60 -30.17 -2.90
N GLU B 114 -16.53 -30.46 -2.00
CA GLU B 114 -16.16 -30.89 -0.65
C GLU B 114 -15.53 -32.27 -0.62
N LEU B 115 -15.41 -32.95 -1.76
CA LEU B 115 -14.60 -34.16 -1.81
C LEU B 115 -13.12 -33.80 -1.66
N LEU B 116 -12.70 -32.74 -2.34
CA LEU B 116 -11.35 -32.22 -2.17
C LEU B 116 -11.08 -31.88 -0.72
N ALA B 117 -12.04 -31.23 -0.05
CA ALA B 117 -11.91 -30.92 1.37
C ALA B 117 -11.78 -32.19 2.20
N PHE B 118 -12.54 -33.24 1.86
CA PHE B 118 -12.42 -34.50 2.58
C PHE B 118 -11.05 -35.12 2.36
N LEU B 119 -10.52 -35.05 1.14
CA LEU B 119 -9.25 -35.67 0.82
C LEU B 119 -8.09 -34.96 1.52
N LEU B 120 -8.09 -33.62 1.49
CA LEU B 120 -7.04 -32.86 2.17
C LEU B 120 -7.05 -33.17 3.67
N ASP B 121 -8.23 -33.24 4.27
CA ASP B 121 -8.31 -33.50 5.71
C ASP B 121 -7.98 -34.96 6.02
N GLY B 122 -8.36 -35.88 5.14
CA GLY B 122 -8.04 -37.27 5.36
C GLY B 122 -6.56 -37.55 5.18
N LEU B 123 -5.96 -37.00 4.11
CA LEU B 123 -4.52 -37.08 3.95
C LEU B 123 -3.79 -36.48 5.14
N HIS B 124 -4.28 -35.34 5.64
CA HIS B 124 -3.63 -34.69 6.78
C HIS B 124 -3.64 -35.58 8.00
N GLU B 125 -4.80 -36.15 8.34
CA GLU B 125 -4.90 -36.93 9.57
C GLU B 125 -4.21 -38.27 9.43
N ASP B 126 -4.28 -38.88 8.24
CA ASP B 126 -3.57 -40.14 8.01
C ASP B 126 -2.06 -39.96 8.02
N LEU B 127 -1.57 -38.70 7.98
CA LEU B 127 -0.15 -38.42 8.04
C LEU B 127 0.17 -37.42 9.14
N ASN B 128 -0.72 -37.26 10.11
CA ASN B 128 -0.54 -36.26 11.16
C ASN B 128 0.56 -36.69 12.10
N ARG B 129 1.61 -35.88 12.19
CA ARG B 129 2.71 -36.20 13.09
C ARG B 129 2.31 -36.06 14.54
N ILE B 130 1.25 -35.33 14.84
CA ILE B 130 0.78 -35.28 16.23
C ILE B 130 0.04 -36.59 16.46
N ARG B 131 0.68 -37.44 17.22
CA ARG B 131 0.32 -38.83 17.46
C ARG B 131 -0.43 -39.07 18.78
N LYS B 132 -0.52 -38.06 19.64
CA LYS B 132 -1.53 -38.00 20.70
C LYS B 132 -1.83 -36.52 20.87
N LYS B 133 -3.08 -36.08 20.57
CA LYS B 133 -3.27 -34.64 20.40
C LYS B 133 -3.64 -33.96 21.72
N PRO B 134 -2.96 -32.87 22.09
CA PRO B 134 -3.39 -32.12 23.28
C PRO B 134 -4.66 -31.34 23.01
N TYR B 135 -5.47 -31.17 24.04
CA TYR B 135 -6.59 -30.26 23.97
C TYR B 135 -6.08 -28.84 24.15
N ILE B 136 -6.42 -27.97 23.21
CA ILE B 136 -5.90 -26.61 23.20
C ILE B 136 -7.06 -25.64 23.32
N GLN B 137 -6.97 -24.74 24.30
CA GLN B 137 -7.96 -23.67 24.45
C GLN B 137 -7.53 -22.50 23.58
N LEU B 138 -8.22 -22.32 22.46
CA LEU B 138 -7.93 -21.20 21.58
C LEU B 138 -8.39 -19.90 22.24
N LYS B 139 -7.77 -18.79 21.84
CA LYS B 139 -7.87 -17.53 22.55
C LYS B 139 -8.06 -16.36 21.59
N ASP B 140 -9.02 -15.50 21.93
CA ASP B 140 -9.26 -14.28 21.17
C ASP B 140 -8.16 -13.25 21.45
N ALA B 141 -8.21 -12.14 20.70
CA ALA B 141 -7.12 -11.17 20.71
C ALA B 141 -6.93 -10.43 22.04
N ASP B 142 -7.94 -9.70 22.53
CA ASP B 142 -7.71 -8.72 23.61
C ASP B 142 -6.60 -7.72 23.33
N GLY B 143 -6.73 -6.99 22.22
CA GLY B 143 -5.82 -5.88 22.08
C GLY B 143 -4.40 -6.26 21.76
N ARG B 144 -4.06 -7.55 21.85
CA ARG B 144 -2.70 -7.92 21.52
C ARG B 144 -2.52 -7.72 20.03
N PRO B 145 -1.32 -7.32 19.59
CA PRO B 145 -1.12 -7.04 18.17
C PRO B 145 -1.28 -8.28 17.32
N ASP B 146 -1.60 -8.05 16.04
CA ASP B 146 -1.93 -9.14 15.14
C ASP B 146 -0.81 -10.16 15.08
N LYS B 147 0.45 -9.70 15.08
CA LYS B 147 1.58 -10.62 14.96
C LYS B 147 1.69 -11.56 16.15
N VAL B 148 1.32 -11.09 17.34
CA VAL B 148 1.39 -11.95 18.53
C VAL B 148 0.29 -13.00 18.49
N VAL B 149 -0.92 -12.60 18.13
CA VAL B 149 -2.04 -13.55 18.10
C VAL B 149 -1.88 -14.53 16.95
N ALA B 150 -1.40 -14.06 15.80
CA ALA B 150 -1.25 -14.95 14.64
C ALA B 150 -0.20 -16.01 14.90
N GLU B 151 0.96 -15.61 15.41
CA GLU B 151 1.99 -16.57 15.79
C GLU B 151 1.46 -17.58 16.80
N GLU B 152 0.72 -17.09 17.80
CA GLU B 152 0.14 -17.98 18.81
C GLU B 152 -0.84 -18.95 18.18
N ALA B 153 -1.65 -18.49 17.23
CA ALA B 153 -2.61 -19.37 16.56
C ALA B 153 -1.90 -20.47 15.77
N TRP B 154 -0.80 -20.13 15.09
CA TRP B 154 -0.13 -21.12 14.26
C TRP B 154 0.50 -22.24 15.08
N GLU B 155 1.10 -21.90 16.23
CA GLU B 155 1.68 -22.94 17.08
C GLU B 155 0.60 -23.81 17.72
N ASN B 156 -0.52 -23.19 18.12
CA ASN B 156 -1.64 -23.98 18.62
C ASN B 156 -2.16 -24.94 17.55
N HIS B 157 -2.23 -24.47 16.31
CA HIS B 157 -2.59 -25.33 15.19
C HIS B 157 -1.58 -26.47 15.05
N LEU B 158 -0.28 -26.16 15.09
CA LEU B 158 0.76 -27.16 14.90
C LEU B 158 0.85 -28.14 16.06
N LYS B 159 0.30 -27.80 17.23
CA LYS B 159 0.35 -28.73 18.35
C LYS B 159 -0.59 -29.91 18.15
N ARG B 160 -1.64 -29.71 17.34
CA ARG B 160 -2.55 -30.79 16.97
C ARG B 160 -2.43 -31.19 15.51
N ASN B 161 -1.83 -30.35 14.66
CA ASN B 161 -1.88 -30.54 13.22
C ASN B 161 -0.48 -30.27 12.66
N ASP B 162 0.22 -31.34 12.28
CA ASP B 162 1.58 -31.23 11.75
C ASP B 162 1.73 -32.34 10.72
N SER B 163 1.77 -31.97 9.44
CA SER B 163 1.80 -32.97 8.39
C SER B 163 2.28 -32.31 7.10
N ILE B 164 2.56 -33.16 6.11
CA ILE B 164 2.91 -32.69 4.78
C ILE B 164 1.77 -31.85 4.19
N ILE B 165 0.53 -32.14 4.59
CA ILE B 165 -0.61 -31.37 4.09
C ILE B 165 -0.60 -29.96 4.66
N VAL B 166 -0.32 -29.82 5.96
CA VAL B 166 -0.19 -28.49 6.55
C VAL B 166 0.95 -27.72 5.91
N ASP B 167 2.09 -28.39 5.70
CA ASP B 167 3.24 -27.70 5.11
C ASP B 167 2.92 -27.16 3.72
N ILE B 168 2.10 -27.87 2.96
CA ILE B 168 1.87 -27.53 1.56
C ILE B 168 0.66 -26.64 1.38
N PHE B 169 -0.45 -26.90 2.10
CA PHE B 169 -1.75 -26.33 1.75
C PHE B 169 -2.31 -25.36 2.78
N HIS B 170 -1.78 -25.34 3.99
CA HIS B 170 -2.44 -24.61 5.06
C HIS B 170 -1.94 -23.17 5.15
N GLY B 171 -2.89 -22.24 5.29
CA GLY B 171 -2.57 -20.87 5.58
C GLY B 171 -3.39 -20.38 6.75
N LEU B 172 -3.38 -19.07 7.00
CA LEU B 172 -4.06 -18.50 8.14
C LEU B 172 -4.67 -17.17 7.73
N PHE B 173 -5.95 -16.96 8.02
CA PHE B 173 -6.52 -15.63 7.90
C PHE B 173 -6.92 -15.07 9.26
N LYS B 174 -7.20 -13.77 9.27
CA LYS B 174 -7.70 -13.07 10.44
C LYS B 174 -9.21 -12.95 10.34
N SER B 175 -9.90 -13.33 11.42
CA SER B 175 -11.37 -13.34 11.46
C SER B 175 -11.84 -12.31 12.46
N THR B 176 -12.58 -11.31 12.00
CA THR B 176 -13.15 -10.27 12.83
C THR B 176 -14.66 -10.43 12.90
N LEU B 177 -15.19 -10.68 14.09
CA LEU B 177 -16.62 -10.78 14.32
C LEU B 177 -17.09 -9.60 15.16
N VAL B 178 -18.28 -9.09 14.83
CA VAL B 178 -18.86 -7.92 15.50
C VAL B 178 -20.26 -8.29 15.94
N CYS B 179 -20.57 -8.04 17.21
CA CYS B 179 -21.90 -8.36 17.71
C CYS B 179 -22.90 -7.31 17.25
N PRO B 180 -24.07 -7.72 16.73
CA PRO B 180 -25.10 -6.74 16.34
C PRO B 180 -25.69 -5.99 17.53
N GLU B 181 -25.90 -6.66 18.65
CA GLU B 181 -26.40 -6.00 19.85
C GLU B 181 -25.29 -5.28 20.57
N CYS B 182 -24.31 -6.03 21.04
CA CYS B 182 -23.24 -5.59 21.91
C CYS B 182 -22.19 -4.73 21.20
N ALA B 183 -22.02 -4.88 19.88
CA ALA B 183 -21.00 -4.20 19.06
C ALA B 183 -19.57 -4.51 19.47
N LYS B 184 -19.32 -5.59 20.22
CA LYS B 184 -17.97 -5.96 20.61
C LYS B 184 -17.26 -6.69 19.47
N ILE B 185 -15.97 -6.40 19.32
CA ILE B 185 -15.14 -6.95 18.26
C ILE B 185 -14.29 -8.10 18.81
N SER B 186 -14.36 -9.25 18.14
CA SER B 186 -13.59 -10.44 18.51
C SER B 186 -12.70 -10.84 17.34
N VAL B 187 -11.39 -10.94 17.59
CA VAL B 187 -10.42 -11.26 16.56
C VAL B 187 -9.77 -12.59 16.89
N THR B 188 -9.85 -13.54 15.95
CA THR B 188 -9.11 -14.78 16.02
C THR B 188 -8.35 -14.96 14.72
N PHE B 189 -7.33 -15.81 14.76
CA PHE B 189 -6.59 -16.21 13.56
C PHE B 189 -6.83 -17.70 13.35
N ASP B 190 -7.43 -18.03 12.20
CA ASP B 190 -7.92 -19.37 11.91
C ASP B 190 -7.17 -19.98 10.74
N PRO B 191 -6.83 -21.27 10.81
CA PRO B 191 -6.19 -21.93 9.67
C PRO B 191 -7.20 -22.31 8.60
N PHE B 192 -6.69 -22.44 7.37
CA PHE B 192 -7.46 -22.93 6.24
C PHE B 192 -6.56 -23.78 5.37
N CYS B 193 -7.17 -24.69 4.62
CA CYS B 193 -6.44 -25.45 3.62
C CYS B 193 -6.89 -25.15 2.20
N TYR B 194 -7.92 -24.32 2.02
CA TYR B 194 -8.33 -23.83 0.71
C TYR B 194 -9.25 -22.63 0.92
N LEU B 195 -9.40 -21.84 -0.14
CA LEU B 195 -10.28 -20.67 -0.14
C LEU B 195 -11.46 -20.92 -1.06
N THR B 196 -12.65 -20.56 -0.56
CA THR B 196 -13.87 -20.57 -1.37
C THR B 196 -14.25 -19.13 -1.70
N LEU B 197 -14.12 -18.77 -2.97
CA LEU B 197 -14.36 -17.39 -3.37
C LEU B 197 -15.77 -17.23 -3.90
N PRO B 198 -16.51 -16.23 -3.44
CA PRO B 198 -17.84 -15.97 -4.00
C PRO B 198 -17.74 -15.22 -5.32
N LEU B 199 -18.75 -15.41 -6.15
CA LEU B 199 -18.85 -14.62 -7.36
C LEU B 199 -19.80 -13.47 -7.16
N PRO B 200 -19.66 -12.39 -7.94
CA PRO B 200 -20.57 -11.24 -7.77
C PRO B 200 -22.02 -11.64 -7.99
N MET B 201 -22.89 -11.11 -7.14
CA MET B 201 -24.31 -11.36 -7.34
C MET B 201 -25.05 -10.06 -7.56
N PRO B 202 -25.95 -10.00 -8.55
CA PRO B 202 -26.33 -11.01 -9.54
C PRO B 202 -25.27 -11.11 -10.64
N LYS B 203 -25.41 -12.13 -11.48
CA LYS B 203 -24.38 -12.44 -12.48
C LYS B 203 -23.95 -11.25 -13.33
N LYS B 204 -22.70 -11.07 -13.37
CA LYS B 204 -21.97 -10.33 -14.38
C LYS B 204 -21.40 -11.33 -15.37
N PRO B 205 -21.28 -10.99 -16.66
CA PRO B 205 -20.77 -11.98 -17.62
C PRO B 205 -19.28 -12.21 -17.49
N PHE B 206 -18.56 -11.29 -16.87
CA PHE B 206 -17.11 -11.37 -16.78
C PHE B 206 -16.70 -10.74 -15.46
N VAL B 207 -15.81 -11.41 -14.75
CA VAL B 207 -15.21 -10.90 -13.53
C VAL B 207 -13.77 -11.37 -13.54
N LYS B 208 -12.92 -10.50 -12.96
CA LYS B 208 -11.48 -10.55 -12.75
C LYS B 208 -11.29 -11.37 -11.47
N LEU B 209 -10.33 -12.32 -11.44
CA LEU B 209 -10.19 -13.16 -10.22
C LEU B 209 -10.02 -12.29 -8.97
N LYS B 210 -9.36 -11.15 -9.11
CA LYS B 210 -9.12 -10.31 -7.94
C LYS B 210 -10.41 -9.76 -7.35
N ASP B 211 -11.41 -9.48 -8.19
CA ASP B 211 -12.70 -9.03 -7.67
C ASP B 211 -13.33 -10.07 -6.77
N CYS B 212 -13.16 -11.36 -7.12
CA CYS B 212 -13.70 -12.43 -6.27
C CYS B 212 -12.95 -12.51 -4.96
N ILE B 213 -11.63 -12.27 -4.99
CA ILE B 213 -10.86 -12.24 -3.75
C ILE B 213 -11.30 -11.08 -2.86
N GLU B 214 -11.63 -9.95 -3.47
CA GLU B 214 -12.05 -8.79 -2.69
C GLU B 214 -13.46 -8.98 -2.15
N LEU B 215 -14.30 -9.74 -2.86
CA LEU B 215 -15.59 -10.12 -2.31
C LEU B 215 -15.42 -11.03 -1.11
N PHE B 216 -14.41 -11.89 -1.15
CA PHE B 216 -14.12 -12.80 -0.07
C PHE B 216 -13.78 -12.06 1.23
N THR B 217 -13.08 -10.93 1.11
CA THR B 217 -12.61 -10.19 2.27
C THR B 217 -13.57 -9.06 2.69
N THR B 218 -14.81 -9.10 2.22
CA THR B 218 -15.79 -8.08 2.56
C THR B 218 -16.66 -8.54 3.72
N LYS B 219 -16.97 -7.63 4.63
CA LYS B 219 -17.79 -7.97 5.80
C LYS B 219 -19.12 -8.53 5.35
N GLU B 220 -19.46 -9.71 5.86
CA GLU B 220 -20.70 -10.40 5.54
C GLU B 220 -21.38 -10.85 6.83
N LYS B 221 -22.71 -10.93 6.79
CA LYS B 221 -23.50 -11.31 7.94
C LYS B 221 -23.70 -12.82 7.95
N LEU B 222 -23.28 -13.46 9.05
CA LEU B 222 -23.39 -14.90 9.19
C LEU B 222 -24.83 -15.38 8.99
N GLY B 223 -24.97 -16.49 8.29
CA GLY B 223 -26.26 -17.13 8.09
C GLY B 223 -26.51 -18.25 9.06
N ALA B 224 -27.52 -19.07 8.74
CA ALA B 224 -27.90 -20.17 9.63
C ALA B 224 -26.77 -21.17 9.83
N GLU B 225 -25.85 -21.28 8.86
CA GLU B 225 -24.77 -22.25 8.96
C GLU B 225 -23.80 -21.94 10.10
N ASP B 226 -23.76 -20.70 10.57
CA ASP B 226 -22.78 -20.26 11.57
C ASP B 226 -23.48 -19.59 12.75
N PRO B 227 -24.13 -20.36 13.62
CA PRO B 227 -24.68 -19.80 14.86
C PRO B 227 -23.54 -19.40 15.80
N TRP B 228 -23.62 -18.18 16.33
CA TRP B 228 -22.54 -17.62 17.13
C TRP B 228 -23.05 -17.07 18.45
N TYR B 229 -22.37 -17.45 19.54
CA TYR B 229 -22.70 -17.03 20.90
C TYR B 229 -21.80 -15.86 21.26
N CYS B 230 -22.41 -14.73 21.62
CA CYS B 230 -21.63 -13.57 22.05
C CYS B 230 -21.24 -13.72 23.52
N PRO B 231 -19.94 -13.77 23.85
CA PRO B 231 -19.56 -13.86 25.27
C PRO B 231 -19.99 -12.66 26.08
N ASN B 232 -20.03 -11.47 25.48
CA ASN B 232 -20.43 -10.27 26.21
C ASN B 232 -21.95 -10.24 26.38
N CYS B 233 -22.70 -10.45 25.28
CA CYS B 233 -24.16 -10.42 25.35
C CYS B 233 -24.76 -11.67 26.02
N LYS B 234 -23.99 -12.76 26.13
CA LYS B 234 -24.45 -14.03 26.75
C LYS B 234 -25.74 -14.51 26.09
N GLU B 235 -25.74 -14.34 24.78
CA GLU B 235 -26.85 -14.22 23.84
C GLU B 235 -26.34 -14.90 22.56
N HIS B 236 -27.15 -15.66 21.79
CA HIS B 236 -26.67 -16.01 20.46
C HIS B 236 -26.97 -14.82 19.57
N GLN B 237 -26.02 -14.48 18.71
CA GLN B 237 -26.23 -13.32 17.85
C GLN B 237 -25.82 -13.64 16.42
N GLN B 238 -26.34 -12.86 15.49
CA GLN B 238 -25.98 -12.97 14.08
C GLN B 238 -24.87 -11.95 13.83
N ALA B 239 -23.64 -12.38 14.06
CA ALA B 239 -22.51 -11.48 13.94
C ALA B 239 -22.22 -11.13 12.48
N THR B 240 -21.39 -10.11 12.30
CA THR B 240 -20.81 -9.77 11.01
C THR B 240 -19.38 -10.28 10.98
N LYS B 241 -19.06 -11.09 9.96
CA LYS B 241 -17.76 -11.71 9.84
C LYS B 241 -16.93 -11.01 8.77
N LYS B 242 -15.66 -10.76 9.09
CA LYS B 242 -14.71 -10.15 8.16
C LYS B 242 -13.45 -10.99 8.13
N LEU B 243 -13.04 -11.40 6.94
CA LEU B 243 -11.87 -12.24 6.76
C LEU B 243 -10.76 -11.47 6.06
N ASP B 244 -9.54 -11.61 6.55
CA ASP B 244 -8.37 -11.00 5.95
C ASP B 244 -7.24 -12.02 5.92
N LEU B 245 -6.55 -12.11 4.79
CA LEU B 245 -5.52 -13.12 4.62
C LEU B 245 -4.26 -12.73 5.36
N TRP B 246 -3.81 -13.58 6.27
CA TRP B 246 -2.60 -13.30 7.04
C TRP B 246 -1.36 -13.96 6.43
N SER B 247 -1.43 -15.26 6.14
CA SER B 247 -0.34 -15.95 5.48
C SER B 247 -0.91 -16.97 4.52
N LEU B 248 -0.20 -17.18 3.42
CA LEU B 248 -0.68 -18.03 2.35
C LEU B 248 0.24 -19.26 2.19
N PRO B 249 -0.33 -20.40 1.84
CA PRO B 249 0.46 -21.64 1.78
C PRO B 249 1.27 -21.71 0.49
N PRO B 250 2.27 -22.61 0.44
CA PRO B 250 3.00 -22.82 -0.81
C PRO B 250 2.13 -23.22 -1.98
N VAL B 251 1.04 -23.95 -1.73
CA VAL B 251 0.08 -24.30 -2.77
C VAL B 251 -1.29 -23.81 -2.30
N LEU B 252 -1.85 -22.86 -3.04
CA LEU B 252 -3.12 -22.24 -2.69
C LEU B 252 -4.24 -22.82 -3.55
N VAL B 253 -5.19 -23.48 -2.91
CA VAL B 253 -6.33 -24.08 -3.60
C VAL B 253 -7.49 -23.10 -3.52
N VAL B 254 -7.98 -22.68 -4.69
CA VAL B 254 -8.98 -21.62 -4.80
C VAL B 254 -10.22 -22.21 -5.43
N HIS B 255 -11.31 -22.26 -4.67
CA HIS B 255 -12.58 -22.78 -5.14
C HIS B 255 -13.48 -21.63 -5.58
N LEU B 256 -13.93 -21.68 -6.83
CA LEU B 256 -14.90 -20.72 -7.34
C LEU B 256 -16.30 -21.20 -6.96
N LYS B 257 -16.99 -20.45 -6.10
CA LYS B 257 -18.31 -20.85 -5.61
C LYS B 257 -19.35 -20.53 -6.67
N ARG B 258 -19.69 -21.52 -7.50
CA ARG B 258 -20.66 -21.32 -8.56
C ARG B 258 -22.05 -21.84 -8.21
N PHE B 259 -22.19 -22.60 -7.12
CA PHE B 259 -23.46 -23.14 -6.70
C PHE B 259 -23.84 -22.55 -5.35
N SER B 260 -24.98 -21.88 -5.29
CA SER B 260 -25.44 -21.27 -4.04
C SER B 260 -26.96 -21.12 -3.99
N ASP B 267 -28.40 -24.10 -8.92
CA ASP B 267 -28.35 -23.35 -10.18
C ASP B 267 -27.00 -22.66 -10.31
N LYS B 268 -26.41 -22.76 -11.49
CA LYS B 268 -25.00 -22.49 -11.72
C LYS B 268 -24.79 -21.16 -12.41
N LEU B 269 -23.80 -20.41 -11.93
CA LEU B 269 -23.40 -19.14 -12.52
C LEU B 269 -22.29 -19.40 -13.53
N ASP B 270 -22.53 -19.04 -14.79
CA ASP B 270 -21.58 -19.33 -15.86
C ASP B 270 -20.50 -18.27 -15.97
N THR B 271 -20.44 -17.34 -15.01
CA THR B 271 -19.57 -16.18 -15.10
C THR B 271 -18.18 -16.59 -15.54
N LEU B 272 -17.64 -15.85 -16.50
CA LEU B 272 -16.27 -16.08 -16.93
C LEU B 272 -15.36 -15.39 -15.95
N VAL B 273 -14.72 -16.17 -15.09
CA VAL B 273 -13.76 -15.66 -14.14
C VAL B 273 -12.40 -15.72 -14.84
N ASP B 274 -11.83 -14.54 -15.12
CA ASP B 274 -10.51 -14.48 -15.73
C ASP B 274 -9.46 -14.61 -14.63
N PHE B 275 -8.68 -15.68 -14.69
CA PHE B 275 -7.64 -15.88 -13.70
C PHE B 275 -6.29 -16.01 -14.39
N PRO B 276 -5.22 -15.54 -13.74
CA PRO B 276 -3.92 -15.56 -14.40
C PRO B 276 -3.35 -16.97 -14.46
N ILE B 277 -2.72 -17.29 -15.60
CA ILE B 277 -1.93 -18.51 -15.70
C ILE B 277 -0.61 -18.33 -14.95
N ASN B 278 -0.07 -17.11 -14.96
CA ASN B 278 1.21 -16.82 -14.36
C ASN B 278 1.13 -15.50 -13.63
N ASP B 279 1.94 -15.37 -12.58
CA ASP B 279 2.13 -14.09 -11.88
C ASP B 279 0.84 -13.60 -11.23
N LEU B 280 0.20 -14.48 -10.47
CA LEU B 280 -0.89 -14.07 -9.59
C LEU B 280 -0.27 -13.44 -8.36
N ASP B 281 -0.43 -12.12 -8.21
CA ASP B 281 0.17 -11.37 -7.11
C ASP B 281 -0.87 -11.12 -6.03
N MET B 282 -0.74 -11.83 -4.92
CA MET B 282 -1.64 -11.67 -3.79
C MET B 282 -1.18 -10.63 -2.79
N SER B 283 -0.12 -9.87 -3.12
CA SER B 283 0.51 -8.99 -2.13
C SER B 283 -0.46 -7.94 -1.61
N GLU B 284 -1.31 -7.38 -2.49
CA GLU B 284 -2.22 -6.33 -2.06
C GLU B 284 -3.29 -6.83 -1.09
N PHE B 285 -3.47 -8.14 -0.99
CA PHE B 285 -4.46 -8.72 -0.09
C PHE B 285 -3.88 -9.18 1.24
N LEU B 286 -2.56 -9.22 1.37
CA LEU B 286 -1.93 -9.65 2.62
C LEU B 286 -1.86 -8.47 3.58
N ILE B 287 -2.56 -8.58 4.71
CA ILE B 287 -2.52 -7.54 5.74
C ILE B 287 -1.33 -7.67 6.67
N ASN B 288 -0.49 -8.67 6.48
CA ASN B 288 0.76 -8.83 7.26
C ASN B 288 1.86 -7.94 6.68
N PRO B 289 2.37 -6.96 7.42
CA PRO B 289 3.41 -6.06 6.87
C PRO B 289 4.76 -6.78 6.62
N ASN B 290 5.11 -7.82 7.41
CA ASN B 290 6.11 -8.83 7.08
C ASN B 290 5.73 -9.90 6.06
N ALA B 291 4.60 -9.84 5.38
CA ALA B 291 4.49 -10.75 4.26
C ALA B 291 5.42 -10.22 3.18
N GLY B 292 6.18 -11.14 2.59
CA GLY B 292 7.03 -10.80 1.45
C GLY B 292 6.21 -10.75 0.19
N PRO B 293 6.88 -10.57 -0.95
CA PRO B 293 6.17 -10.72 -2.22
C PRO B 293 5.56 -12.12 -2.33
N CYS B 294 4.29 -12.16 -2.75
CA CYS B 294 3.53 -13.41 -2.86
C CYS B 294 2.98 -13.52 -4.28
N ARG B 295 3.77 -14.09 -5.18
CA ARG B 295 3.32 -14.35 -6.54
C ARG B 295 3.17 -15.85 -6.78
N TYR B 296 2.15 -16.21 -7.55
CA TYR B 296 1.76 -17.60 -7.76
C TYR B 296 1.66 -17.88 -9.25
N ASN B 297 1.94 -19.13 -9.61
CA ASN B 297 1.67 -19.63 -10.95
C ASN B 297 0.62 -20.73 -10.87
N LEU B 298 -0.25 -20.78 -11.87
CA LEU B 298 -1.25 -21.83 -11.95
C LEU B 298 -0.57 -23.15 -12.28
N ILE B 299 -1.01 -24.21 -11.59
CA ILE B 299 -0.51 -25.55 -11.87
C ILE B 299 -1.60 -26.53 -12.23
N ALA B 300 -2.86 -26.27 -11.90
CA ALA B 300 -3.93 -27.19 -12.22
C ALA B 300 -5.27 -26.46 -12.13
N VAL B 301 -6.24 -26.95 -12.90
CA VAL B 301 -7.60 -26.42 -12.89
C VAL B 301 -8.55 -27.59 -13.00
N SER B 302 -9.50 -27.68 -12.08
CA SER B 302 -10.61 -28.61 -12.23
C SER B 302 -11.76 -27.92 -12.93
N ASN B 303 -12.26 -28.53 -13.99
CA ASN B 303 -13.38 -28.01 -14.73
C ASN B 303 -14.65 -28.76 -14.37
N HIS B 304 -15.77 -28.04 -14.32
CA HIS B 304 -17.09 -28.65 -14.17
C HIS B 304 -17.96 -28.23 -15.35
N TYR B 305 -18.51 -29.23 -16.04
CA TYR B 305 -19.48 -29.00 -17.10
C TYR B 305 -20.86 -29.37 -16.57
N GLY B 306 -21.79 -28.42 -16.62
CA GLY B 306 -23.13 -28.63 -16.12
C GLY B 306 -23.93 -29.61 -16.96
N GLY B 311 -22.68 -32.55 -13.00
CA GLY B 311 -22.42 -32.98 -14.37
C GLY B 311 -21.17 -33.81 -14.49
N HIS B 312 -20.20 -33.31 -15.24
CA HIS B 312 -18.93 -33.99 -15.49
C HIS B 312 -17.78 -33.09 -15.13
N TYR B 313 -16.72 -33.68 -14.58
CA TYR B 313 -15.53 -32.95 -14.16
C TYR B 313 -14.33 -33.43 -14.95
N THR B 314 -13.45 -32.48 -15.30
CA THR B 314 -12.18 -32.76 -15.97
C THR B 314 -11.10 -31.90 -15.32
N ALA B 315 -9.87 -32.00 -15.86
CA ALA B 315 -8.77 -31.25 -15.27
C ALA B 315 -7.76 -30.81 -16.33
N PHE B 316 -7.27 -29.58 -16.18
CA PHE B 316 -6.02 -29.13 -16.78
C PHE B 316 -4.92 -29.25 -15.74
N ALA B 317 -3.71 -29.63 -16.19
CA ALA B 317 -2.59 -29.70 -15.26
C ALA B 317 -1.29 -29.44 -16.01
N LYS B 318 -0.35 -28.80 -15.32
CA LYS B 318 1.00 -28.60 -15.81
C LYS B 318 1.87 -29.75 -15.32
N ASN B 319 2.53 -30.44 -16.26
CA ASN B 319 3.39 -31.57 -15.89
C ASN B 319 4.70 -31.05 -15.31
N LYS B 320 5.05 -31.58 -14.13
CA LYS B 320 6.23 -31.08 -13.42
C LYS B 320 7.52 -31.36 -14.16
N ASP B 321 7.57 -32.42 -14.98
CA ASP B 321 8.83 -32.78 -15.63
C ASP B 321 9.08 -32.00 -16.91
N ASP B 322 8.07 -31.81 -17.76
CA ASP B 322 8.26 -31.10 -19.01
C ASP B 322 7.68 -29.70 -19.05
N GLY B 323 6.92 -29.31 -18.01
CA GLY B 323 6.40 -27.96 -17.95
C GLY B 323 5.28 -27.62 -18.91
N LYS B 324 4.75 -28.60 -19.63
CA LYS B 324 3.67 -28.36 -20.58
C LYS B 324 2.31 -28.67 -19.95
N TRP B 325 1.27 -28.09 -20.54
CA TRP B 325 -0.09 -28.28 -20.06
C TRP B 325 -0.75 -29.47 -20.74
N TYR B 326 -1.56 -30.19 -19.96
CA TYR B 326 -2.28 -31.35 -20.46
C TYR B 326 -3.73 -31.30 -19.98
N TYR B 327 -4.59 -32.00 -20.71
CA TYR B 327 -6.01 -32.10 -20.42
C TYR B 327 -6.35 -33.53 -20.03
N PHE B 328 -7.04 -33.69 -18.91
CA PHE B 328 -7.35 -34.99 -18.34
C PHE B 328 -8.87 -35.14 -18.29
N ASP B 329 -9.40 -36.05 -19.11
CA ASP B 329 -10.83 -36.34 -19.14
C ASP B 329 -10.96 -37.83 -18.85
N ASP B 330 -11.13 -38.16 -17.55
CA ASP B 330 -11.10 -39.53 -17.08
C ASP B 330 -9.87 -40.26 -17.61
N SER B 331 -10.06 -41.25 -18.48
CA SER B 331 -8.95 -42.06 -18.97
C SER B 331 -8.19 -41.42 -20.12
N SER B 332 -8.68 -40.31 -20.67
CA SER B 332 -8.05 -39.67 -21.83
C SER B 332 -7.09 -38.57 -21.37
N VAL B 333 -5.88 -38.58 -21.93
CA VAL B 333 -4.86 -37.58 -21.67
C VAL B 333 -4.42 -37.01 -23.01
N SER B 334 -4.48 -35.68 -23.14
CA SER B 334 -4.13 -35.01 -24.38
C SER B 334 -3.38 -33.71 -24.08
N THR B 335 -2.61 -33.26 -25.06
CA THR B 335 -1.88 -32.00 -24.94
C THR B 335 -2.85 -30.83 -24.88
N ALA B 336 -2.41 -29.77 -24.20
CA ALA B 336 -3.23 -28.59 -24.01
C ALA B 336 -2.38 -27.34 -24.10
N SER B 337 -3.02 -26.22 -24.46
CA SER B 337 -2.39 -24.91 -24.54
C SER B 337 -2.90 -24.02 -23.42
N GLU B 338 -2.02 -23.14 -22.93
CA GLU B 338 -2.43 -22.18 -21.90
C GLU B 338 -3.62 -21.34 -22.35
N ASP B 339 -3.80 -21.17 -23.66
CA ASP B 339 -4.87 -20.29 -24.15
C ASP B 339 -6.25 -20.90 -23.99
N GLN B 340 -6.34 -22.21 -23.78
N GLN B 340 -6.35 -22.21 -23.78
CA GLN B 340 -7.62 -22.89 -23.64
CA GLN B 340 -7.64 -22.87 -23.63
C GLN B 340 -7.98 -23.19 -22.19
C GLN B 340 -8.08 -22.99 -22.18
N ILE B 341 -7.20 -22.71 -21.22
CA ILE B 341 -7.47 -23.03 -19.82
C ILE B 341 -8.58 -22.15 -19.26
N VAL B 342 -8.51 -20.84 -19.48
CA VAL B 342 -9.49 -19.92 -18.93
C VAL B 342 -10.79 -20.07 -19.71
N SER B 343 -11.80 -20.64 -19.06
CA SER B 343 -13.12 -20.82 -19.65
C SER B 343 -14.13 -20.79 -18.51
N LYS B 344 -15.42 -20.76 -18.88
CA LYS B 344 -16.46 -20.71 -17.86
C LYS B 344 -16.54 -21.99 -17.03
N ALA B 345 -15.91 -23.07 -17.49
CA ALA B 345 -15.93 -24.34 -16.77
C ALA B 345 -14.98 -24.36 -15.57
N ALA B 346 -14.06 -23.42 -15.46
CA ALA B 346 -13.11 -23.43 -14.36
C ALA B 346 -13.84 -23.41 -13.03
N TYR B 347 -13.45 -24.32 -12.14
CA TYR B 347 -14.18 -24.53 -10.90
C TYR B 347 -13.26 -24.46 -9.70
N VAL B 348 -12.16 -25.21 -9.73
CA VAL B 348 -11.14 -25.18 -8.68
C VAL B 348 -9.80 -24.90 -9.33
N LEU B 349 -9.08 -23.91 -8.78
CA LEU B 349 -7.77 -23.52 -9.27
C LEU B 349 -6.68 -23.90 -8.27
N PHE B 350 -5.59 -24.46 -8.77
CA PHE B 350 -4.42 -24.79 -7.97
C PHE B 350 -3.28 -23.82 -8.32
N TYR B 351 -2.80 -23.07 -7.33
CA TYR B 351 -1.71 -22.14 -7.52
C TYR B 351 -0.51 -22.55 -6.67
N GLN B 352 0.67 -22.49 -7.26
CA GLN B 352 1.91 -22.79 -6.56
C GLN B 352 2.74 -21.51 -6.43
N ARG B 353 3.21 -21.24 -5.21
CA ARG B 353 4.02 -20.07 -4.94
C ARG B 353 5.31 -20.08 -5.75
N GLN B 354 5.64 -18.93 -6.36
CA GLN B 354 6.89 -18.78 -7.08
C GLN B 354 8.07 -18.95 -6.10
N SER C 8 -21.09 56.20 11.57
CA SER C 8 -22.25 55.46 12.06
C SER C 8 -23.06 54.90 10.90
N GLU C 9 -22.68 53.71 10.46
CA GLU C 9 -23.23 53.08 9.27
C GLU C 9 -23.78 51.70 9.58
N PRO C 10 -24.71 51.19 8.78
CA PRO C 10 -25.14 49.80 8.95
C PRO C 10 -24.04 48.86 8.51
N GLY C 11 -23.82 47.80 9.28
CA GLY C 11 -22.65 47.00 9.04
C GLY C 11 -21.57 47.32 10.05
N ARG C 12 -21.44 48.60 10.37
CA ARG C 12 -20.36 49.04 11.25
C ARG C 12 -20.75 48.80 12.70
N ASN C 13 -20.14 47.78 13.30
CA ASN C 13 -20.26 47.47 14.71
C ASN C 13 -18.89 46.99 15.17
N ASN C 14 -18.70 46.86 16.47
CA ASN C 14 -17.41 46.40 16.98
C ASN C 14 -17.48 44.89 17.20
N GLU C 15 -16.87 44.15 16.29
CA GLU C 15 -17.04 42.70 16.21
C GLU C 15 -15.69 41.99 16.24
N GLN C 16 -15.75 40.68 16.42
CA GLN C 16 -14.55 39.86 16.40
C GLN C 16 -14.00 39.78 14.98
N PRO C 17 -12.70 40.02 14.79
CA PRO C 17 -12.12 39.97 13.44
C PRO C 17 -12.42 38.66 12.72
N GLY C 18 -12.77 38.79 11.44
CA GLY C 18 -13.08 37.65 10.60
C GLY C 18 -14.53 37.19 10.67
N LEU C 19 -15.28 37.60 11.69
CA LEU C 19 -16.70 37.25 11.79
C LEU C 19 -17.51 38.36 11.15
N CYS C 20 -17.33 38.49 9.84
CA CYS C 20 -17.81 39.63 9.08
C CYS C 20 -18.54 39.12 7.85
N GLY C 21 -19.80 39.53 7.70
CA GLY C 21 -20.59 39.15 6.55
C GLY C 21 -20.30 40.02 5.34
N LEU C 22 -20.92 39.67 4.23
CA LEU C 22 -20.81 40.42 2.97
C LEU C 22 -22.20 40.62 2.40
N SER C 23 -22.65 41.87 2.36
CA SER C 23 -23.98 42.17 1.83
C SER C 23 -24.09 41.75 0.37
N ASN C 24 -25.31 41.45 -0.05
CA ASN C 24 -25.59 41.12 -1.45
C ASN C 24 -25.76 42.41 -2.26
N LEU C 25 -25.13 42.48 -3.44
CA LEU C 25 -25.13 43.67 -4.32
C LEU C 25 -25.59 43.23 -5.69
N GLY C 26 -26.88 43.15 -5.88
CA GLY C 26 -27.22 42.40 -7.05
C GLY C 26 -26.97 41.00 -6.54
N ASN C 27 -26.49 40.13 -7.39
CA ASN C 27 -27.07 38.85 -7.13
C ASN C 27 -26.10 37.86 -7.77
N THR C 28 -25.12 37.44 -6.97
CA THR C 28 -23.73 37.41 -7.43
C THR C 28 -23.18 36.00 -7.80
N CYS C 29 -24.00 34.99 -8.16
CA CYS C 29 -23.54 33.62 -8.31
C CYS C 29 -22.97 33.29 -6.91
N PHE C 30 -21.72 32.80 -6.78
CA PHE C 30 -21.20 32.49 -5.42
C PHE C 30 -20.00 33.36 -5.01
N MET C 31 -20.01 34.64 -5.39
CA MET C 31 -18.89 35.52 -5.02
C MET C 31 -18.74 35.61 -3.50
N ASN C 32 -19.81 35.95 -2.78
CA ASN C 32 -19.72 36.09 -1.34
C ASN C 32 -19.29 34.78 -0.68
N SER C 33 -19.87 33.66 -1.12
CA SER C 33 -19.48 32.37 -0.57
C SER C 33 -18.01 32.06 -0.88
N ALA C 34 -17.58 32.35 -2.11
CA ALA C 34 -16.18 32.11 -2.47
C ALA C 34 -15.24 32.99 -1.66
N ILE C 35 -15.62 34.26 -1.43
CA ILE C 35 -14.78 35.15 -0.65
C ILE C 35 -14.62 34.64 0.77
N GLN C 36 -15.72 34.17 1.38
CA GLN C 36 -15.64 33.68 2.76
C GLN C 36 -14.73 32.46 2.86
N CYS C 37 -14.74 31.59 1.84
CA CYS C 37 -13.84 30.45 1.84
C CYS C 37 -12.39 30.90 1.76
N LEU C 38 -12.09 31.86 0.88
CA LEU C 38 -10.72 32.36 0.76
C LEU C 38 -10.34 33.18 1.98
N SER C 39 -11.27 33.99 2.49
CA SER C 39 -11.00 34.80 3.68
C SER C 39 -10.57 33.94 4.86
N ASN C 40 -11.08 32.70 4.95
CA ASN C 40 -10.75 31.80 6.04
C ASN C 40 -9.74 30.74 5.62
N THR C 41 -8.93 31.04 4.60
CA THR C 41 -7.72 30.29 4.31
C THR C 41 -6.57 31.03 4.99
N PRO C 42 -6.13 30.55 6.15
CA PRO C 42 -5.24 31.37 7.02
C PRO C 42 -3.98 31.83 6.32
N PRO C 43 -3.25 30.97 5.60
CA PRO C 43 -2.01 31.47 4.96
C PRO C 43 -2.27 32.58 3.95
N LEU C 44 -3.40 32.54 3.26
CA LEU C 44 -3.73 33.62 2.33
C LEU C 44 -4.06 34.91 3.07
N THR C 45 -4.88 34.82 4.11
CA THR C 45 -5.28 36.01 4.85
C THR C 45 -4.10 36.59 5.64
N GLU C 46 -3.27 35.72 6.22
CA GLU C 46 -2.09 36.21 6.94
C GLU C 46 -1.15 36.95 6.00
N TYR C 47 -1.02 36.47 4.76
CA TYR C 47 -0.17 37.11 3.77
C TYR C 47 -0.66 38.53 3.47
N PHE C 48 -1.97 38.71 3.32
CA PHE C 48 -2.50 40.03 3.01
C PHE C 48 -2.54 40.93 4.25
N LEU C 49 -2.94 40.36 5.40
CA LEU C 49 -3.04 41.16 6.62
C LEU C 49 -1.69 41.68 7.09
N ASN C 50 -0.62 40.99 6.72
CA ASN C 50 0.72 41.41 7.11
C ASN C 50 1.34 42.33 6.07
N ASP C 51 0.53 42.86 5.15
CA ASP C 51 0.99 43.80 4.13
C ASP C 51 2.10 43.18 3.31
N LYS C 52 1.89 41.96 2.85
CA LYS C 52 3.05 41.32 2.30
C LYS C 52 2.93 41.22 0.79
N TYR C 53 1.82 41.73 0.24
CA TYR C 53 1.46 41.68 -1.17
C TYR C 53 1.93 42.90 -1.95
N GLN C 54 2.19 44.03 -1.28
CA GLN C 54 2.61 45.23 -1.98
C GLN C 54 3.89 44.98 -2.78
N GLU C 55 4.88 44.31 -2.18
CA GLU C 55 6.13 44.05 -2.89
C GLU C 55 5.94 43.15 -4.10
N GLU C 56 4.89 42.32 -4.11
CA GLU C 56 4.71 41.33 -5.15
C GLU C 56 3.65 41.70 -6.16
N LEU C 57 3.04 42.88 -6.05
CA LEU C 57 2.03 43.28 -7.01
C LEU C 57 2.63 43.41 -8.40
N ASN C 58 2.01 42.72 -9.37
CA ASN C 58 2.42 42.72 -10.76
C ASN C 58 1.35 43.45 -11.56
N PHE C 59 1.68 44.63 -12.07
CA PHE C 59 0.70 45.46 -12.77
C PHE C 59 0.70 45.29 -14.28
N ASP C 60 1.65 44.55 -14.85
CA ASP C 60 1.79 44.46 -16.30
C ASP C 60 1.73 43.04 -16.84
N ASN C 61 1.41 42.06 -16.00
CA ASN C 61 1.27 40.67 -16.42
C ASN C 61 0.25 40.56 -17.56
N PRO C 62 0.61 39.98 -18.70
CA PRO C 62 -0.36 39.89 -19.81
C PRO C 62 -1.60 39.06 -19.47
N LEU C 63 -1.51 38.15 -18.50
CA LEU C 63 -2.66 37.36 -18.07
C LEU C 63 -3.25 37.88 -16.77
N GLY C 64 -2.81 39.03 -16.29
CA GLY C 64 -3.26 39.59 -15.03
C GLY C 64 -4.37 40.61 -15.21
N MET C 65 -4.61 41.37 -14.14
CA MET C 65 -5.63 42.39 -14.11
C MET C 65 -5.04 43.71 -13.61
N ARG C 66 -3.79 43.96 -14.00
CA ARG C 66 -3.06 45.18 -13.62
C ARG C 66 -3.01 45.33 -12.09
N GLY C 67 -2.94 44.20 -11.39
CA GLY C 67 -2.91 44.18 -9.94
C GLY C 67 -4.22 44.52 -9.26
N GLU C 68 -5.29 44.77 -10.02
CA GLU C 68 -6.51 45.29 -9.40
C GLU C 68 -7.29 44.20 -8.67
N ILE C 69 -7.21 42.94 -9.10
CA ILE C 69 -7.92 41.88 -8.40
C ILE C 69 -7.28 41.63 -7.04
N ALA C 70 -5.95 41.56 -6.98
CA ALA C 70 -5.27 41.33 -5.71
C ALA C 70 -5.37 42.54 -4.79
N LYS C 71 -5.20 43.74 -5.35
CA LYS C 71 -5.34 44.96 -4.55
C LYS C 71 -6.73 45.05 -3.95
N SER C 72 -7.77 44.87 -4.78
CA SER C 72 -9.14 44.92 -4.30
C SER C 72 -9.39 43.86 -3.24
N TYR C 73 -8.91 42.62 -3.47
CA TYR C 73 -9.10 41.55 -2.51
C TYR C 73 -8.41 41.85 -1.18
N ALA C 74 -7.15 42.29 -1.25
CA ALA C 74 -6.40 42.60 -0.04
C ALA C 74 -7.12 43.64 0.81
N GLU C 75 -7.64 44.69 0.17
CA GLU C 75 -8.33 45.74 0.93
C GLU C 75 -9.64 45.23 1.52
N LEU C 76 -10.30 44.30 0.83
CA LEU C 76 -11.50 43.68 1.40
C LEU C 76 -11.15 42.83 2.61
N ILE C 77 -10.09 42.04 2.52
CA ILE C 77 -9.68 41.19 3.64
C ILE C 77 -9.33 42.04 4.86
N LYS C 78 -8.68 43.19 4.63
CA LYS C 78 -8.32 44.07 5.73
C LYS C 78 -9.56 44.60 6.44
N GLN C 79 -10.60 44.95 5.69
CA GLN C 79 -11.86 45.36 6.31
C GLN C 79 -12.46 44.21 7.10
N MET C 80 -12.48 43.02 6.51
CA MET C 80 -13.17 41.88 7.11
C MET C 80 -12.49 41.40 8.39
N TRP C 81 -11.18 41.60 8.52
CA TRP C 81 -10.45 41.16 9.70
C TRP C 81 -10.02 42.31 10.59
N SER C 82 -10.58 43.51 10.38
CA SER C 82 -10.28 44.65 11.23
C SER C 82 -11.03 44.62 12.55
N GLY C 83 -12.13 43.85 12.63
CA GLY C 83 -12.94 43.85 13.83
C GLY C 83 -13.86 45.04 13.98
N LYS C 84 -13.97 45.88 12.97
CA LYS C 84 -14.81 47.07 13.02
C LYS C 84 -16.15 46.90 12.30
N PHE C 85 -16.44 45.72 11.74
CA PHE C 85 -17.65 45.52 10.96
C PHE C 85 -18.29 44.19 11.29
N SER C 86 -19.62 44.19 11.40
CA SER C 86 -20.36 42.94 11.39
C SER C 86 -20.62 42.48 9.96
N TYR C 87 -20.69 43.41 9.01
CA TYR C 87 -20.67 43.08 7.59
C TYR C 87 -20.17 44.28 6.82
N VAL C 88 -19.72 44.02 5.58
CA VAL C 88 -19.24 45.06 4.69
C VAL C 88 -19.85 44.83 3.31
N THR C 89 -19.85 45.89 2.51
CA THR C 89 -20.33 45.82 1.14
C THR C 89 -19.13 45.72 0.20
N PRO C 90 -18.88 44.56 -0.42
CA PRO C 90 -17.67 44.38 -1.25
C PRO C 90 -17.80 45.01 -2.64
N ARG C 91 -18.11 46.30 -2.66
CA ARG C 91 -18.41 46.98 -3.92
C ARG C 91 -17.17 47.10 -4.79
N ALA C 92 -16.04 47.49 -4.21
CA ALA C 92 -14.81 47.67 -4.99
C ALA C 92 -14.33 46.36 -5.61
N PHE C 93 -14.35 45.28 -4.83
CA PHE C 93 -13.94 43.98 -5.36
C PHE C 93 -14.90 43.47 -6.43
N LYS C 94 -16.20 43.67 -6.22
CA LYS C 94 -17.19 43.26 -7.21
C LYS C 94 -16.98 44.00 -8.52
N THR C 95 -16.64 45.30 -8.44
CA THR C 95 -16.41 46.08 -9.66
C THR C 95 -15.22 45.54 -10.45
N GLN C 96 -14.16 45.11 -9.75
CA GLN C 96 -13.03 44.53 -10.46
C GLN C 96 -13.39 43.16 -11.03
N VAL C 97 -14.25 42.40 -10.35
CA VAL C 97 -14.70 41.13 -10.90
C VAL C 97 -15.57 41.36 -12.13
N GLY C 98 -16.48 42.33 -12.07
CA GLY C 98 -17.31 42.63 -13.22
C GLY C 98 -16.54 43.19 -14.40
N ARG C 99 -15.50 43.96 -14.12
N ARG C 99 -15.48 43.95 -14.13
CA ARG C 99 -14.72 44.59 -15.19
CA ARG C 99 -14.74 44.59 -15.22
C ARG C 99 -13.83 43.59 -15.91
C ARG C 99 -13.81 43.60 -15.92
N PHE C 100 -13.23 42.65 -15.18
CA PHE C 100 -12.33 41.67 -15.77
C PHE C 100 -13.00 40.34 -16.06
N ALA C 101 -14.19 40.09 -15.51
CA ALA C 101 -14.93 38.85 -15.77
C ALA C 101 -16.42 39.15 -15.88
N PRO C 102 -16.84 39.78 -16.98
CA PRO C 102 -18.28 40.04 -17.15
C PRO C 102 -19.12 38.77 -17.27
N GLN C 103 -18.50 37.64 -17.62
CA GLN C 103 -19.23 36.38 -17.78
C GLN C 103 -20.00 35.98 -16.53
N PHE C 104 -19.64 36.49 -15.35
CA PHE C 104 -20.32 36.14 -14.12
C PHE C 104 -21.38 37.15 -13.74
N SER C 105 -21.82 37.95 -14.71
CA SER C 105 -22.96 38.85 -14.56
C SER C 105 -24.07 38.34 -15.45
N GLY C 106 -25.31 38.55 -15.03
CA GLY C 106 -26.40 37.88 -15.70
C GLY C 106 -26.75 36.61 -14.97
N TYR C 107 -28.03 36.31 -14.85
CA TYR C 107 -28.51 35.42 -13.79
C TYR C 107 -28.80 34.03 -14.35
N GLN C 108 -27.76 33.43 -14.94
CA GLN C 108 -27.78 32.04 -15.37
C GLN C 108 -26.37 31.47 -15.40
N CYS C 112 -21.26 27.53 -11.75
CA CYS C 112 -20.85 28.88 -11.28
C CYS C 112 -19.43 28.77 -10.71
N GLN C 113 -18.91 27.54 -10.55
CA GLN C 113 -17.68 27.39 -9.81
C GLN C 113 -16.51 28.00 -10.52
N GLU C 114 -16.65 28.39 -11.77
CA GLU C 114 -15.44 28.93 -12.31
C GLU C 114 -15.18 30.35 -11.87
N LEU C 115 -16.02 30.88 -10.97
CA LEU C 115 -15.66 32.12 -10.32
C LEU C 115 -14.45 31.90 -9.40
N LEU C 116 -14.48 30.80 -8.64
CA LEU C 116 -13.35 30.46 -7.79
C LEU C 116 -12.09 30.21 -8.62
N ALA C 117 -12.22 29.47 -9.72
CA ALA C 117 -11.07 29.23 -10.60
C ALA C 117 -10.54 30.55 -11.16
N PHE C 118 -11.44 31.47 -11.50
CA PHE C 118 -11.02 32.78 -11.99
C PHE C 118 -10.29 33.57 -10.91
N LEU C 119 -10.78 33.49 -9.66
CA LEU C 119 -10.18 34.29 -8.58
C LEU C 119 -8.80 33.77 -8.21
N LEU C 120 -8.66 32.45 -8.05
CA LEU C 120 -7.35 31.88 -7.74
C LEU C 120 -6.35 32.19 -8.83
N ASP C 121 -6.77 32.07 -10.08
CA ASP C 121 -5.91 32.28 -11.23
C ASP C 121 -5.64 33.77 -11.45
N GLY C 122 -6.62 34.62 -11.14
CA GLY C 122 -6.41 36.05 -11.24
C GLY C 122 -5.53 36.59 -10.13
N LEU C 123 -5.76 36.14 -8.90
CA LEU C 123 -4.87 36.48 -7.79
C LEU C 123 -3.43 36.06 -8.08
N HIS C 124 -3.27 34.88 -8.68
CA HIS C 124 -1.93 34.40 -9.00
C HIS C 124 -1.20 35.33 -9.94
N GLU C 125 -1.84 35.73 -11.03
CA GLU C 125 -1.16 36.55 -12.03
C GLU C 125 -0.92 37.95 -11.53
N ASP C 126 -1.85 38.50 -10.74
CA ASP C 126 -1.64 39.81 -10.12
C ASP C 126 -0.52 39.79 -9.08
N LEU C 127 -0.06 38.61 -8.68
CA LEU C 127 1.03 38.50 -7.71
C LEU C 127 2.17 37.61 -8.22
N ASN C 128 2.24 37.39 -9.53
CA ASN C 128 3.23 36.49 -10.11
C ASN C 128 4.61 37.15 -10.08
N ARG C 129 5.57 36.50 -9.42
CA ARG C 129 6.92 37.04 -9.29
C ARG C 129 7.69 37.04 -10.61
N ILE C 130 7.29 36.22 -11.58
CA ILE C 130 7.89 36.23 -12.92
C ILE C 130 7.28 37.39 -13.70
N ARG C 131 8.09 38.40 -14.00
CA ARG C 131 7.60 39.62 -14.65
C ARG C 131 7.85 39.67 -16.15
N LYS C 132 8.54 38.68 -16.71
CA LYS C 132 8.54 38.44 -18.16
C LYS C 132 8.72 36.95 -18.30
N LYS C 133 7.73 36.29 -18.82
CA LYS C 133 7.75 34.83 -18.72
C LYS C 133 8.45 34.24 -19.93
N PRO C 134 9.40 33.33 -19.73
CA PRO C 134 9.98 32.64 -20.87
C PRO C 134 8.97 31.65 -21.44
N TYR C 135 9.04 31.44 -22.76
CA TYR C 135 8.29 30.40 -23.41
C TYR C 135 9.00 29.08 -23.23
N ILE C 136 8.26 28.10 -22.74
CA ILE C 136 8.83 26.77 -22.52
C ILE C 136 8.10 25.64 -23.25
N GLN C 137 8.92 24.84 -23.92
CA GLN C 137 8.62 23.63 -24.64
C GLN C 137 8.46 22.57 -23.57
N LEU C 138 7.22 22.20 -23.29
CA LEU C 138 6.98 21.13 -22.36
C LEU C 138 7.27 19.83 -23.08
N LYS C 139 7.71 18.86 -22.32
CA LYS C 139 8.22 17.61 -22.85
C LYS C 139 7.81 16.52 -21.83
N ASP C 140 7.08 15.50 -22.38
CA ASP C 140 6.51 14.32 -21.73
C ASP C 140 7.63 13.35 -21.39
N ALA C 141 7.27 12.26 -20.72
CA ALA C 141 8.23 11.35 -20.10
C ALA C 141 9.19 10.71 -21.09
N ASP C 142 8.65 10.03 -22.11
CA ASP C 142 9.46 9.28 -23.06
C ASP C 142 10.35 8.28 -22.30
N GLY C 143 9.72 7.46 -21.48
CA GLY C 143 10.40 6.39 -20.78
C GLY C 143 11.16 6.79 -19.54
N ARG C 144 11.33 8.09 -19.27
CA ARG C 144 12.06 8.49 -18.09
C ARG C 144 11.24 8.18 -16.83
N PRO C 145 11.90 7.91 -15.71
CA PRO C 145 11.14 7.56 -14.51
C PRO C 145 10.31 8.73 -14.03
N ASP C 146 9.23 8.39 -13.33
CA ASP C 146 8.28 9.39 -12.89
C ASP C 146 8.99 10.44 -12.05
N LYS C 147 9.99 10.04 -11.25
CA LYS C 147 10.36 11.04 -10.28
C LYS C 147 11.17 12.15 -10.96
N VAL C 148 11.87 11.85 -12.07
CA VAL C 148 12.64 12.84 -12.83
C VAL C 148 11.71 13.75 -13.64
N VAL C 149 10.70 13.18 -14.31
CA VAL C 149 9.81 13.98 -15.14
C VAL C 149 8.96 14.92 -14.30
N ALA C 150 8.50 14.44 -13.14
CA ALA C 150 7.65 15.26 -12.27
C ALA C 150 8.41 16.47 -11.74
N GLU C 151 9.64 16.26 -11.26
CA GLU C 151 10.44 17.37 -10.77
C GLU C 151 10.72 18.37 -11.89
N GLU C 152 10.96 17.88 -13.11
CA GLU C 152 11.19 18.77 -14.24
C GLU C 152 9.95 19.61 -14.54
N ALA C 153 8.77 19.01 -14.47
CA ALA C 153 7.54 19.75 -14.72
C ALA C 153 7.36 20.87 -13.70
N TRP C 154 7.71 20.61 -12.45
CA TRP C 154 7.54 21.62 -11.42
C TRP C 154 8.46 22.82 -11.65
N GLU C 155 9.69 22.57 -12.10
CA GLU C 155 10.58 23.69 -12.39
C GLU C 155 10.10 24.48 -13.59
N ASN C 156 9.58 23.78 -14.61
CA ASN C 156 8.98 24.47 -15.74
C ASN C 156 7.78 25.31 -15.32
N HIS C 157 6.96 24.78 -14.42
CA HIS C 157 5.84 25.55 -13.87
C HIS C 157 6.32 26.80 -13.16
N LEU C 158 7.32 26.67 -12.30
CA LEU C 158 7.79 27.79 -11.50
C LEU C 158 8.48 28.86 -12.33
N LYS C 159 8.92 28.53 -13.55
CA LYS C 159 9.59 29.53 -14.38
C LYS C 159 8.62 30.57 -14.91
N ARG C 160 7.34 30.22 -15.04
CA ARG C 160 6.31 31.17 -15.41
C ARG C 160 5.35 31.52 -14.29
N ASN C 161 5.28 30.71 -13.24
CA ASN C 161 4.24 30.84 -12.22
C ASN C 161 4.90 30.68 -10.86
N ASP C 162 5.04 31.79 -10.15
CA ASP C 162 5.69 31.82 -8.84
C ASP C 162 4.97 32.88 -8.04
N SER C 163 4.17 32.46 -7.07
CA SER C 163 3.33 33.39 -6.32
C SER C 163 2.88 32.73 -5.03
N ILE C 164 2.29 33.55 -4.16
CA ILE C 164 1.66 33.04 -2.95
C ILE C 164 0.57 32.04 -3.27
N ILE C 165 -0.10 32.22 -4.41
CA ILE C 165 -1.17 31.29 -4.80
C ILE C 165 -0.58 29.93 -5.18
N VAL C 166 0.52 29.93 -5.93
CA VAL C 166 1.21 28.67 -6.23
C VAL C 166 1.70 28.04 -4.93
N ASP C 167 2.25 28.84 -4.03
CA ASP C 167 2.75 28.31 -2.76
C ASP C 167 1.65 27.62 -1.96
N ILE C 168 0.44 28.15 -2.03
CA ILE C 168 -0.64 27.69 -1.16
C ILE C 168 -1.51 26.63 -1.83
N PHE C 169 -1.84 26.80 -3.11
CA PHE C 169 -2.94 26.04 -3.72
C PHE C 169 -2.53 25.07 -4.81
N HIS C 170 -1.31 25.16 -5.33
CA HIS C 170 -0.95 24.39 -6.52
C HIS C 170 -0.35 23.04 -6.15
N GLY C 171 -0.79 22.01 -6.85
CA GLY C 171 -0.21 20.69 -6.75
C GLY C 171 0.10 20.12 -8.13
N LEU C 172 0.41 18.83 -8.20
CA LEU C 172 0.81 18.21 -9.47
C LEU C 172 0.19 16.81 -9.54
N PHE C 173 -0.49 16.51 -10.64
CA PHE C 173 -0.84 15.12 -10.91
C PHE C 173 -0.13 14.62 -12.17
N LYS C 174 -0.17 13.32 -12.34
CA LYS C 174 0.35 12.64 -13.53
C LYS C 174 -0.79 12.36 -14.49
N SER C 175 -0.60 12.72 -15.76
CA SER C 175 -1.60 12.54 -16.79
C SER C 175 -1.10 11.50 -17.79
N THR C 176 -1.82 10.38 -17.90
CA THR C 176 -1.49 9.31 -18.82
C THR C 176 -2.55 9.25 -19.92
N LEU C 177 -2.12 9.45 -21.16
CA LEU C 177 -3.01 9.37 -22.31
C LEU C 177 -2.63 8.19 -23.19
N VAL C 178 -3.65 7.52 -23.74
CA VAL C 178 -3.49 6.34 -24.56
C VAL C 178 -4.28 6.54 -25.84
N CYS C 179 -3.64 6.35 -26.99
CA CYS C 179 -4.33 6.50 -28.26
C CYS C 179 -5.21 5.28 -28.53
N PRO C 180 -6.47 5.48 -28.92
CA PRO C 180 -7.31 4.31 -29.26
C PRO C 180 -6.85 3.56 -30.50
N GLU C 181 -6.39 4.27 -31.53
CA GLU C 181 -5.90 3.62 -32.73
C GLU C 181 -4.49 3.09 -32.52
N CYS C 182 -3.56 4.00 -32.27
CA CYS C 182 -2.14 3.73 -32.22
C CYS C 182 -1.70 3.00 -30.95
N ALA C 183 -2.47 3.11 -29.87
CA ALA C 183 -2.23 2.50 -28.54
C ALA C 183 -0.94 2.95 -27.86
N LYS C 184 -0.33 4.06 -28.26
CA LYS C 184 0.85 4.56 -27.58
C LYS C 184 0.50 5.37 -26.34
N ILE C 185 1.32 5.23 -25.30
CA ILE C 185 1.10 5.88 -24.01
C ILE C 185 2.02 7.10 -23.93
N SER C 186 1.43 8.27 -23.67
CA SER C 186 2.15 9.52 -23.49
C SER C 186 1.83 10.07 -22.11
N VAL C 187 2.86 10.32 -21.32
CA VAL C 187 2.71 10.71 -19.92
C VAL C 187 3.26 12.12 -19.72
N THR C 188 2.44 12.99 -19.15
CA THR C 188 2.86 14.32 -18.74
C THR C 188 2.53 14.49 -17.26
N PHE C 189 3.20 15.45 -16.64
CA PHE C 189 2.89 15.86 -15.27
C PHE C 189 2.42 17.30 -15.31
N ASP C 190 1.16 17.51 -14.91
CA ASP C 190 0.50 18.78 -15.10
C ASP C 190 0.13 19.42 -13.76
N PRO C 191 0.32 20.72 -13.62
CA PRO C 191 -0.09 21.39 -12.38
C PRO C 191 -1.59 21.63 -12.33
N PHE C 192 -2.09 21.76 -11.10
CA PHE C 192 -3.48 22.09 -10.85
C PHE C 192 -3.54 23.00 -9.64
N CYS C 193 -4.60 23.80 -9.55
CA CYS C 193 -4.86 24.62 -8.38
C CYS C 193 -6.12 24.20 -7.63
N TYR C 194 -6.88 23.24 -8.17
CA TYR C 194 -8.00 22.64 -7.46
C TYR C 194 -8.38 21.35 -8.17
N LEU C 195 -9.13 20.52 -7.46
CA LEU C 195 -9.63 19.25 -8.01
C LEU C 195 -11.15 19.33 -8.18
N THR C 196 -11.62 18.86 -9.33
CA THR C 196 -13.05 18.70 -9.59
C THR C 196 -13.38 17.23 -9.51
N LEU C 197 -14.14 16.84 -8.46
CA LEU C 197 -14.38 15.42 -8.28
C LEU C 197 -15.71 15.02 -8.86
N PRO C 198 -15.76 13.97 -9.68
CA PRO C 198 -17.05 13.47 -10.17
C PRO C 198 -17.72 12.62 -9.11
N LEU C 199 -19.04 12.63 -9.15
CA LEU C 199 -19.81 11.74 -8.30
C LEU C 199 -20.34 10.57 -9.10
N PRO C 200 -20.64 9.45 -8.45
CA PRO C 200 -21.10 8.27 -9.19
C PRO C 200 -22.39 8.54 -9.96
N MET C 201 -22.42 8.06 -11.20
CA MET C 201 -23.63 8.09 -12.01
C MET C 201 -24.01 6.67 -12.41
N PRO C 202 -25.30 6.32 -12.35
CA PRO C 202 -26.40 7.21 -11.97
C PRO C 202 -26.45 7.53 -10.46
N LYS C 203 -27.27 8.53 -10.13
CA LYS C 203 -27.31 9.10 -8.78
C LYS C 203 -27.52 8.04 -7.71
N LYS C 204 -26.58 8.00 -6.72
CA LYS C 204 -26.62 7.29 -5.46
C LYS C 204 -27.01 8.23 -4.33
N PRO C 205 -27.68 7.74 -3.28
CA PRO C 205 -28.05 8.65 -2.18
C PRO C 205 -26.88 9.03 -1.28
N PHE C 206 -25.80 8.23 -1.26
CA PHE C 206 -24.68 8.41 -0.35
C PHE C 206 -23.41 7.80 -0.95
N VAL C 207 -22.32 8.55 -0.90
CA VAL C 207 -20.98 8.10 -1.29
C VAL C 207 -20.08 8.83 -0.30
N LYS C 208 -19.00 8.28 0.28
CA LYS C 208 -18.24 9.40 0.79
C LYS C 208 -17.15 9.80 -0.17
N LEU C 209 -16.43 10.82 0.32
CA LEU C 209 -15.44 11.52 -0.44
C LEU C 209 -14.37 10.62 -1.07
N LYS C 210 -13.92 9.53 -0.43
CA LYS C 210 -12.85 8.73 -1.05
C LYS C 210 -13.31 8.07 -2.34
N ASP C 211 -14.58 7.67 -2.39
CA ASP C 211 -15.15 7.11 -3.61
C ASP C 211 -15.08 8.11 -4.75
N CYS C 212 -15.29 9.39 -4.45
CA CYS C 212 -15.21 10.41 -5.48
C CYS C 212 -13.77 10.62 -5.94
N ILE C 213 -12.82 10.53 -5.01
CA ILE C 213 -11.41 10.63 -5.39
C ILE C 213 -11.01 9.45 -6.26
N GLU C 214 -11.57 8.27 -5.98
CA GLU C 214 -11.22 7.09 -6.77
C GLU C 214 -11.86 7.16 -8.15
N LEU C 215 -13.02 7.81 -8.26
CA LEU C 215 -13.60 8.07 -9.57
C LEU C 215 -12.76 9.08 -10.34
N PHE C 216 -12.20 10.06 -9.63
CA PHE C 216 -11.36 11.08 -10.25
C PHE C 216 -10.12 10.47 -10.89
N THR C 217 -9.53 9.46 -10.23
CA THR C 217 -8.31 8.84 -10.69
C THR C 217 -8.57 7.60 -11.55
N THR C 218 -9.79 7.45 -12.05
CA THR C 218 -10.20 6.30 -12.85
C THR C 218 -10.00 6.58 -14.34
N LYS C 219 -9.54 5.55 -15.07
CA LYS C 219 -9.27 5.75 -16.49
C LYS C 219 -10.51 6.23 -17.24
N GLU C 220 -10.26 7.30 -18.00
CA GLU C 220 -11.19 8.33 -18.45
C GLU C 220 -11.06 8.62 -19.95
N LYS C 221 -12.23 8.59 -20.59
CA LYS C 221 -12.36 8.79 -22.03
C LYS C 221 -12.62 10.26 -22.31
N LEU C 222 -11.66 10.90 -22.97
CA LEU C 222 -11.76 12.31 -23.33
C LEU C 222 -13.03 12.61 -24.13
N GLY C 223 -13.58 13.80 -23.89
CA GLY C 223 -14.78 14.26 -24.53
C GLY C 223 -14.52 15.33 -25.57
N ALA C 224 -15.59 16.04 -25.94
CA ALA C 224 -15.50 17.00 -27.04
C ALA C 224 -14.59 18.18 -26.70
N GLU C 225 -14.66 18.67 -25.47
CA GLU C 225 -13.84 19.83 -25.09
C GLU C 225 -12.37 19.48 -24.91
N ASP C 226 -11.96 18.25 -25.19
CA ASP C 226 -10.57 17.81 -25.02
C ASP C 226 -10.08 17.11 -26.29
N PRO C 227 -9.96 17.85 -27.39
CA PRO C 227 -9.39 17.26 -28.61
C PRO C 227 -7.89 17.02 -28.45
N TRP C 228 -7.44 15.85 -28.90
CA TRP C 228 -6.05 15.45 -28.70
C TRP C 228 -5.43 14.95 -30.00
N TYR C 229 -4.24 15.46 -30.30
CA TYR C 229 -3.48 15.09 -31.50
C TYR C 229 -2.44 14.04 -31.13
N CYS C 230 -2.52 12.88 -31.77
CA CYS C 230 -1.51 11.84 -31.58
C CYS C 230 -0.31 12.09 -32.47
N PRO C 231 0.90 12.28 -31.90
CA PRO C 231 2.09 12.45 -32.75
C PRO C 231 2.39 11.23 -33.61
N ASN C 232 2.06 10.03 -33.14
CA ASN C 232 2.37 8.83 -33.90
C ASN C 232 1.37 8.65 -35.05
N CYS C 233 0.07 8.72 -34.76
CA CYS C 233 -0.92 8.57 -35.80
C CYS C 233 -0.99 9.81 -36.70
N LYS C 234 -0.45 10.93 -36.23
CA LYS C 234 -0.49 12.20 -36.96
C LYS C 234 -1.93 12.54 -37.37
N GLU C 235 -2.88 12.15 -36.52
CA GLU C 235 -4.27 12.53 -36.65
C GLU C 235 -4.80 12.82 -35.25
N HIS C 236 -5.97 13.43 -35.19
CA HIS C 236 -6.68 13.61 -33.92
C HIS C 236 -7.39 12.32 -33.52
N GLN C 237 -7.32 11.99 -32.23
CA GLN C 237 -7.95 10.77 -31.71
C GLN C 237 -8.63 11.10 -30.40
N GLN C 238 -9.57 10.23 -30.01
CA GLN C 238 -10.27 10.33 -28.73
C GLN C 238 -9.50 9.46 -27.75
N ALA C 239 -8.48 10.03 -27.14
CA ALA C 239 -7.65 9.27 -26.21
C ALA C 239 -8.39 9.02 -24.91
N THR C 240 -7.86 8.06 -24.14
CA THR C 240 -8.27 7.85 -22.76
C THR C 240 -7.21 8.43 -21.84
N LYS C 241 -7.64 9.31 -20.93
CA LYS C 241 -6.78 10.03 -20.04
C LYS C 241 -6.84 9.38 -18.66
N LYS C 242 -5.72 9.32 -17.97
CA LYS C 242 -5.65 8.81 -16.62
C LYS C 242 -4.88 9.77 -15.73
N LEU C 243 -5.48 10.16 -14.60
CA LEU C 243 -4.88 11.10 -13.68
C LEU C 243 -4.53 10.39 -12.37
N ASP C 244 -3.33 10.69 -11.86
CA ASP C 244 -2.86 10.18 -10.58
C ASP C 244 -2.19 11.33 -9.84
N LEU C 245 -2.48 11.45 -8.55
CA LEU C 245 -2.00 12.58 -7.76
C LEU C 245 -0.54 12.38 -7.41
N TRP C 246 0.30 13.35 -7.80
CA TRP C 246 1.72 13.29 -7.49
C TRP C 246 2.09 14.08 -6.24
N SER C 247 1.65 15.34 -6.16
CA SER C 247 1.90 16.15 -4.97
C SER C 247 0.69 17.04 -4.72
N LEU C 248 0.43 17.29 -3.43
CA LEU C 248 -0.74 18.04 -3.02
C LEU C 248 -0.34 19.34 -2.32
N PRO C 249 -1.12 20.40 -2.49
CA PRO C 249 -0.75 21.71 -1.95
C PRO C 249 -1.07 21.80 -0.46
N PRO C 250 -0.53 22.81 0.23
CA PRO C 250 -0.92 23.02 1.65
C PRO C 250 -2.41 23.21 1.85
N VAL C 251 -3.10 23.81 0.88
CA VAL C 251 -4.55 23.95 0.93
C VAL C 251 -5.13 23.32 -0.33
N LEU C 252 -5.91 22.26 -0.15
CA LEU C 252 -6.48 21.51 -1.26
C LEU C 252 -7.94 21.92 -1.43
N VAL C 253 -8.24 22.51 -2.58
CA VAL C 253 -9.60 22.97 -2.90
C VAL C 253 -10.28 21.89 -3.72
N VAL C 254 -11.39 21.38 -3.22
CA VAL C 254 -12.05 20.20 -3.79
C VAL C 254 -13.45 20.61 -4.26
N HIS C 255 -13.67 20.56 -5.56
CA HIS C 255 -14.96 20.89 -6.16
C HIS C 255 -15.73 19.60 -6.42
N LEU C 256 -16.91 19.48 -5.81
CA LEU C 256 -17.78 18.35 -6.06
C LEU C 256 -18.64 18.65 -7.28
N LYS C 257 -18.46 17.87 -8.35
CA LYS C 257 -19.14 18.14 -9.61
C LYS C 257 -20.57 17.63 -9.51
N ARG C 258 -21.49 18.54 -9.16
CA ARG C 258 -22.89 18.22 -8.99
C ARG C 258 -23.71 18.60 -10.22
N PHE C 259 -23.13 19.31 -11.17
CA PHE C 259 -23.82 19.76 -12.36
C PHE C 259 -23.30 19.02 -13.59
N LYS C 268 -29.35 18.55 -11.15
CA LYS C 268 -28.20 18.57 -10.26
C LYS C 268 -28.17 17.30 -9.38
N LEU C 269 -26.98 16.77 -9.11
CA LEU C 269 -26.85 15.61 -8.25
C LEU C 269 -26.93 16.04 -6.80
N ASP C 270 -27.99 15.60 -6.12
CA ASP C 270 -28.27 15.92 -4.73
C ASP C 270 -27.59 14.94 -3.79
N THR C 271 -26.73 14.08 -4.33
CA THR C 271 -26.08 13.04 -3.56
C THR C 271 -25.44 13.59 -2.29
N LEU C 272 -25.63 12.88 -1.19
CA LEU C 272 -25.00 13.25 0.07
C LEU C 272 -23.57 12.71 0.07
N VAL C 273 -22.61 13.61 -0.09
CA VAL C 273 -21.20 13.25 -0.04
C VAL C 273 -20.73 13.42 1.40
N ASP C 274 -20.34 12.31 2.02
CA ASP C 274 -19.79 12.34 3.37
C ASP C 274 -18.31 12.71 3.29
N PHE C 275 -17.94 13.81 3.92
CA PHE C 275 -16.53 14.18 3.93
C PHE C 275 -16.07 14.42 5.35
N PRO C 276 -14.80 14.14 5.66
CA PRO C 276 -14.33 14.31 7.03
C PRO C 276 -14.14 15.78 7.37
N ILE C 277 -14.52 16.14 8.60
CA ILE C 277 -14.16 17.45 9.12
C ILE C 277 -12.68 17.48 9.47
N ASN C 278 -12.15 16.35 9.92
CA ASN C 278 -10.77 16.25 10.37
C ASN C 278 -10.18 14.95 9.86
N ASP C 279 -8.86 14.96 9.65
CA ASP C 279 -8.09 13.76 9.36
C ASP C 279 -8.52 13.11 8.04
N LEU C 280 -8.56 13.92 6.98
CA LEU C 280 -8.68 13.41 5.63
C LEU C 280 -7.31 12.89 5.20
N ASP C 281 -7.18 11.58 5.05
CA ASP C 281 -5.90 10.93 4.74
C ASP C 281 -5.83 10.64 3.25
N MET C 282 -4.99 11.38 2.54
CA MET C 282 -4.80 11.25 1.10
C MET C 282 -3.69 10.26 0.72
N SER C 283 -3.14 9.52 1.67
CA SER C 283 -1.93 8.73 1.41
C SER C 283 -2.14 7.69 0.30
N GLU C 284 -3.30 7.03 0.29
CA GLU C 284 -3.55 5.96 -0.67
C GLU C 284 -3.66 6.45 -2.11
N PHE C 285 -3.85 7.75 -2.32
CA PHE C 285 -3.97 8.30 -3.66
C PHE C 285 -2.67 8.91 -4.17
N LEU C 286 -1.66 9.05 -3.33
CA LEU C 286 -0.38 9.61 -3.75
C LEU C 286 0.48 8.51 -4.36
N ILE C 287 0.77 8.62 -5.65
CA ILE C 287 1.64 7.66 -6.32
C ILE C 287 3.12 7.98 -6.13
N ASN C 288 3.43 9.08 -5.46
CA ASN C 288 4.80 9.43 -5.10
C ASN C 288 5.22 8.68 -3.84
N PRO C 289 6.18 7.76 -3.94
CA PRO C 289 6.63 7.04 -2.74
C PRO C 289 7.36 7.91 -1.74
N ASN C 290 8.04 8.96 -2.21
CA ASN C 290 8.80 9.84 -1.34
C ASN C 290 7.93 10.85 -0.58
N ALA C 291 6.62 10.82 -0.80
CA ALA C 291 5.72 11.68 -0.04
C ALA C 291 5.54 11.18 1.39
N GLY C 292 5.48 12.13 2.32
CA GLY C 292 5.19 11.83 3.70
C GLY C 292 3.71 11.59 3.90
N PRO C 293 3.31 11.40 5.15
CA PRO C 293 1.87 11.35 5.46
C PRO C 293 1.19 12.65 5.02
N CYS C 294 0.05 12.51 4.35
CA CYS C 294 -0.70 13.64 3.80
C CYS C 294 -2.13 13.57 4.33
N ARG C 295 -2.34 14.15 5.52
CA ARG C 295 -3.67 14.27 6.09
C ARG C 295 -4.08 15.73 6.21
N TYR C 296 -5.38 15.97 6.03
CA TYR C 296 -5.94 17.31 5.92
C TYR C 296 -7.08 17.48 6.92
N ASN C 297 -7.24 18.72 7.38
CA ASN C 297 -8.41 19.11 8.16
C ASN C 297 -9.23 20.11 7.36
N LEU C 298 -10.55 20.01 7.49
CA LEU C 298 -11.45 20.94 6.82
C LEU C 298 -11.38 22.31 7.46
N ILE C 299 -11.36 23.36 6.63
CA ILE C 299 -11.39 24.73 7.12
C ILE C 299 -12.54 25.54 6.56
N ALA C 300 -13.17 25.15 5.46
CA ALA C 300 -14.27 25.91 4.89
C ALA C 300 -15.06 25.03 3.93
N VAL C 301 -16.34 25.35 3.78
CA VAL C 301 -17.24 24.65 2.86
C VAL C 301 -18.17 25.67 2.21
N SER C 302 -18.23 25.64 0.89
CA SER C 302 -19.21 26.43 0.14
C SER C 302 -20.46 25.59 -0.08
N ASN C 303 -21.61 26.13 0.31
CA ASN C 303 -22.89 25.44 0.14
C ASN C 303 -23.63 26.02 -1.06
N HIS C 304 -24.35 25.16 -1.78
CA HIS C 304 -25.26 25.59 -2.84
C HIS C 304 -26.65 25.06 -2.56
N TYR C 305 -27.63 25.95 -2.48
CA TYR C 305 -29.04 25.59 -2.39
C TYR C 305 -29.68 25.88 -3.74
N GLY C 306 -30.29 24.86 -4.34
CA GLY C 306 -30.88 25.00 -5.64
C GLY C 306 -32.09 25.90 -5.70
N GLY C 309 -33.45 27.70 -10.24
CA GLY C 309 -33.24 28.99 -10.86
C GLY C 309 -31.78 29.28 -11.17
N GLY C 310 -31.05 29.70 -10.14
CA GLY C 310 -29.63 29.99 -10.28
C GLY C 310 -28.89 29.58 -9.02
N GLY C 311 -29.63 29.48 -7.93
CA GLY C 311 -29.10 29.01 -6.67
C GLY C 311 -28.59 30.13 -5.79
N HIS C 312 -28.66 29.90 -4.48
CA HIS C 312 -28.03 30.78 -3.50
C HIS C 312 -26.92 30.01 -2.80
N TYR C 313 -25.83 30.69 -2.49
CA TYR C 313 -24.67 30.07 -1.89
C TYR C 313 -24.39 30.65 -0.51
N THR C 314 -23.91 29.79 0.39
CA THR C 314 -23.49 30.19 1.72
C THR C 314 -22.15 29.52 2.01
N ALA C 315 -21.63 29.72 3.22
CA ALA C 315 -20.34 29.14 3.56
C ALA C 315 -20.30 28.76 5.03
N PHE C 316 -19.71 27.61 5.31
CA PHE C 316 -19.18 27.28 6.63
C PHE C 316 -17.68 27.61 6.64
N ALA C 317 -17.19 28.11 7.77
CA ALA C 317 -15.76 28.36 7.87
C ALA C 317 -15.32 28.25 9.33
N LYS C 318 -14.08 27.78 9.50
CA LYS C 318 -13.42 27.72 10.79
C LYS C 318 -12.61 28.99 10.98
N ASN C 319 -12.88 29.70 12.08
CA ASN C 319 -12.16 30.94 12.35
C ASN C 319 -10.76 30.64 12.86
N LYS C 320 -9.76 31.26 12.23
CA LYS C 320 -8.37 30.92 12.56
C LYS C 320 -7.99 31.33 13.98
N ASP C 321 -8.67 32.33 14.55
CA ASP C 321 -8.26 32.81 15.86
C ASP C 321 -8.85 31.97 17.00
N ASP C 322 -10.13 31.60 16.93
CA ASP C 322 -10.74 30.83 18.00
C ASP C 322 -11.00 29.37 17.65
N GLY C 323 -10.79 28.96 16.40
CA GLY C 323 -10.94 27.57 16.03
C GLY C 323 -12.36 27.05 15.97
N LYS C 324 -13.36 27.91 16.09
CA LYS C 324 -14.76 27.51 16.04
C LYS C 324 -15.33 27.71 14.64
N TRP C 325 -16.41 26.99 14.37
CA TRP C 325 -17.07 27.04 13.08
C TRP C 325 -18.17 28.11 13.08
N TYR C 326 -18.31 28.77 11.94
CA TYR C 326 -19.33 29.81 11.77
C TYR C 326 -20.03 29.60 10.43
N TYR C 327 -21.23 30.17 10.33
CA TYR C 327 -22.05 30.10 9.13
C TYR C 327 -22.17 31.49 8.52
N PHE C 328 -21.89 31.58 7.22
CA PHE C 328 -21.88 32.86 6.52
C PHE C 328 -22.93 32.83 5.42
N ASP C 329 -23.99 33.61 5.61
CA ASP C 329 -25.08 33.74 4.65
C ASP C 329 -25.18 35.22 4.30
N ASP C 330 -24.47 35.62 3.24
CA ASP C 330 -24.33 37.03 2.87
C ASP C 330 -23.93 37.86 4.08
N SER C 331 -24.82 38.76 4.53
CA SER C 331 -24.47 39.69 5.60
C SER C 331 -24.59 39.07 7.00
N SER C 332 -25.16 37.88 7.13
CA SER C 332 -25.37 37.26 8.43
C SER C 332 -24.24 36.30 8.77
N VAL C 333 -23.72 36.42 9.99
CA VAL C 333 -22.69 35.52 10.52
C VAL C 333 -23.21 34.96 11.84
N SER C 334 -23.21 33.63 11.95
CA SER C 334 -23.72 32.98 13.16
C SER C 334 -22.86 31.77 13.50
N THR C 335 -22.91 31.40 14.78
CA THR C 335 -22.17 30.25 15.28
C THR C 335 -22.69 28.96 14.65
N ALA C 336 -21.79 27.98 14.51
CA ALA C 336 -22.12 26.72 13.88
C ALA C 336 -21.42 25.56 14.58
N SER C 337 -22.01 24.37 14.45
CA SER C 337 -21.46 23.12 14.97
C SER C 337 -20.94 22.29 13.81
N GLU C 338 -19.88 21.52 14.04
CA GLU C 338 -19.37 20.68 12.96
C GLU C 338 -20.43 19.69 12.45
N ASP C 339 -21.37 19.29 13.30
CA ASP C 339 -22.32 18.24 12.92
C ASP C 339 -23.38 18.71 11.94
N GLN C 340 -23.49 20.01 11.67
CA GLN C 340 -24.39 20.51 10.62
C GLN C 340 -23.67 20.76 9.30
N ILE C 341 -22.37 20.54 9.24
CA ILE C 341 -21.60 20.93 8.07
C ILE C 341 -21.85 19.97 6.91
N VAL C 342 -21.76 18.67 7.17
CA VAL C 342 -21.91 17.68 6.10
C VAL C 342 -23.39 17.59 5.73
N SER C 343 -23.73 18.07 4.53
CA SER C 343 -25.08 17.99 4.00
C SER C 343 -24.98 17.93 2.49
N LYS C 344 -26.11 17.66 1.83
CA LYS C 344 -26.09 17.59 0.38
C LYS C 344 -25.82 18.94 -0.28
N ALA C 345 -25.88 20.03 0.48
CA ALA C 345 -25.60 21.35 -0.04
C ALA C 345 -24.11 21.62 -0.24
N ALA C 346 -23.23 20.80 0.34
CA ALA C 346 -21.80 21.02 0.20
C ALA C 346 -21.40 20.96 -1.27
N TYR C 347 -20.63 21.94 -1.71
CA TYR C 347 -20.33 22.11 -3.12
C TYR C 347 -18.83 22.17 -3.35
N VAL C 348 -18.15 23.04 -2.60
CA VAL C 348 -16.70 23.18 -2.64
C VAL C 348 -16.17 23.03 -1.22
N LEU C 349 -15.15 22.19 -1.06
CA LEU C 349 -14.52 21.92 0.23
C LEU C 349 -13.11 22.49 0.25
N PHE C 350 -12.75 23.15 1.35
CA PHE C 350 -11.41 23.67 1.57
C PHE C 350 -10.74 22.84 2.65
N TYR C 351 -9.62 22.19 2.32
CA TYR C 351 -8.86 21.39 3.24
C TYR C 351 -7.46 21.97 3.41
N GLN C 352 -6.99 22.03 4.65
CA GLN C 352 -5.64 22.50 4.95
C GLN C 352 -4.80 21.35 5.50
N ARG C 353 -3.61 21.19 4.95
CA ARG C 353 -2.71 20.12 5.37
C ARG C 353 -2.33 20.28 6.84
N GLN C 354 -2.39 19.18 7.57
CA GLN C 354 -1.97 19.15 8.97
C GLN C 354 -0.49 19.49 9.08
N GLY D 11 2.57 45.95 38.74
CA GLY D 11 1.69 44.83 38.48
C GLY D 11 0.51 45.18 37.58
N ARG D 12 -0.09 46.33 37.85
CA ARG D 12 -1.30 46.76 37.14
C ARG D 12 -0.90 47.44 35.83
N ASN D 13 -1.21 46.79 34.71
CA ASN D 13 -1.00 47.33 33.37
C ASN D 13 -2.21 46.95 32.52
N ASN D 14 -2.28 47.50 31.32
CA ASN D 14 -3.39 47.19 30.40
C ASN D 14 -2.95 46.12 29.41
N GLU D 15 -3.39 44.89 29.63
CA GLU D 15 -2.92 43.72 28.89
C GLU D 15 -4.09 42.95 28.32
N GLN D 16 -3.76 42.01 27.42
CA GLN D 16 -4.77 41.12 26.85
C GLN D 16 -5.23 40.13 27.92
N PRO D 17 -6.54 39.93 28.10
CA PRO D 17 -7.01 38.99 29.12
C PRO D 17 -6.38 37.62 28.95
N GLY D 18 -5.98 37.02 30.07
CA GLY D 18 -5.35 35.71 30.08
C GLY D 18 -3.85 35.72 29.87
N LEU D 19 -3.28 36.82 29.39
CA LEU D 19 -1.83 36.93 29.21
C LEU D 19 -1.23 37.55 30.46
N CYS D 20 -1.34 36.81 31.56
CA CYS D 20 -1.07 37.31 32.90
C CYS D 20 -0.15 36.33 33.63
N GLY D 21 0.97 36.83 34.13
CA GLY D 21 1.89 36.01 34.89
C GLY D 21 1.45 35.84 36.34
N LEU D 22 2.22 35.02 37.06
CA LEU D 22 1.99 34.75 38.47
C LEU D 22 3.31 34.88 39.21
N SER D 23 3.41 35.85 40.12
CA SER D 23 4.64 36.08 40.84
C SER D 23 5.07 34.82 41.60
N ASN D 24 6.38 34.67 41.76
CA ASN D 24 6.97 33.55 42.50
C ASN D 24 6.96 33.86 43.99
N LEU D 25 6.54 32.87 44.79
CA LEU D 25 6.47 33.01 46.25
C LEU D 25 7.19 31.82 46.90
N GLY D 26 8.52 31.80 46.78
CA GLY D 26 9.26 30.67 47.33
C GLY D 26 9.08 29.42 46.47
N ASN D 27 9.08 28.27 47.15
CA ASN D 27 8.96 26.97 46.50
C ASN D 27 7.48 26.59 46.52
N THR D 28 6.83 26.67 45.36
CA THR D 28 5.40 26.46 45.25
C THR D 28 5.06 25.12 44.60
N CYS D 29 6.00 24.17 44.62
CA CYS D 29 5.94 22.95 43.79
C CYS D 29 5.72 23.44 42.35
N PHE D 30 4.70 22.96 41.65
CA PHE D 30 4.40 23.42 40.30
C PHE D 30 3.05 24.15 40.26
N MET D 31 2.79 24.91 41.33
CA MET D 31 1.53 25.64 41.47
C MET D 31 1.31 26.62 40.33
N ASN D 32 2.28 27.52 40.09
CA ASN D 32 2.12 28.53 39.05
C ASN D 32 1.89 27.87 37.70
N SER D 33 2.70 26.86 37.37
CA SER D 33 2.52 26.15 36.11
C SER D 33 1.17 25.45 36.08
N ALA D 34 0.75 24.87 37.22
CA ALA D 34 -0.56 24.22 37.28
C ALA D 34 -1.69 25.22 37.08
N ILE D 35 -1.58 26.41 37.67
CA ILE D 35 -2.61 27.42 37.50
C ILE D 35 -2.73 27.84 36.05
N GLN D 36 -1.58 28.07 35.39
CA GLN D 36 -1.60 28.51 33.99
C GLN D 36 -2.23 27.46 33.08
N CYS D 37 -2.00 26.18 33.37
CA CYS D 37 -2.64 25.13 32.58
C CYS D 37 -4.15 25.12 32.78
N LEU D 38 -4.60 25.24 34.04
CA LEU D 38 -6.03 25.26 34.31
C LEU D 38 -6.67 26.54 33.83
N SER D 39 -5.99 27.68 34.01
CA SER D 39 -6.51 28.95 33.52
C SER D 39 -6.80 28.91 32.02
N ASN D 40 -6.02 28.12 31.27
CA ASN D 40 -6.20 28.01 29.83
C ASN D 40 -6.92 26.72 29.45
N THR D 41 -7.70 26.16 30.37
CA THR D 41 -8.69 25.14 30.05
C THR D 41 -10.01 25.89 29.88
N PRO D 42 -10.41 26.16 28.64
CA PRO D 42 -11.48 27.14 28.38
C PRO D 42 -12.78 26.83 29.11
N PRO D 43 -13.29 25.58 29.07
CA PRO D 43 -14.57 25.33 29.78
C PRO D 43 -14.48 25.61 31.27
N LEU D 44 -13.32 25.42 31.88
CA LEU D 44 -13.14 25.72 33.29
C LEU D 44 -13.15 27.23 33.54
N THR D 45 -12.40 27.98 32.72
CA THR D 45 -12.30 29.43 32.93
C THR D 45 -13.61 30.13 32.57
N GLU D 46 -14.26 29.71 31.49
CA GLU D 46 -15.55 30.31 31.12
C GLU D 46 -16.57 30.10 32.22
N TYR D 47 -16.52 28.93 32.88
CA TYR D 47 -17.44 28.63 33.97
C TYR D 47 -17.28 29.63 35.12
N PHE D 48 -16.04 29.98 35.46
CA PHE D 48 -15.79 30.91 36.56
C PHE D 48 -16.03 32.35 36.14
N LEU D 49 -15.62 32.73 34.92
CA LEU D 49 -15.80 34.10 34.47
C LEU D 49 -17.26 34.46 34.33
N ASN D 50 -18.13 33.49 34.10
CA ASN D 50 -19.56 33.74 33.95
C ASN D 50 -20.33 33.58 35.25
N ASP D 51 -19.62 33.45 36.38
CA ASP D 51 -20.25 33.38 37.70
C ASP D 51 -21.26 32.23 37.79
N LYS D 52 -20.88 31.06 37.28
CA LYS D 52 -21.74 29.89 37.39
C LYS D 52 -21.36 29.03 38.60
N TYR D 53 -20.32 29.42 39.32
CA TYR D 53 -19.84 28.70 40.48
C TYR D 53 -20.50 29.19 41.76
N GLN D 54 -21.00 30.43 41.78
CA GLN D 54 -21.57 31.00 42.99
C GLN D 54 -22.71 30.14 43.54
N GLU D 55 -23.64 29.75 42.67
CA GLU D 55 -24.74 28.90 43.09
C GLU D 55 -24.31 27.49 43.45
N GLU D 56 -23.17 27.02 42.93
CA GLU D 56 -22.77 25.63 43.06
C GLU D 56 -21.72 25.40 44.15
N LEU D 57 -21.31 26.45 44.87
CA LEU D 57 -20.34 26.27 45.94
C LEU D 57 -20.91 25.39 47.05
N ASN D 58 -20.11 24.42 47.47
CA ASN D 58 -20.48 23.47 48.51
C ASN D 58 -19.67 23.79 49.75
N PHE D 59 -20.34 24.28 50.79
CA PHE D 59 -19.69 24.70 52.02
C PHE D 59 -19.69 23.63 53.10
N ASP D 60 -20.36 22.50 52.88
CA ASP D 60 -20.49 21.46 53.89
C ASP D 60 -19.93 20.11 53.45
N ASN D 61 -19.33 20.04 52.26
CA ASN D 61 -18.74 18.80 51.77
C ASN D 61 -17.73 18.25 52.77
N PRO D 62 -17.90 17.03 53.26
CA PRO D 62 -16.92 16.47 54.21
C PRO D 62 -15.53 16.29 53.62
N LEU D 63 -15.42 16.18 52.30
CA LEU D 63 -14.14 16.09 51.62
C LEU D 63 -13.73 17.42 50.97
N GLY D 64 -14.47 18.48 51.22
CA GLY D 64 -14.22 19.77 50.62
C GLY D 64 -13.36 20.65 51.49
N MET D 65 -13.31 21.94 51.13
CA MET D 65 -12.53 22.93 51.85
C MET D 65 -13.38 24.14 52.19
N ARG D 66 -14.66 23.89 52.50
CA ARG D 66 -15.61 24.93 52.85
C ARG D 66 -15.72 25.99 51.76
N GLY D 67 -15.55 25.57 50.51
CA GLY D 67 -15.60 26.46 49.37
C GLY D 67 -14.40 27.35 49.19
N GLU D 68 -13.40 27.28 50.08
CA GLU D 68 -12.33 28.28 50.02
C GLU D 68 -11.41 28.07 48.83
N ILE D 69 -11.24 26.83 48.36
CA ILE D 69 -10.37 26.59 47.22
C ILE D 69 -10.97 27.11 45.92
N ALA D 70 -12.26 26.83 45.69
CA ALA D 70 -12.93 27.26 44.45
C ALA D 70 -13.11 28.76 44.39
N LYS D 71 -13.54 29.32 45.51
CA LYS D 71 -13.76 30.75 45.71
C LYS D 71 -12.49 31.51 45.38
N SER D 72 -11.43 31.13 46.08
CA SER D 72 -10.09 31.65 45.90
C SER D 72 -9.57 31.45 44.48
N TYR D 73 -9.74 30.25 43.93
CA TYR D 73 -9.30 30.00 42.56
C TYR D 73 -10.08 30.87 41.60
N ALA D 74 -11.40 30.95 41.78
CA ALA D 74 -12.25 31.77 40.93
C ALA D 74 -11.79 33.22 40.92
N GLU D 75 -11.48 33.78 42.09
CA GLU D 75 -11.06 35.17 42.15
C GLU D 75 -9.69 35.38 41.51
N LEU D 76 -8.82 34.38 41.58
CA LEU D 76 -7.56 34.46 40.86
C LEU D 76 -7.79 34.45 39.36
N ILE D 77 -8.67 33.58 38.89
CA ILE D 77 -8.98 33.50 37.45
C ILE D 77 -9.61 34.81 36.98
N LYS D 78 -10.46 35.42 37.80
CA LYS D 78 -11.08 36.69 37.43
C LYS D 78 -10.04 37.78 37.24
N GLN D 79 -9.04 37.84 38.12
CA GLN D 79 -7.96 38.80 37.93
C GLN D 79 -7.17 38.52 36.66
N MET D 80 -6.85 37.24 36.42
CA MET D 80 -5.99 36.90 35.28
C MET D 80 -6.68 37.17 33.95
N TRP D 81 -8.01 37.11 33.91
CA TRP D 81 -8.74 37.32 32.67
C TRP D 81 -9.50 38.64 32.65
N SER D 82 -9.20 39.54 33.58
CA SER D 82 -9.79 40.88 33.56
C SER D 82 -9.11 41.80 32.57
N GLY D 83 -7.87 41.48 32.17
CA GLY D 83 -7.10 42.34 31.30
C GLY D 83 -6.44 43.54 31.95
N LYS D 84 -6.45 43.62 33.28
CA LYS D 84 -5.83 44.73 34.00
C LYS D 84 -4.45 44.41 34.57
N PHE D 85 -3.93 43.21 34.34
CA PHE D 85 -2.67 42.84 34.97
C PHE D 85 -1.74 42.14 33.99
N SER D 86 -0.46 42.52 34.03
CA SER D 86 0.56 41.73 33.36
C SER D 86 1.01 40.56 34.21
N TYR D 87 0.89 40.69 35.53
CA TYR D 87 1.06 39.57 36.45
C TYR D 87 0.31 39.89 37.74
N VAL D 88 0.00 38.83 38.49
CA VAL D 88 -0.64 38.95 39.79
C VAL D 88 0.08 38.03 40.77
N THR D 89 -0.06 38.32 42.05
CA THR D 89 0.53 37.49 43.09
C THR D 89 -0.55 36.59 43.68
N PRO D 90 -0.49 35.27 43.42
CA PRO D 90 -1.58 34.36 43.86
C PRO D 90 -1.46 34.02 45.33
N ARG D 91 -1.38 35.06 46.17
CA ARG D 91 -1.16 34.84 47.60
C ARG D 91 -2.36 34.22 48.26
N ALA D 92 -3.56 34.75 47.99
CA ALA D 92 -4.78 34.28 48.62
C ALA D 92 -5.04 32.82 48.28
N PHE D 93 -4.85 32.45 47.00
CA PHE D 93 -5.02 31.05 46.62
C PHE D 93 -3.95 30.17 47.24
N LYS D 94 -2.70 30.66 47.29
CA LYS D 94 -1.62 29.91 47.93
C LYS D 94 -1.90 29.69 49.40
N THR D 95 -2.46 30.69 50.08
CA THR D 95 -2.77 30.55 51.50
C THR D 95 -3.78 29.44 51.75
N GLN D 96 -4.80 29.34 50.90
CA GLN D 96 -5.79 28.28 51.05
C GLN D 96 -5.22 26.92 50.68
N VAL D 97 -4.30 26.87 49.72
CA VAL D 97 -3.68 25.60 49.36
C VAL D 97 -2.82 25.09 50.51
N GLY D 98 -2.04 25.98 51.13
CA GLY D 98 -1.23 25.57 52.26
C GLY D 98 -2.06 25.15 53.47
N ARG D 99 -3.21 25.79 53.68
CA ARG D 99 -4.04 25.44 54.83
C ARG D 99 -4.58 24.02 54.71
N PHE D 100 -4.92 23.58 53.51
CA PHE D 100 -5.49 22.25 53.31
C PHE D 100 -4.50 21.28 52.69
N ALA D 101 -3.38 21.76 52.15
CA ALA D 101 -2.34 20.91 51.58
C ALA D 101 -0.97 21.48 51.95
N PRO D 102 -0.57 21.37 53.22
CA PRO D 102 0.75 21.87 53.62
C PRO D 102 1.93 21.14 52.99
N GLN D 103 1.72 19.95 52.41
CA GLN D 103 2.81 19.12 51.91
C GLN D 103 3.74 19.83 50.93
N PHE D 104 3.27 20.87 50.25
CA PHE D 104 4.09 21.62 49.30
C PHE D 104 4.56 22.93 49.92
N SER D 105 5.38 22.79 50.96
CA SER D 105 6.01 23.94 51.62
C SER D 105 4.98 24.94 52.14
N GLN D 108 9.00 22.15 52.69
CA GLN D 108 9.77 20.99 52.25
C GLN D 108 9.08 20.31 51.07
N GLN D 109 9.70 19.27 50.53
CA GLN D 109 9.23 18.63 49.30
C GLN D 109 8.62 17.27 49.61
N GLN D 110 7.41 17.03 49.08
CA GLN D 110 6.68 15.79 49.32
C GLN D 110 5.75 15.53 48.13
N ASP D 111 6.30 14.90 47.09
CA ASP D 111 5.55 14.50 45.88
C ASP D 111 4.79 15.69 45.30
N CYS D 112 5.57 16.60 44.69
CA CYS D 112 4.97 17.79 44.08
C CYS D 112 4.02 17.44 42.94
N GLN D 113 4.03 16.20 42.45
CA GLN D 113 3.17 15.86 41.31
C GLN D 113 1.71 15.69 41.71
N GLU D 114 1.44 15.42 42.98
CA GLU D 114 0.08 15.26 43.48
C GLU D 114 -0.64 16.58 43.71
N LEU D 115 -0.01 17.71 43.42
CA LEU D 115 -0.71 19.00 43.54
C LEU D 115 -1.83 19.12 42.51
N LEU D 116 -1.57 18.71 41.27
CA LEU D 116 -2.62 18.70 40.27
C LEU D 116 -3.80 17.84 40.71
N ALA D 117 -3.51 16.65 41.24
CA ALA D 117 -4.57 15.79 41.75
C ALA D 117 -5.31 16.45 42.91
N PHE D 118 -4.58 17.16 43.79
CA PHE D 118 -5.23 17.85 44.89
C PHE D 118 -6.13 18.97 44.39
N LEU D 119 -5.68 19.71 43.37
CA LEU D 119 -6.46 20.85 42.88
C LEU D 119 -7.72 20.37 42.16
N LEU D 120 -7.59 19.39 41.27
CA LEU D 120 -8.76 18.87 40.58
C LEU D 120 -9.76 18.28 41.56
N ASP D 121 -9.29 17.53 42.56
CA ASP D 121 -10.18 16.94 43.53
C ASP D 121 -10.72 18.00 44.49
N GLY D 122 -9.90 19.00 44.80
CA GLY D 122 -10.36 20.06 45.68
C GLY D 122 -11.38 20.96 45.04
N LEU D 123 -11.13 21.36 43.79
CA LEU D 123 -12.15 22.10 43.04
C LEU D 123 -13.44 21.30 42.92
N HIS D 124 -13.32 19.98 42.69
CA HIS D 124 -14.51 19.14 42.54
C HIS D 124 -15.37 19.15 43.79
N GLU D 125 -14.75 18.94 44.96
CA GLU D 125 -15.55 18.81 46.17
C GLU D 125 -16.13 20.15 46.60
N ASP D 126 -15.38 21.22 46.42
CA ASP D 126 -15.87 22.56 46.72
C ASP D 126 -17.01 22.99 45.81
N LEU D 127 -17.25 22.26 44.71
CA LEU D 127 -18.34 22.57 43.79
C LEU D 127 -19.24 21.36 43.57
N ASN D 128 -19.21 20.38 44.47
CA ASN D 128 -19.97 19.15 44.29
C ASN D 128 -21.45 19.40 44.50
N ARG D 129 -22.25 19.13 43.46
CA ARG D 129 -23.69 19.34 43.51
C ARG D 129 -24.39 18.30 44.38
N ILE D 130 -23.75 17.15 44.63
CA ILE D 130 -24.30 16.14 45.53
C ILE D 130 -24.11 16.65 46.94
N ARG D 131 -25.23 16.95 47.59
CA ARG D 131 -25.11 17.75 48.76
C ARG D 131 -25.29 17.00 50.07
N LYS D 132 -25.59 15.71 49.99
CA LYS D 132 -25.36 14.72 51.06
C LYS D 132 -25.17 13.39 50.33
N LYS D 133 -24.00 12.78 50.45
CA LYS D 133 -23.62 11.63 49.58
C LYS D 133 -24.04 10.31 50.19
N PRO D 134 -24.72 9.45 49.44
CA PRO D 134 -24.99 8.11 49.95
C PRO D 134 -23.76 7.23 49.89
N TYR D 135 -23.67 6.30 50.83
CA TYR D 135 -22.67 5.25 50.74
C TYR D 135 -23.16 4.18 49.77
N ILE D 136 -22.31 3.87 48.81
CA ILE D 136 -22.63 3.03 47.68
C ILE D 136 -21.68 1.83 47.63
N GLN D 137 -22.27 0.62 47.62
CA GLN D 137 -21.53 -0.65 47.60
C GLN D 137 -21.12 -0.94 46.17
N LEU D 138 -19.85 -0.71 45.89
CA LEU D 138 -19.30 -0.96 44.57
C LEU D 138 -19.12 -2.46 44.32
N LYS D 139 -18.98 -2.73 43.03
CA LYS D 139 -19.82 -3.65 42.31
C LYS D 139 -19.01 -4.26 41.17
N ASP D 140 -18.72 -5.56 41.21
CA ASP D 140 -17.93 -6.12 40.14
C ASP D 140 -18.77 -6.39 38.91
N ALA D 141 -18.08 -6.62 37.78
CA ALA D 141 -18.77 -6.92 36.52
C ALA D 141 -19.56 -8.22 36.66
N ASP D 142 -18.89 -9.27 37.12
CA ASP D 142 -19.53 -10.54 37.45
C ASP D 142 -20.34 -11.07 36.25
N GLY D 143 -19.66 -11.15 35.10
CA GLY D 143 -20.21 -11.76 33.91
C GLY D 143 -21.21 -10.92 33.12
N ARG D 144 -21.71 -9.81 33.66
CA ARG D 144 -22.66 -8.98 32.96
C ARG D 144 -21.97 -8.21 31.83
N PRO D 145 -22.71 -7.83 30.79
CA PRO D 145 -22.06 -7.16 29.64
C PRO D 145 -21.44 -5.83 30.04
N ASP D 146 -20.40 -5.44 29.29
CA ASP D 146 -19.58 -4.29 29.66
C ASP D 146 -20.40 -3.01 29.73
N LYS D 147 -21.31 -2.81 28.78
CA LYS D 147 -22.05 -1.55 28.73
C LYS D 147 -22.97 -1.39 29.93
N VAL D 148 -23.48 -2.50 30.47
CA VAL D 148 -24.34 -2.41 31.65
C VAL D 148 -23.51 -2.08 32.88
N VAL D 149 -22.36 -2.74 33.03
CA VAL D 149 -21.51 -2.52 34.20
C VAL D 149 -20.90 -1.13 34.17
N ALA D 150 -20.45 -0.68 32.99
CA ALA D 150 -19.83 0.64 32.89
C ALA D 150 -20.82 1.75 33.18
N GLU D 151 -22.04 1.65 32.64
CA GLU D 151 -23.07 2.65 32.94
C GLU D 151 -23.42 2.64 34.42
N GLU D 152 -23.47 1.44 35.02
CA GLU D 152 -23.75 1.32 36.45
C GLU D 152 -22.67 2.00 37.28
N ALA D 153 -21.40 1.84 36.89
CA ALA D 153 -20.31 2.50 37.60
C ALA D 153 -20.38 4.01 37.46
N TRP D 154 -20.73 4.50 36.26
CA TRP D 154 -20.79 5.95 36.05
C TRP D 154 -21.91 6.57 36.87
N GLU D 155 -23.05 5.90 36.98
CA GLU D 155 -24.14 6.41 37.80
C GLU D 155 -23.79 6.34 39.28
N ASN D 156 -23.13 5.27 39.71
CA ASN D 156 -22.65 5.18 41.08
C ASN D 156 -21.69 6.32 41.39
N HIS D 157 -20.80 6.62 40.44
CA HIS D 157 -19.90 7.76 40.58
C HIS D 157 -20.70 9.07 40.67
N LEU D 158 -21.66 9.25 39.76
CA LEU D 158 -22.40 10.51 39.69
C LEU D 158 -23.32 10.72 40.88
N LYS D 159 -23.66 9.66 41.61
CA LYS D 159 -24.51 9.81 42.79
C LYS D 159 -23.75 10.41 43.97
N ARG D 160 -22.43 10.26 44.00
CA ARG D 160 -21.61 10.90 45.01
C ARG D 160 -20.77 12.04 44.47
N ASN D 161 -20.58 12.12 43.16
CA ASN D 161 -19.64 13.06 42.55
C ASN D 161 -20.30 13.67 41.32
N ASP D 162 -20.71 14.94 41.42
CA ASP D 162 -21.38 15.63 40.32
C ASP D 162 -20.98 17.08 40.40
N SER D 163 -20.15 17.52 39.44
CA SER D 163 -19.61 18.87 39.48
C SER D 163 -19.10 19.25 38.09
N ILE D 164 -18.74 20.53 37.96
CA ILE D 164 -18.11 21.01 36.74
C ILE D 164 -16.80 20.26 36.48
N ILE D 165 -16.11 19.84 37.54
CA ILE D 165 -14.85 19.12 37.37
C ILE D 165 -15.11 17.74 36.79
N VAL D 166 -16.14 17.04 37.27
CA VAL D 166 -16.52 15.76 36.67
C VAL D 166 -16.89 15.96 35.21
N ASP D 167 -17.65 17.02 34.91
CA ASP D 167 -18.06 17.29 33.54
C ASP D 167 -16.86 17.49 32.63
N ILE D 168 -15.80 18.11 33.13
CA ILE D 168 -14.68 18.50 32.28
C ILE D 168 -13.60 17.43 32.24
N PHE D 169 -13.28 16.82 33.38
CA PHE D 169 -12.05 16.04 33.51
C PHE D 169 -12.24 14.55 33.74
N HIS D 170 -13.43 14.08 34.07
CA HIS D 170 -13.59 12.70 34.52
C HIS D 170 -13.88 11.75 33.37
N GLY D 171 -13.18 10.61 33.39
CA GLY D 171 -13.40 9.51 32.48
C GLY D 171 -13.56 8.18 33.21
N LEU D 172 -13.48 7.06 32.48
CA LEU D 172 -13.75 5.75 33.08
C LEU D 172 -12.75 4.73 32.55
N PHE D 173 -12.21 3.91 33.45
CA PHE D 173 -11.39 2.77 33.07
C PHE D 173 -12.19 1.47 33.17
N LYS D 174 -11.70 0.46 32.49
CA LYS D 174 -12.05 -0.93 32.75
C LYS D 174 -10.84 -1.55 33.43
N SER D 175 -11.04 -2.17 34.59
CA SER D 175 -9.94 -2.77 35.34
C SER D 175 -10.14 -4.27 35.42
N THR D 176 -9.20 -5.02 34.86
CA THR D 176 -9.21 -6.48 34.94
C THR D 176 -8.07 -6.94 35.84
N LEU D 177 -8.41 -7.56 36.96
CA LEU D 177 -7.46 -8.11 37.91
C LEU D 177 -7.58 -9.62 37.93
N VAL D 178 -6.45 -10.32 37.99
CA VAL D 178 -6.47 -11.78 38.00
C VAL D 178 -5.58 -12.24 39.14
N CYS D 179 -6.11 -13.12 39.96
CA CYS D 179 -5.34 -13.68 41.06
C CYS D 179 -4.36 -14.74 40.57
N PRO D 180 -3.12 -14.72 41.05
CA PRO D 180 -2.19 -15.80 40.67
C PRO D 180 -2.61 -17.19 41.13
N GLU D 181 -3.29 -17.35 42.27
CA GLU D 181 -3.69 -18.71 42.66
C GLU D 181 -4.98 -19.15 41.96
N CYS D 182 -6.09 -18.52 42.30
CA CYS D 182 -7.40 -18.99 41.86
C CYS D 182 -7.60 -18.79 40.37
N ALA D 183 -6.80 -17.92 39.77
CA ALA D 183 -7.00 -17.43 38.40
C ALA D 183 -8.32 -16.69 38.30
N LYS D 184 -8.82 -16.16 39.42
CA LYS D 184 -10.08 -15.44 39.38
C LYS D 184 -9.91 -14.06 38.78
N ILE D 185 -10.84 -13.73 37.91
CA ILE D 185 -10.92 -12.46 37.20
C ILE D 185 -12.01 -11.56 37.78
N SER D 186 -11.59 -10.35 38.15
CA SER D 186 -12.42 -9.32 38.75
C SER D 186 -12.39 -8.12 37.83
N VAL D 187 -13.56 -7.68 37.37
CA VAL D 187 -13.65 -6.57 36.44
C VAL D 187 -14.45 -5.48 37.12
N THR D 188 -13.86 -4.30 37.25
CA THR D 188 -14.54 -3.11 37.74
C THR D 188 -14.36 -1.99 36.74
N PHE D 189 -15.22 -0.99 36.82
CA PHE D 189 -15.10 0.22 36.02
C PHE D 189 -14.86 1.39 36.95
N ASP D 190 -13.68 2.02 36.80
CA ASP D 190 -13.22 3.02 37.75
C ASP D 190 -13.07 4.38 37.08
N PRO D 191 -13.49 5.45 37.75
CA PRO D 191 -13.30 6.80 37.20
C PRO D 191 -11.89 7.31 37.41
N PHE D 192 -11.52 8.27 36.56
CA PHE D 192 -10.25 8.98 36.67
C PHE D 192 -10.48 10.43 36.25
N CYS D 193 -9.64 11.32 36.76
CA CYS D 193 -9.63 12.71 36.32
C CYS D 193 -8.32 13.09 35.63
N TYR D 194 -7.35 12.19 35.56
CA TYR D 194 -6.14 12.39 34.79
C TYR D 194 -5.48 11.04 34.58
N LEU D 195 -4.60 10.98 33.57
CA LEU D 195 -3.85 9.77 33.25
C LEU D 195 -2.37 9.98 33.56
N THR D 196 -1.76 9.00 34.22
CA THR D 196 -0.33 8.98 34.47
C THR D 196 0.30 7.94 33.54
N LEU D 197 1.09 8.41 32.58
CA LEU D 197 1.64 7.50 31.58
C LEU D 197 3.04 7.08 31.96
N PRO D 198 3.35 5.79 31.94
CA PRO D 198 4.72 5.35 32.19
C PRO D 198 5.60 5.55 30.97
N LEU D 199 6.87 5.73 31.22
CA LEU D 199 7.77 5.77 30.08
C LEU D 199 8.47 4.43 29.92
N PRO D 200 8.93 4.09 28.71
CA PRO D 200 9.65 2.81 28.55
C PRO D 200 10.92 2.79 29.39
N MET D 201 11.14 1.66 30.06
CA MET D 201 12.39 1.47 30.77
C MET D 201 13.11 0.24 30.24
N PRO D 202 14.45 0.28 30.09
CA PRO D 202 15.28 1.42 30.48
C PRO D 202 15.14 2.62 29.57
N LYS D 203 15.64 3.75 30.05
CA LYS D 203 15.43 5.02 29.39
C LYS D 203 15.84 4.95 27.91
N LYS D 204 14.91 5.29 27.04
CA LYS D 204 15.11 5.51 25.63
C LYS D 204 15.23 7.01 25.33
N PRO D 205 15.98 7.40 24.31
CA PRO D 205 16.10 8.83 24.02
C PRO D 205 14.86 9.43 23.37
N PHE D 206 14.01 8.62 22.75
CA PHE D 206 12.86 9.12 22.01
C PHE D 206 11.73 8.11 22.10
N VAL D 207 10.53 8.59 22.41
CA VAL D 207 9.34 7.76 22.44
C VAL D 207 8.15 8.59 21.95
N LYS D 208 7.21 7.91 21.31
CA LYS D 208 5.98 8.56 20.87
C LYS D 208 4.93 8.43 21.96
N LEU D 209 4.06 9.44 22.04
CA LEU D 209 3.03 9.46 23.09
C LEU D 209 2.18 8.20 23.04
N LYS D 210 1.92 7.69 21.84
CA LYS D 210 1.10 6.49 21.68
C LYS D 210 1.77 5.27 22.28
N ASP D 211 3.10 5.18 22.18
CA ASP D 211 3.81 4.07 22.81
C ASP D 211 3.62 4.09 24.33
N CYS D 212 3.58 5.29 24.91
CA CYS D 212 3.36 5.41 26.36
C CYS D 212 1.93 5.01 26.72
N ILE D 213 0.97 5.36 25.86
CA ILE D 213 -0.42 4.96 26.10
C ILE D 213 -0.56 3.44 26.02
N GLU D 214 0.19 2.80 25.11
CA GLU D 214 0.08 1.36 24.98
C GLU D 214 0.73 0.64 26.15
N LEU D 215 1.78 1.23 26.73
CA LEU D 215 2.33 0.69 27.97
C LEU D 215 1.37 0.87 29.13
N PHE D 216 0.63 1.99 29.14
CA PHE D 216 -0.33 2.24 30.21
C PHE D 216 -1.40 1.15 30.24
N THR D 217 -1.79 0.65 29.07
CA THR D 217 -2.83 -0.36 28.96
C THR D 217 -2.26 -1.76 28.94
N THR D 218 -1.01 -1.93 29.35
CA THR D 218 -0.36 -3.24 29.39
C THR D 218 -0.50 -3.83 30.78
N LYS D 219 -0.86 -5.09 30.85
CA LYS D 219 -1.02 -5.69 32.17
C LYS D 219 0.28 -5.74 32.95
N GLU D 220 0.23 -5.21 34.16
CA GLU D 220 1.28 -5.31 35.16
C GLU D 220 0.92 -6.14 36.37
N LYS D 221 1.99 -6.62 36.99
CA LYS D 221 1.96 -7.31 38.25
C LYS D 221 2.06 -6.30 39.39
N LEU D 222 1.08 -6.35 40.29
CA LEU D 222 0.93 -5.47 41.42
C LEU D 222 2.20 -5.22 42.22
N GLU D 225 2.80 -2.17 46.28
CA GLU D 225 2.35 -1.13 47.21
C GLU D 225 0.86 -0.82 47.04
N ASP D 226 0.16 -1.61 46.21
CA ASP D 226 -1.29 -1.59 46.14
C ASP D 226 -1.81 -2.86 46.82
N PRO D 227 -2.24 -2.79 48.08
CA PRO D 227 -2.71 -4.00 48.78
C PRO D 227 -4.09 -4.42 48.28
N TRP D 228 -4.16 -5.64 47.72
CA TRP D 228 -5.39 -6.13 47.11
C TRP D 228 -5.71 -7.52 47.65
N TYR D 229 -6.97 -7.70 48.05
CA TYR D 229 -7.48 -8.93 48.64
C TYR D 229 -8.20 -9.78 47.60
N CYS D 230 -7.74 -11.02 47.43
CA CYS D 230 -8.52 -11.97 46.65
C CYS D 230 -9.57 -12.55 47.60
N PRO D 231 -10.86 -12.32 47.36
CA PRO D 231 -11.87 -12.87 48.29
C PRO D 231 -11.88 -14.37 48.38
N ASN D 232 -11.64 -15.07 47.26
CA ASN D 232 -11.70 -16.53 47.27
C ASN D 232 -10.42 -17.18 47.79
N CYS D 233 -9.27 -16.78 47.23
CA CYS D 233 -8.03 -17.51 47.48
C CYS D 233 -7.46 -17.35 48.88
N LYS D 234 -8.02 -16.46 49.69
CA LYS D 234 -7.89 -16.42 51.15
C LYS D 234 -6.86 -15.44 51.72
N GLU D 235 -5.95 -14.91 50.90
CA GLU D 235 -5.00 -13.92 51.42
C GLU D 235 -4.82 -12.79 50.42
N HIS D 236 -4.04 -11.80 50.84
CA HIS D 236 -3.63 -10.72 49.93
C HIS D 236 -2.60 -11.24 48.94
N GLN D 237 -2.75 -10.82 47.68
CA GLN D 237 -1.92 -11.31 46.60
C GLN D 237 -1.47 -10.15 45.72
N GLN D 238 -0.39 -10.41 44.97
CA GLN D 238 0.14 -9.46 43.98
C GLN D 238 -0.45 -9.86 42.63
N ALA D 239 -1.65 -9.35 42.38
CA ALA D 239 -2.40 -9.66 41.15
C ALA D 239 -1.80 -8.90 39.96
N THR D 240 -2.21 -9.29 38.76
CA THR D 240 -1.87 -8.58 37.54
C THR D 240 -3.03 -7.72 37.14
N LYS D 241 -2.82 -6.42 37.02
CA LYS D 241 -3.91 -5.49 36.71
C LYS D 241 -3.77 -4.97 35.27
N LYS D 242 -4.89 -4.89 34.54
CA LYS D 242 -4.90 -4.39 33.18
C LYS D 242 -5.97 -3.32 33.02
N LEU D 243 -5.59 -2.17 32.45
CA LEU D 243 -6.47 -1.03 32.29
C LEU D 243 -6.80 -0.80 30.82
N ASP D 244 -8.07 -0.46 30.55
CA ASP D 244 -8.55 -0.11 29.22
C ASP D 244 -9.37 1.16 29.30
N LEU D 245 -9.18 2.06 28.34
CA LEU D 245 -9.90 3.32 28.35
C LEU D 245 -11.31 3.07 27.82
N TRP D 246 -12.32 3.33 28.66
CA TRP D 246 -13.72 3.14 28.28
C TRP D 246 -14.36 4.43 27.79
N SER D 247 -14.19 5.52 28.53
CA SER D 247 -14.67 6.82 28.10
C SER D 247 -13.66 7.88 28.52
N LEU D 248 -13.53 8.90 27.69
CA LEU D 248 -12.54 9.94 27.89
C LEU D 248 -13.22 11.28 28.14
N PRO D 249 -12.64 12.14 28.97
CA PRO D 249 -13.29 13.40 29.31
C PRO D 249 -13.10 14.43 28.21
N PRO D 250 -13.87 15.52 28.24
CA PRO D 250 -13.64 16.61 27.29
C PRO D 250 -12.25 17.21 27.37
N VAL D 251 -11.63 17.21 28.55
CA VAL D 251 -10.26 17.69 28.74
C VAL D 251 -9.44 16.56 29.35
N LEU D 252 -8.45 16.08 28.61
CA LEU D 252 -7.63 14.95 29.02
C LEU D 252 -6.30 15.45 29.56
N VAL D 253 -6.05 15.21 30.84
CA VAL D 253 -4.81 15.62 31.50
C VAL D 253 -3.90 14.40 31.54
N VAL D 254 -2.71 14.54 30.95
CA VAL D 254 -1.78 13.43 30.77
C VAL D 254 -0.50 13.76 31.52
N HIS D 255 -0.21 12.99 32.57
CA HIS D 255 1.00 13.15 33.35
C HIS D 255 2.05 12.15 32.87
N LEU D 256 3.20 12.65 32.42
CA LEU D 256 4.31 11.80 32.02
C LEU D 256 5.14 11.47 33.25
N LYS D 257 5.20 10.20 33.61
CA LYS D 257 5.87 9.76 34.84
C LYS D 257 7.37 9.80 34.59
N ARG D 258 7.98 10.93 34.95
CA ARG D 258 9.40 11.18 34.73
C ARG D 258 10.25 10.99 35.97
N PHE D 259 9.66 10.78 37.14
CA PHE D 259 10.42 10.70 38.38
C PHE D 259 10.39 9.27 38.89
N SER D 260 11.49 8.54 38.63
CA SER D 260 11.64 7.19 39.18
C SER D 260 11.56 7.22 40.70
N TYR D 261 11.99 8.32 41.31
CA TYR D 261 11.93 8.55 42.75
C TYR D 261 10.94 9.68 42.97
N SER D 262 9.65 9.35 42.87
CA SER D 262 8.62 10.38 42.75
C SER D 262 8.52 11.24 44.00
N ARG D 263 8.90 10.72 45.16
CA ARG D 263 8.66 11.46 46.40
C ARG D 263 9.49 12.73 46.47
N TYR D 264 10.73 12.69 46.00
CA TYR D 264 11.62 13.84 46.09
C TYR D 264 11.97 14.41 44.71
N MET D 265 11.23 14.02 43.68
CA MET D 265 11.47 14.51 42.31
C MET D 265 12.90 14.27 41.88
N ARG D 266 13.43 13.09 42.21
CA ARG D 266 14.79 12.70 41.89
C ARG D 266 14.78 11.62 40.82
N ASP D 267 15.96 11.43 40.22
CA ASP D 267 16.19 10.39 39.20
C ASP D 267 15.19 10.52 38.05
N LYS D 268 15.26 11.69 37.40
CA LYS D 268 14.31 12.05 36.36
C LYS D 268 14.72 11.44 35.02
N LEU D 269 13.76 10.88 34.30
CA LEU D 269 14.00 10.29 32.99
C LEU D 269 13.83 11.37 31.92
N ASP D 270 14.90 11.64 31.19
CA ASP D 270 14.97 12.72 30.22
C ASP D 270 14.46 12.32 28.84
N THR D 271 13.82 11.16 28.71
CA THR D 271 13.33 10.67 27.43
C THR D 271 12.56 11.77 26.70
N LEU D 272 12.83 11.92 25.40
CA LEU D 272 12.05 12.87 24.60
C LEU D 272 10.76 12.20 24.18
N VAL D 273 9.66 12.65 24.76
CA VAL D 273 8.33 12.15 24.42
C VAL D 273 7.76 13.03 23.31
N ASP D 274 7.58 12.44 22.13
CA ASP D 274 6.96 13.16 21.02
C ASP D 274 5.44 13.05 21.14
N PHE D 275 4.78 14.19 21.31
CA PHE D 275 3.33 14.24 21.39
C PHE D 275 2.80 15.25 20.37
N PRO D 276 1.62 14.99 19.79
CA PRO D 276 1.10 15.90 18.77
C PRO D 276 0.54 17.17 19.38
N ILE D 277 0.76 18.29 18.68
CA ILE D 277 0.09 19.54 19.05
C ILE D 277 -1.38 19.49 18.64
N ASN D 278 -1.68 18.83 17.53
CA ASN D 278 -3.02 18.80 16.98
C ASN D 278 -3.34 17.39 16.48
N ASP D 279 -4.63 17.07 16.47
CA ASP D 279 -5.15 15.86 15.85
C ASP D 279 -4.59 14.60 16.52
N LEU D 280 -4.65 14.60 17.85
CA LEU D 280 -4.41 13.38 18.62
C LEU D 280 -5.66 12.53 18.58
N ASP D 281 -5.58 11.37 17.91
CA ASP D 281 -6.71 10.47 17.75
C ASP D 281 -6.59 9.34 18.80
N MET D 282 -7.42 9.40 19.85
CA MET D 282 -7.44 8.42 20.93
C MET D 282 -8.35 7.25 20.59
N SER D 283 -8.85 7.27 19.38
CA SER D 283 -9.90 6.37 18.88
C SER D 283 -9.47 4.91 18.94
N GLU D 284 -8.18 4.63 18.65
CA GLU D 284 -7.72 3.27 18.65
C GLU D 284 -7.58 2.70 20.06
N PHE D 285 -7.60 3.54 21.10
CA PHE D 285 -7.44 3.09 22.47
C PHE D 285 -8.76 2.92 23.20
N LEU D 286 -9.88 3.33 22.60
CA LEU D 286 -11.18 3.20 23.24
C LEU D 286 -11.76 1.81 22.99
N ILE D 287 -11.94 1.03 24.07
CA ILE D 287 -12.57 -0.28 23.94
C ILE D 287 -14.09 -0.21 23.99
N ASN D 288 -14.66 0.98 24.20
CA ASN D 288 -16.10 1.17 24.12
C ASN D 288 -16.49 1.35 22.65
N PRO D 289 -17.26 0.42 22.08
CA PRO D 289 -17.61 0.55 20.66
C PRO D 289 -18.56 1.69 20.37
N ASN D 290 -19.47 2.02 21.29
CA ASN D 290 -20.42 3.10 21.05
C ASN D 290 -19.86 4.48 21.34
N ALA D 291 -18.60 4.58 21.77
CA ALA D 291 -17.99 5.89 21.88
C ALA D 291 -17.70 6.42 20.49
N GLY D 292 -17.95 7.71 20.28
CA GLY D 292 -17.66 8.30 19.00
C GLY D 292 -16.18 8.56 18.83
N PRO D 293 -15.83 9.10 17.66
CA PRO D 293 -14.45 9.59 17.48
C PRO D 293 -14.13 10.66 18.51
N CYS D 294 -12.96 10.53 19.12
CA CYS D 294 -12.47 11.41 20.18
C CYS D 294 -11.10 11.91 19.75
N ARG D 295 -11.05 13.06 19.08
CA ARG D 295 -9.80 13.66 18.69
C ARG D 295 -9.53 14.88 19.56
N TYR D 296 -8.26 15.09 19.89
CA TYR D 296 -7.86 16.11 20.85
C TYR D 296 -6.81 17.01 20.22
N ASN D 297 -6.85 18.28 20.63
CA ASN D 297 -5.78 19.23 20.34
C ASN D 297 -5.17 19.67 21.67
N LEU D 298 -3.86 19.87 21.66
CA LEU D 298 -3.16 20.33 22.85
C LEU D 298 -3.53 21.77 23.17
N ILE D 299 -3.74 22.05 24.45
CA ILE D 299 -4.01 23.42 24.89
C ILE D 299 -3.00 23.92 25.92
N ALA D 300 -2.26 23.06 26.60
CA ALA D 300 -1.31 23.52 27.61
C ALA D 300 -0.31 22.41 27.92
N VAL D 301 0.87 22.82 28.36
CA VAL D 301 1.94 21.91 28.77
C VAL D 301 2.63 22.49 29.99
N SER D 302 2.78 21.69 31.04
CA SER D 302 3.61 22.04 32.18
C SER D 302 5.01 21.49 31.94
N ASN D 303 6.00 22.36 32.03
CA ASN D 303 7.40 21.97 31.84
C ASN D 303 8.10 21.88 33.19
N HIS D 304 9.05 20.94 33.29
CA HIS D 304 9.94 20.86 34.44
C HIS D 304 11.37 20.98 33.96
N TYR D 305 12.09 21.95 34.51
CA TYR D 305 13.52 22.10 34.29
C TYR D 305 14.24 21.65 35.55
N GLY D 306 15.15 20.69 35.40
CA GLY D 306 15.90 20.21 36.54
C GLY D 306 16.83 21.27 37.08
N GLY D 307 17.25 21.08 38.33
CA GLY D 307 18.17 22.03 38.92
C GLY D 307 18.26 21.82 40.42
N MET D 308 18.80 22.84 41.08
CA MET D 308 19.05 22.80 42.52
C MET D 308 17.75 22.61 43.30
N GLY D 309 17.60 21.45 43.92
CA GLY D 309 16.42 21.16 44.70
C GLY D 309 15.33 20.55 43.85
N GLY D 310 14.13 21.10 43.94
CA GLY D 310 12.98 20.58 43.22
C GLY D 310 12.89 20.97 41.77
N GLY D 311 13.80 21.79 41.28
CA GLY D 311 13.71 22.27 39.92
C GLY D 311 12.76 23.46 39.81
N HIS D 312 12.42 23.77 38.57
CA HIS D 312 11.58 24.92 38.25
C HIS D 312 10.53 24.51 37.24
N TYR D 313 9.32 25.06 37.39
CA TYR D 313 8.23 24.73 36.49
C TYR D 313 7.76 25.97 35.75
N THR D 314 7.40 25.77 34.47
CA THR D 314 6.82 26.80 33.62
C THR D 314 5.67 26.17 32.85
N ALA D 315 5.06 26.96 31.97
CA ALA D 315 3.91 26.46 31.21
C ALA D 315 3.88 27.04 29.82
N PHE D 316 3.54 26.20 28.85
CA PHE D 316 3.04 26.62 27.55
C PHE D 316 1.52 26.57 27.60
N ALA D 317 0.87 27.55 26.96
CA ALA D 317 -0.59 27.53 26.88
C ALA D 317 -1.04 28.22 25.61
N LYS D 318 -2.14 27.71 25.05
CA LYS D 318 -2.78 28.34 23.90
C LYS D 318 -3.88 29.26 24.41
N ASN D 319 -3.84 30.52 23.98
CA ASN D 319 -4.86 31.48 24.38
C ASN D 319 -6.15 31.22 23.61
N LYS D 320 -7.26 31.11 24.33
CA LYS D 320 -8.52 30.74 23.69
C LYS D 320 -9.02 31.83 22.75
N ASP D 321 -8.64 33.10 23.00
CA ASP D 321 -9.18 34.20 22.21
C ASP D 321 -8.41 34.40 20.90
N ASP D 322 -7.08 34.32 20.92
CA ASP D 322 -6.32 34.50 19.69
C ASP D 322 -5.73 33.21 19.14
N GLY D 323 -5.82 32.09 19.86
CA GLY D 323 -5.33 30.83 19.34
C GLY D 323 -3.83 30.70 19.25
N LYS D 324 -3.07 31.65 19.79
CA LYS D 324 -1.63 31.62 19.72
C LYS D 324 -1.06 31.00 20.98
N TRP D 325 0.16 30.49 20.86
CA TRP D 325 0.84 29.85 21.98
C TRP D 325 1.66 30.87 22.76
N TYR D 326 1.68 30.70 24.08
CA TYR D 326 2.43 31.58 24.96
C TYR D 326 3.23 30.76 25.96
N TYR D 327 4.27 31.39 26.47
CA TYR D 327 5.16 30.79 27.45
C TYR D 327 5.02 31.56 28.75
N PHE D 328 4.79 30.84 29.85
CA PHE D 328 4.54 31.43 31.15
C PHE D 328 5.65 30.98 32.10
N ASP D 329 6.50 31.92 32.52
CA ASP D 329 7.57 31.63 33.47
C ASP D 329 7.34 32.56 34.65
N ASP D 330 6.60 32.06 35.64
CA ASP D 330 6.17 32.86 36.78
C ASP D 330 5.52 34.15 36.30
N SER D 331 6.17 35.29 36.56
CA SER D 331 5.56 36.58 36.21
C SER D 331 5.75 36.96 34.75
N SER D 332 6.57 36.23 34.00
CA SER D 332 6.86 36.58 32.62
C SER D 332 5.95 35.82 31.67
N VAL D 333 5.34 36.55 30.73
CA VAL D 333 4.50 35.98 29.69
C VAL D 333 5.07 36.44 28.36
N SER D 334 5.38 35.48 27.49
CA SER D 334 5.95 35.80 26.19
C SER D 334 5.34 34.88 25.14
N THR D 335 5.38 35.37 23.90
CA THR D 335 4.87 34.59 22.78
C THR D 335 5.74 33.35 22.56
N ALA D 336 5.11 32.31 22.03
CA ALA D 336 5.75 31.03 21.83
C ALA D 336 5.28 30.44 20.50
N SER D 337 6.10 29.58 19.94
CA SER D 337 5.78 28.87 18.71
C SER D 337 5.47 27.41 19.04
N GLU D 338 4.51 26.84 18.32
CA GLU D 338 4.18 25.44 18.48
C GLU D 338 5.40 24.53 18.28
N ASP D 339 6.37 25.00 17.50
CA ASP D 339 7.55 24.19 17.19
C ASP D 339 8.52 24.04 18.35
N GLN D 340 8.39 24.84 19.41
CA GLN D 340 9.28 24.75 20.56
C GLN D 340 8.63 24.08 21.76
N ILE D 341 7.43 23.51 21.60
CA ILE D 341 6.70 22.95 22.73
C ILE D 341 7.21 21.55 23.06
N VAL D 342 7.39 20.70 22.05
CA VAL D 342 7.83 19.33 22.30
C VAL D 342 9.30 19.37 22.69
N SER D 343 9.58 19.09 23.96
CA SER D 343 10.94 19.04 24.49
C SER D 343 10.92 18.08 25.67
N LYS D 344 12.12 17.72 26.15
CA LYS D 344 12.16 16.82 27.30
C LYS D 344 11.63 17.45 28.57
N ALA D 345 11.43 18.76 28.60
CA ALA D 345 10.87 19.41 29.78
C ALA D 345 9.39 19.14 29.93
N ALA D 346 8.71 18.67 28.87
CA ALA D 346 7.28 18.42 28.94
C ALA D 346 6.96 17.41 30.02
N TYR D 347 5.98 17.73 30.86
CA TYR D 347 5.70 16.94 32.06
C TYR D 347 4.23 16.56 32.14
N VAL D 348 3.34 17.55 32.03
CA VAL D 348 1.90 17.32 32.02
C VAL D 348 1.32 17.96 30.77
N LEU D 349 0.51 17.20 30.03
CA LEU D 349 -0.11 17.68 28.80
C LEU D 349 -1.61 17.83 29.03
N PHE D 350 -2.16 18.95 28.59
CA PHE D 350 -3.59 19.21 28.63
C PHE D 350 -4.14 19.13 27.22
N TYR D 351 -5.04 18.17 26.99
CA TYR D 351 -5.66 17.96 25.68
C TYR D 351 -7.15 18.22 25.78
N GLN D 352 -7.71 18.92 24.80
CA GLN D 352 -9.14 19.19 24.74
C GLN D 352 -9.76 18.47 23.56
N ARG D 353 -10.87 17.76 23.82
CA ARG D 353 -11.58 17.05 22.77
C ARG D 353 -12.04 18.05 21.70
N GLN D 354 -11.84 17.68 20.43
CA GLN D 354 -12.20 18.55 19.33
C GLN D 354 -13.68 18.91 19.37
N ASP D 355 -13.95 20.21 19.48
CA ASP D 355 -15.27 20.84 19.35
C ASP D 355 -16.11 20.76 20.63
N SER D 356 -15.47 20.79 21.79
CA SER D 356 -16.20 20.81 23.05
C SER D 356 -16.40 22.22 23.59
N SER D 357 -16.07 23.24 22.82
CA SER D 357 -16.23 24.62 23.28
C SER D 357 -17.09 25.45 22.33
N GLY E 1 14.28 26.97 -34.72
CA GLY E 1 13.63 27.36 -35.97
C GLY E 1 12.28 28.04 -35.68
N ALA E 2 11.86 27.96 -34.42
CA ALA E 2 10.75 28.74 -33.89
C ALA E 2 9.38 28.34 -34.41
N ALA E 3 9.30 27.75 -35.61
CA ALA E 3 7.97 27.44 -36.10
C ALA E 3 7.45 26.17 -35.45
N MET E 4 6.12 26.03 -35.46
CA MET E 4 5.47 24.89 -34.84
C MET E 4 4.08 24.74 -35.44
N GLN E 5 3.51 23.55 -35.25
CA GLN E 5 2.17 23.25 -35.75
C GLN E 5 1.20 23.22 -34.57
N ILE E 6 0.08 23.91 -34.73
CA ILE E 6 -1.02 23.86 -33.79
C ILE E 6 -2.30 23.63 -34.58
N PHE E 7 -3.39 23.38 -33.85
CA PHE E 7 -4.65 23.05 -34.49
C PHE E 7 -5.78 23.84 -33.85
N VAL E 8 -6.86 23.99 -34.61
CA VAL E 8 -8.09 24.64 -34.15
C VAL E 8 -9.26 23.75 -34.55
N LYS E 9 -10.10 23.40 -33.58
CA LYS E 9 -11.27 22.58 -33.85
C LYS E 9 -12.36 23.49 -34.40
N THR E 10 -12.73 23.29 -35.66
CA THR E 10 -13.79 24.11 -36.24
C THR E 10 -15.14 23.78 -35.59
N LEU E 11 -16.16 24.57 -35.95
CA LEU E 11 -17.54 24.37 -35.53
C LEU E 11 -18.07 23.02 -35.96
N ALA E 12 -17.76 22.57 -37.17
CA ALA E 12 -18.20 21.26 -37.65
C ALA E 12 -17.43 20.11 -37.01
N SER E 13 -16.63 20.43 -35.98
CA SER E 13 -15.77 19.46 -35.30
C SER E 13 -14.74 18.85 -36.26
N LYS E 14 -14.36 19.62 -37.28
CA LYS E 14 -13.17 19.36 -38.07
C LYS E 14 -12.01 20.17 -37.51
N PHE E 15 -10.80 19.73 -37.82
CA PHE E 15 -9.59 20.32 -37.25
C PHE E 15 -8.77 20.98 -38.35
N ILE E 16 -8.28 22.18 -38.05
CA ILE E 16 -7.58 23.00 -39.03
C ILE E 16 -6.14 23.17 -38.58
N SER E 17 -5.20 22.99 -39.49
CA SER E 17 -3.79 23.05 -39.18
C SER E 17 -3.25 24.40 -39.58
N LEU E 18 -2.39 24.96 -38.74
CA LEU E 18 -1.80 26.26 -38.98
C LEU E 18 -0.32 26.19 -38.65
N GLU E 19 0.49 26.98 -39.34
CA GLU E 19 1.90 27.19 -38.96
C GLU E 19 1.97 28.49 -38.18
N VAL E 20 2.66 28.44 -37.05
CA VAL E 20 2.59 29.54 -36.11
C VAL E 20 3.89 29.60 -35.34
N GLU E 21 4.22 30.79 -34.86
CA GLU E 21 5.33 31.06 -33.97
C GLU E 21 4.79 31.44 -32.59
N PRO E 22 5.56 31.19 -31.52
CA PRO E 22 5.12 31.63 -30.19
C PRO E 22 4.93 33.14 -30.08
N SER E 23 5.62 33.92 -30.89
CA SER E 23 5.52 35.38 -30.81
C SER E 23 4.31 35.93 -31.58
N ASP E 24 3.56 35.09 -32.28
CA ASP E 24 2.40 35.59 -33.01
C ASP E 24 1.29 35.99 -32.04
N THR E 25 0.68 37.13 -32.31
CA THR E 25 -0.45 37.57 -31.51
C THR E 25 -1.67 36.70 -31.79
N ILE E 26 -2.65 36.78 -30.88
CA ILE E 26 -3.93 36.12 -31.11
C ILE E 26 -4.58 36.67 -32.37
N GLU E 27 -4.33 37.94 -32.69
CA GLU E 27 -4.84 38.52 -33.93
C GLU E 27 -4.26 37.84 -35.16
N ASN E 28 -2.95 37.58 -35.15
CA ASN E 28 -2.33 36.87 -36.27
C ASN E 28 -2.94 35.48 -36.44
N VAL E 29 -3.17 34.78 -35.33
CA VAL E 29 -3.76 33.45 -35.38
C VAL E 29 -5.18 33.52 -35.95
N LYS E 30 -5.97 34.49 -35.51
CA LYS E 30 -7.31 34.67 -36.06
C LYS E 30 -7.26 35.04 -37.54
N ALA E 31 -6.21 35.76 -37.95
CA ALA E 31 -6.07 36.10 -39.36
C ALA E 31 -5.75 34.87 -40.21
N LYS E 32 -4.89 33.99 -39.70
CA LYS E 32 -4.62 32.73 -40.41
C LYS E 32 -5.86 31.86 -40.50
N ILE E 33 -6.70 31.87 -39.45
CA ILE E 33 -7.94 31.10 -39.48
C ILE E 33 -8.87 31.64 -40.55
N GLN E 34 -8.84 32.94 -40.80
CA GLN E 34 -9.64 33.52 -41.88
C GLN E 34 -9.09 33.13 -43.25
N ASP E 35 -7.76 33.03 -43.39
CA ASP E 35 -7.18 32.64 -44.65
C ASP E 35 -7.57 31.22 -45.05
N LYS E 36 -7.97 30.39 -44.09
CA LYS E 36 -8.27 28.98 -44.34
C LYS E 36 -9.76 28.67 -44.25
N GLU E 37 -10.52 29.35 -43.38
CA GLU E 37 -11.95 29.08 -43.25
C GLU E 37 -12.84 30.27 -43.62
N GLY E 38 -12.27 31.38 -44.07
CA GLY E 38 -13.08 32.52 -44.51
C GLY E 38 -13.98 33.14 -43.47
N ILE E 39 -13.61 33.07 -42.20
CA ILE E 39 -14.43 33.55 -41.08
C ILE E 39 -13.77 34.81 -40.52
N PRO E 40 -14.46 35.95 -40.52
CA PRO E 40 -13.82 37.20 -40.06
C PRO E 40 -13.34 37.09 -38.62
N PRO E 41 -12.17 37.65 -38.33
CA PRO E 41 -11.64 37.59 -36.95
C PRO E 41 -12.46 38.32 -35.90
N ASP E 42 -13.20 39.37 -36.28
CA ASP E 42 -14.09 40.02 -35.32
C ASP E 42 -15.15 39.06 -34.80
N GLN E 43 -15.48 38.03 -35.58
CA GLN E 43 -16.46 37.04 -35.15
C GLN E 43 -15.85 35.91 -34.34
N GLN E 44 -14.54 35.69 -34.45
CA GLN E 44 -13.90 34.54 -33.82
C GLN E 44 -13.66 34.76 -32.34
N THR E 45 -13.90 33.72 -31.55
CA THR E 45 -13.45 33.62 -30.17
C THR E 45 -12.68 32.31 -30.01
N LEU E 46 -11.46 32.42 -29.49
CA LEU E 46 -10.57 31.27 -29.34
C LEU E 46 -10.50 30.86 -27.87
N ILE E 47 -10.63 29.57 -27.62
CA ILE E 47 -10.60 29.03 -26.26
C ILE E 47 -9.47 28.00 -26.18
N PHE E 48 -8.72 28.05 -25.08
CA PHE E 48 -7.80 26.98 -24.73
C PHE E 48 -7.77 26.87 -23.21
N ALA E 49 -7.90 25.64 -22.72
CA ALA E 49 -7.86 25.37 -21.27
C ALA E 49 -8.94 26.17 -20.54
N ARG E 50 -10.16 26.15 -21.11
CA ARG E 50 -11.31 26.88 -20.60
C ARG E 50 -11.11 28.40 -20.61
N LYS E 51 -10.17 28.94 -21.39
CA LYS E 51 -9.88 30.37 -21.38
C LYS E 51 -9.87 30.94 -22.80
N GLN E 52 -10.58 32.05 -23.03
CA GLN E 52 -10.22 32.92 -24.14
C GLN E 52 -8.73 33.17 -24.28
N LEU E 53 -8.25 33.03 -25.50
CA LEU E 53 -7.05 33.76 -25.89
C LEU E 53 -7.49 35.16 -26.30
N GLU E 54 -7.02 36.17 -25.58
CA GLU E 54 -7.45 37.54 -25.80
C GLU E 54 -6.56 38.25 -26.81
N ASP E 55 -7.13 39.27 -27.46
CA ASP E 55 -6.39 39.97 -28.50
C ASP E 55 -5.38 40.91 -27.85
N GLY E 56 -4.23 41.05 -28.51
CA GLY E 56 -3.09 41.74 -27.97
C GLY E 56 -2.03 40.82 -27.40
N ARG E 57 -2.42 39.63 -26.96
CA ARG E 57 -1.49 38.67 -26.38
C ARG E 57 -0.89 37.78 -27.47
N THR E 58 0.35 37.36 -27.24
CA THR E 58 1.00 36.36 -28.07
C THR E 58 0.57 34.96 -27.62
N LEU E 59 0.91 33.96 -28.44
CA LEU E 59 0.72 32.58 -28.01
C LEU E 59 1.78 32.16 -26.98
N SER E 60 2.86 32.94 -26.86
CA SER E 60 3.80 32.73 -25.78
C SER E 60 3.19 33.16 -24.44
N ASP E 61 2.37 34.22 -24.46
CA ASP E 61 1.71 34.68 -23.25
C ASP E 61 0.87 33.57 -22.62
N TYR E 62 0.22 32.75 -23.45
CA TYR E 62 -0.55 31.62 -22.96
C TYR E 62 0.24 30.33 -22.95
N ASN E 63 1.52 30.38 -23.36
CA ASN E 63 2.38 29.21 -23.39
C ASN E 63 1.77 28.07 -24.20
N ILE E 64 1.21 28.42 -25.36
CA ILE E 64 0.59 27.42 -26.21
C ILE E 64 1.68 26.47 -26.72
N GLN E 65 1.51 25.19 -26.46
CA GLN E 65 2.51 24.21 -26.86
C GLN E 65 2.23 23.72 -28.27
N LYS E 66 3.24 23.14 -28.90
CA LYS E 66 3.05 22.64 -30.26
C LYS E 66 2.14 21.41 -30.22
N TYR E 67 1.38 21.21 -31.30
CA TYR E 67 0.28 20.26 -31.39
C TYR E 67 -0.87 20.57 -30.41
N SER E 68 -0.91 21.79 -29.86
CA SER E 68 -2.10 22.20 -29.11
C SER E 68 -3.28 22.37 -30.06
N THR E 69 -4.48 22.08 -29.54
CA THR E 69 -5.71 22.20 -30.31
C THR E 69 -6.60 23.21 -29.61
N LEU E 70 -6.74 24.39 -30.20
CA LEU E 70 -7.63 25.42 -29.69
C LEU E 70 -9.08 25.12 -30.10
N HIS E 71 -10.01 25.75 -29.38
CA HIS E 71 -11.42 25.69 -29.71
C HIS E 71 -11.83 26.98 -30.40
N LEU E 72 -12.53 26.86 -31.52
CA LEU E 72 -13.09 28.02 -32.20
C LEU E 72 -14.58 28.08 -31.89
N LEU E 73 -15.04 29.21 -31.37
CA LEU E 73 -16.44 29.46 -31.15
C LEU E 73 -16.84 30.75 -31.87
N LEU E 74 -18.13 30.89 -32.11
CA LEU E 74 -18.65 32.06 -32.83
C LEU E 74 -19.63 32.85 -31.98
N ALA F 2 -12.77 -27.50 34.93
CA ALA F 2 -12.56 -28.49 33.88
C ALA F 2 -13.75 -28.53 32.91
N ALA F 3 -14.93 -28.25 33.44
CA ALA F 3 -16.14 -28.28 32.63
C ALA F 3 -16.28 -27.00 31.82
N MET F 4 -17.19 -27.04 30.85
CA MET F 4 -17.40 -25.89 29.97
C MET F 4 -18.80 -25.93 29.41
N GLN F 5 -19.23 -24.79 28.87
CA GLN F 5 -20.57 -24.63 28.29
C GLN F 5 -20.48 -24.67 26.78
N ILE F 6 -21.33 -25.49 26.16
CA ILE F 6 -21.49 -25.51 24.71
C ILE F 6 -22.99 -25.50 24.40
N PHE F 7 -23.31 -25.35 23.11
CA PHE F 7 -24.69 -25.21 22.67
C PHE F 7 -24.93 -26.08 21.45
N VAL F 8 -26.21 -26.40 21.21
CA VAL F 8 -26.65 -27.15 20.04
C VAL F 8 -27.88 -26.46 19.45
N LYS F 9 -27.84 -26.20 18.15
CA LYS F 9 -28.96 -25.58 17.44
C LYS F 9 -29.98 -26.66 17.08
N THR F 10 -31.18 -26.55 17.62
CA THR F 10 -32.25 -27.51 17.37
C THR F 10 -32.70 -27.50 15.91
N LEU F 11 -33.62 -28.43 15.64
CA LEU F 11 -34.34 -28.44 14.37
C LEU F 11 -35.17 -27.17 14.22
N ALA F 12 -35.80 -26.72 15.30
CA ALA F 12 -36.61 -25.51 15.33
C ALA F 12 -35.78 -24.23 15.44
N SER F 13 -34.47 -24.29 15.21
CA SER F 13 -33.58 -23.14 15.30
C SER F 13 -33.58 -22.53 16.72
N LYS F 14 -33.84 -23.36 17.72
CA LYS F 14 -33.69 -22.99 19.12
C LYS F 14 -32.35 -23.52 19.62
N PHE F 15 -31.91 -23.00 20.76
CA PHE F 15 -30.59 -23.30 21.29
C PHE F 15 -30.70 -23.98 22.64
N ILE F 16 -29.90 -25.03 22.84
CA ILE F 16 -29.84 -25.79 24.06
C ILE F 16 -28.47 -25.59 24.70
N SER F 17 -28.46 -25.40 26.01
CA SER F 17 -27.22 -25.20 26.76
C SER F 17 -26.83 -26.51 27.40
N LEU F 18 -25.54 -26.81 27.41
CA LEU F 18 -25.05 -28.05 27.99
C LEU F 18 -23.79 -27.77 28.78
N GLU F 19 -23.61 -28.53 29.87
CA GLU F 19 -22.36 -28.58 30.60
C GLU F 19 -21.66 -29.88 30.22
N VAL F 20 -20.37 -29.80 29.91
CA VAL F 20 -19.67 -30.84 29.16
C VAL F 20 -18.19 -30.83 29.55
N GLU F 21 -17.52 -31.99 29.40
CA GLU F 21 -16.08 -31.94 29.60
C GLU F 21 -15.46 -32.12 28.22
N PRO F 22 -14.22 -31.69 28.02
CA PRO F 22 -13.53 -32.07 26.77
C PRO F 22 -13.40 -33.58 26.60
N SER F 23 -13.40 -34.37 27.68
CA SER F 23 -13.24 -35.82 27.62
C SER F 23 -14.53 -36.60 27.38
N ASP F 24 -15.69 -35.95 27.38
CA ASP F 24 -16.94 -36.67 27.15
C ASP F 24 -17.09 -37.06 25.68
N THR F 25 -17.54 -38.27 25.46
CA THR F 25 -17.78 -38.79 24.11
C THR F 25 -18.99 -38.13 23.44
N ILE F 26 -19.04 -38.26 22.11
CA ILE F 26 -20.17 -37.77 21.32
C ILE F 26 -21.47 -38.48 21.70
N GLU F 27 -21.39 -39.75 22.06
CA GLU F 27 -22.59 -40.44 22.51
C GLU F 27 -23.14 -39.77 23.74
N ASN F 28 -22.24 -39.40 24.65
CA ASN F 28 -22.67 -38.86 25.92
C ASN F 28 -23.38 -37.53 25.74
N VAL F 29 -22.83 -36.71 24.84
CA VAL F 29 -23.43 -35.43 24.47
C VAL F 29 -24.80 -35.67 23.87
N LYS F 30 -24.93 -36.72 23.05
CA LYS F 30 -26.24 -37.09 22.53
C LYS F 30 -27.18 -37.51 23.66
N ALA F 31 -26.62 -38.10 24.72
CA ALA F 31 -27.45 -38.46 25.88
C ALA F 31 -27.89 -37.22 26.66
N LYS F 32 -26.99 -36.24 26.81
CA LYS F 32 -27.38 -34.98 27.44
C LYS F 32 -28.43 -34.25 26.60
N ILE F 33 -28.33 -34.33 25.27
CA ILE F 33 -29.34 -33.74 24.41
C ILE F 33 -30.66 -34.48 24.58
N GLN F 34 -30.61 -35.79 24.87
CA GLN F 34 -31.82 -36.54 25.13
C GLN F 34 -32.42 -36.19 26.48
N ASP F 35 -31.58 -35.93 27.48
CA ASP F 35 -32.08 -35.52 28.79
C ASP F 35 -32.80 -34.19 28.73
N LYS F 36 -32.52 -33.37 27.71
CA LYS F 36 -33.05 -32.03 27.59
C LYS F 36 -34.16 -31.92 26.55
N GLU F 37 -34.07 -32.65 25.44
CA GLU F 37 -35.08 -32.59 24.40
C GLU F 37 -35.77 -33.91 24.17
N GLY F 38 -35.46 -34.95 24.94
CA GLY F 38 -36.13 -36.22 24.78
C GLY F 38 -36.03 -36.86 23.41
N ILE F 39 -34.95 -36.59 22.68
CA ILE F 39 -34.78 -37.07 21.30
C ILE F 39 -33.80 -38.22 21.38
N PRO F 40 -34.13 -39.45 20.98
CA PRO F 40 -33.19 -40.57 21.10
C PRO F 40 -31.89 -40.34 20.33
N PRO F 41 -30.76 -40.79 20.89
CA PRO F 41 -29.49 -40.70 20.15
C PRO F 41 -29.52 -41.46 18.83
N ASP F 42 -30.46 -42.40 18.67
CA ASP F 42 -30.66 -43.10 17.41
C ASP F 42 -30.87 -42.14 16.24
N GLN F 43 -31.54 -41.01 16.47
CA GLN F 43 -31.86 -40.07 15.40
C GLN F 43 -31.04 -38.79 15.46
N GLN F 44 -29.95 -38.77 16.22
CA GLN F 44 -29.13 -37.59 16.37
C GLN F 44 -27.91 -37.67 15.47
N THR F 45 -27.73 -36.65 14.61
CA THR F 45 -26.46 -36.42 13.95
C THR F 45 -25.96 -35.03 14.33
N LEU F 46 -24.74 -34.96 14.84
CA LEU F 46 -24.15 -33.71 15.29
C LEU F 46 -23.11 -33.26 14.28
N ILE F 47 -23.19 -31.99 13.89
CA ILE F 47 -22.27 -31.42 12.90
C ILE F 47 -21.60 -30.20 13.51
N PHE F 48 -20.29 -30.08 13.30
CA PHE F 48 -19.56 -28.87 13.62
C PHE F 48 -18.47 -28.66 12.60
N ALA F 49 -18.35 -27.43 12.10
CA ALA F 49 -17.33 -27.06 11.13
C ALA F 49 -17.43 -27.92 9.87
N ARG F 50 -18.68 -28.09 9.39
CA ARG F 50 -18.98 -28.89 8.20
C ARG F 50 -18.57 -30.34 8.35
N LYS F 51 -18.34 -30.80 9.58
CA LYS F 51 -17.86 -32.15 9.85
C LYS F 51 -18.83 -32.83 10.81
N GLN F 52 -19.21 -34.06 10.50
CA GLN F 52 -20.10 -34.81 11.35
C GLN F 52 -19.33 -35.42 12.52
N LEU F 53 -19.86 -35.23 13.73
CA LEU F 53 -19.22 -35.80 14.91
C LEU F 53 -19.61 -37.26 15.03
N GLU F 54 -18.60 -38.13 15.03
CA GLU F 54 -18.83 -39.56 15.05
C GLU F 54 -18.82 -40.06 16.49
N ASP F 55 -19.56 -41.14 16.73
CA ASP F 55 -19.61 -41.69 18.07
C ASP F 55 -18.37 -42.53 18.32
N GLY F 56 -17.91 -42.53 19.57
CA GLY F 56 -16.65 -43.09 19.94
C GLY F 56 -15.56 -42.06 20.17
N ARG F 57 -15.65 -40.91 19.50
CA ARG F 57 -14.68 -39.85 19.70
C ARG F 57 -15.12 -38.93 20.84
N THR F 58 -14.15 -38.37 21.54
CA THR F 58 -14.40 -37.33 22.52
C THR F 58 -14.54 -35.98 21.82
N LEU F 59 -15.01 -34.98 22.58
CA LEU F 59 -14.99 -33.63 22.04
C LEU F 59 -13.60 -33.03 22.04
N SER F 60 -12.67 -33.64 22.78
CA SER F 60 -11.27 -33.25 22.65
C SER F 60 -10.71 -33.69 21.30
N ASP F 61 -11.17 -34.84 20.81
CA ASP F 61 -10.77 -35.31 19.49
C ASP F 61 -11.08 -34.28 18.42
N TYR F 62 -12.21 -33.58 18.56
CA TYR F 62 -12.59 -32.52 17.62
C TYR F 62 -12.17 -31.14 18.08
N ASN F 63 -11.50 -31.03 19.24
CA ASN F 63 -11.04 -29.76 19.79
C ASN F 63 -12.19 -28.77 19.92
N ILE F 64 -13.32 -29.25 20.41
CA ILE F 64 -14.50 -28.41 20.60
C ILE F 64 -14.20 -27.38 21.69
N GLN F 65 -14.36 -26.11 21.37
CA GLN F 65 -14.05 -25.02 22.27
C GLN F 65 -15.28 -24.64 23.10
N LYS F 66 -15.03 -23.89 24.17
CA LYS F 66 -16.13 -23.43 25.02
C LYS F 66 -16.99 -22.44 24.24
N TYR F 67 -18.29 -22.45 24.55
CA TYR F 67 -19.32 -21.71 23.81
C TYR F 67 -19.41 -22.12 22.35
N SER F 68 -18.87 -23.28 21.96
CA SER F 68 -19.14 -23.79 20.63
C SER F 68 -20.61 -24.17 20.52
N THR F 69 -21.17 -23.98 19.32
CA THR F 69 -22.56 -24.33 19.05
C THR F 69 -22.59 -25.37 17.94
N LEU F 70 -22.92 -26.60 18.32
CA LEU F 70 -23.06 -27.68 17.37
C LEU F 70 -24.40 -27.59 16.65
N HIS F 71 -24.48 -28.27 15.51
CA HIS F 71 -25.72 -28.38 14.76
C HIS F 71 -26.33 -29.75 15.04
N LEU F 72 -27.61 -29.77 15.33
CA LEU F 72 -28.36 -31.00 15.53
C LEU F 72 -29.18 -31.28 14.28
N LEU F 73 -29.02 -32.48 13.68
CA LEU F 73 -29.93 -32.86 12.62
C LEU F 73 -30.59 -34.17 13.01
N LEU F 74 -31.84 -34.33 12.61
CA LEU F 74 -32.58 -35.56 12.84
C LEU F 74 -32.35 -36.51 11.67
N ARG F 75 -31.89 -37.72 11.98
CA ARG F 75 -31.58 -38.72 10.96
C ARG F 75 -32.81 -39.12 10.15
N ALA G 2 -24.98 -2.53 57.48
CA ALA G 2 -24.22 -3.63 58.06
C ALA G 2 -22.71 -3.37 57.98
N ALA G 3 -21.99 -3.85 58.98
CA ALA G 3 -20.54 -3.66 59.09
C ALA G 3 -19.80 -4.61 58.14
N MET G 4 -18.49 -4.36 58.00
CA MET G 4 -17.69 -5.08 57.01
C MET G 4 -16.24 -5.16 57.48
N GLN G 5 -15.47 -5.96 56.75
CA GLN G 5 -14.06 -6.21 57.05
C GLN G 5 -13.16 -5.36 56.15
N ILE G 6 -12.19 -4.67 56.77
CA ILE G 6 -11.16 -3.93 56.06
C ILE G 6 -9.81 -4.25 56.70
N PHE G 7 -8.75 -3.78 56.05
CA PHE G 7 -7.39 -4.04 56.49
C PHE G 7 -6.57 -2.76 56.44
N VAL G 8 -5.47 -2.74 57.21
CA VAL G 8 -4.51 -1.65 57.19
C VAL G 8 -3.10 -2.26 57.12
N LYS G 9 -2.32 -1.84 56.13
CA LYS G 9 -0.97 -2.34 55.92
C LYS G 9 0.04 -1.55 56.76
N THR G 10 0.72 -2.26 57.67
CA THR G 10 1.80 -1.68 58.46
C THR G 10 3.01 -1.33 57.57
N LEU G 11 4.04 -0.76 58.20
CA LEU G 11 5.29 -0.53 57.49
C LEU G 11 5.91 -1.84 57.00
N ALA G 12 5.88 -2.87 57.85
CA ALA G 12 6.49 -4.17 57.55
C ALA G 12 5.64 -5.03 56.62
N SER G 13 4.57 -4.49 56.04
CA SER G 13 3.88 -5.11 54.91
C SER G 13 3.23 -6.44 55.29
N LYS G 14 2.57 -6.45 56.45
CA LYS G 14 1.61 -7.48 56.81
C LYS G 14 0.43 -6.82 57.50
N PHE G 15 -0.75 -7.37 57.26
CA PHE G 15 -2.00 -6.64 57.39
C PHE G 15 -2.76 -7.02 58.66
N ILE G 16 -3.67 -6.15 59.05
CA ILE G 16 -4.54 -6.33 60.20
C ILE G 16 -5.98 -6.22 59.76
N SER G 17 -6.81 -7.16 60.22
CA SER G 17 -8.21 -7.23 59.80
C SER G 17 -9.05 -6.58 60.89
N LEU G 18 -10.06 -5.83 60.46
CA LEU G 18 -10.88 -5.06 61.38
C LEU G 18 -12.34 -5.19 61.03
N GLU G 19 -13.20 -5.05 62.03
CA GLU G 19 -14.59 -4.91 61.72
C GLU G 19 -15.00 -3.47 61.93
N VAL G 20 -15.72 -2.91 60.95
CA VAL G 20 -16.04 -1.48 60.95
C VAL G 20 -17.36 -1.31 60.24
N GLU G 21 -18.07 -0.26 60.58
CA GLU G 21 -19.26 -0.01 59.80
C GLU G 21 -19.01 1.17 58.88
N PRO G 22 -19.71 1.28 57.75
CA PRO G 22 -19.57 2.49 56.93
C PRO G 22 -19.83 3.75 57.73
N SER G 23 -20.61 3.62 58.81
CA SER G 23 -20.90 4.73 59.71
C SER G 23 -19.82 4.94 60.76
N ASP G 24 -18.81 4.08 60.83
CA ASP G 24 -17.78 4.26 61.84
C ASP G 24 -16.90 5.45 61.50
N THR G 25 -16.63 6.28 62.49
CA THR G 25 -15.70 7.37 62.29
C THR G 25 -14.28 6.82 62.22
N ILE G 26 -13.38 7.63 61.65
CA ILE G 26 -11.96 7.27 61.61
C ILE G 26 -11.37 7.15 63.01
N GLU G 27 -11.94 7.86 63.99
CA GLU G 27 -11.46 7.70 65.36
C GLU G 27 -11.63 6.27 65.85
N ASN G 28 -12.75 5.62 65.53
CA ASN G 28 -12.87 4.19 65.81
C ASN G 28 -11.81 3.35 65.15
N VAL G 29 -11.60 3.58 63.86
CA VAL G 29 -10.64 2.76 63.14
C VAL G 29 -9.28 2.90 63.81
N LYS G 30 -8.91 4.12 64.18
CA LYS G 30 -7.72 4.32 64.98
C LYS G 30 -7.88 3.76 66.39
N ALA G 31 -9.09 3.83 66.96
CA ALA G 31 -9.33 3.26 68.29
C ALA G 31 -9.35 1.73 68.25
N LYS G 32 -9.97 1.14 67.21
CA LYS G 32 -9.91 -0.30 67.07
C LYS G 32 -8.49 -0.77 66.84
N ILE G 33 -7.69 0.02 66.12
CA ILE G 33 -6.27 -0.31 66.01
C ILE G 33 -5.62 -0.18 67.38
N GLN G 34 -6.10 0.74 68.21
CA GLN G 34 -5.61 0.84 69.58
C GLN G 34 -6.13 -0.28 70.47
N ASP G 35 -7.39 -0.70 70.26
CA ASP G 35 -8.00 -1.73 71.10
C ASP G 35 -7.29 -3.07 71.02
N LYS G 36 -6.56 -3.34 69.94
CA LYS G 36 -6.01 -4.66 69.68
C LYS G 36 -4.53 -4.66 69.33
N GLU G 37 -3.98 -3.55 68.82
CA GLU G 37 -2.60 -3.47 68.37
C GLU G 37 -1.76 -2.58 69.28
N GLY G 38 -2.34 -2.12 70.39
CA GLY G 38 -1.63 -1.30 71.37
C GLY G 38 -1.12 0.01 70.81
N ILE G 39 -1.77 0.53 69.78
CA ILE G 39 -1.29 1.74 69.09
C ILE G 39 -2.30 2.87 69.37
N PRO G 40 -1.90 3.86 70.20
CA PRO G 40 -2.87 4.96 70.48
C PRO G 40 -3.17 5.77 69.29
N PRO G 41 -4.40 6.33 69.19
CA PRO G 41 -4.78 7.16 68.02
C PRO G 41 -3.89 8.37 67.79
N ASP G 42 -3.18 8.84 68.81
CA ASP G 42 -2.17 9.86 68.63
C ASP G 42 -1.07 9.42 67.67
N GLN G 43 -0.70 8.14 67.76
CA GLN G 43 0.38 7.58 66.97
C GLN G 43 0.12 7.59 65.47
N GLN G 44 -1.13 7.41 65.05
CA GLN G 44 -1.43 6.91 63.72
C GLN G 44 -1.98 7.97 62.78
N THR G 45 -1.58 7.87 61.52
CA THR G 45 -2.20 8.59 60.40
C THR G 45 -2.61 7.55 59.36
N LEU G 46 -3.88 7.55 58.98
CA LEU G 46 -4.43 6.56 58.07
C LEU G 46 -4.65 7.19 56.69
N ILE G 47 -4.14 6.54 55.65
CA ILE G 47 -4.12 7.04 54.28
C ILE G 47 -4.79 6.01 53.38
N PHE G 48 -5.57 6.47 52.39
CA PHE G 48 -6.11 5.57 51.38
C PHE G 48 -6.16 6.19 49.99
N ALA G 49 -5.64 5.45 48.99
CA ALA G 49 -5.66 5.89 47.59
C ALA G 49 -4.94 7.22 47.39
N ARG G 50 -3.79 7.36 48.04
CA ARG G 50 -2.99 8.58 47.95
C ARG G 50 -3.79 9.83 48.37
N LYS G 51 -4.97 9.62 49.00
CA LYS G 51 -5.82 10.67 49.50
C LYS G 51 -6.07 10.34 50.97
N GLN G 52 -5.82 11.31 51.88
CA GLN G 52 -5.42 10.93 53.24
C GLN G 52 -6.69 11.16 54.08
N LEU G 53 -7.15 10.20 54.86
CA LEU G 53 -8.33 10.48 55.73
C LEU G 53 -8.01 11.24 57.00
N GLU G 54 -8.74 12.34 57.18
CA GLU G 54 -8.68 13.27 58.29
C GLU G 54 -9.67 12.82 59.36
N ASP G 55 -9.38 13.15 60.61
CA ASP G 55 -10.25 12.68 61.67
C ASP G 55 -11.47 13.58 61.84
N GLY G 56 -12.57 12.96 62.29
CA GLY G 56 -13.89 13.56 62.27
C GLY G 56 -14.82 13.00 61.21
N ARG G 57 -14.28 12.47 60.12
CA ARG G 57 -15.08 11.87 59.07
C ARG G 57 -15.34 10.39 59.34
N THR G 58 -16.47 9.91 58.83
CA THR G 58 -16.79 8.50 58.81
C THR G 58 -16.05 7.80 57.67
N LEU G 59 -16.12 6.46 57.68
CA LEU G 59 -15.63 5.72 56.53
C LEU G 59 -16.59 5.80 55.36
N SER G 60 -17.83 6.24 55.59
CA SER G 60 -18.77 6.49 54.51
C SER G 60 -18.42 7.76 53.73
N ASP G 61 -17.93 8.79 54.43
CA ASP G 61 -17.58 10.03 53.75
C ASP G 61 -16.62 9.81 52.59
N TYR G 62 -15.69 8.88 52.76
CA TYR G 62 -14.72 8.52 51.73
C TYR G 62 -15.11 7.31 50.90
N ASN G 63 -16.30 6.75 51.11
CA ASN G 63 -16.77 5.60 50.32
C ASN G 63 -15.82 4.43 50.42
N ILE G 64 -15.34 4.14 51.62
CA ILE G 64 -14.44 3.00 51.83
C ILE G 64 -15.22 1.72 51.57
N GLN G 65 -14.74 0.92 50.62
CA GLN G 65 -15.42 -0.30 50.23
C GLN G 65 -14.90 -1.48 51.05
N LYS G 66 -15.66 -2.57 51.03
CA LYS G 66 -15.23 -3.75 51.76
C LYS G 66 -13.97 -4.35 51.11
N TYR G 67 -13.13 -4.94 51.96
CA TYR G 67 -11.78 -5.38 51.61
C TYR G 67 -10.88 -4.23 51.15
N SER G 68 -11.25 -2.98 51.41
CA SER G 68 -10.29 -1.91 51.20
C SER G 68 -9.17 -2.04 52.21
N THR G 69 -7.96 -1.67 51.79
CA THR G 69 -6.79 -1.75 52.65
C THR G 69 -6.19 -0.36 52.80
N LEU G 70 -6.31 0.20 54.01
CA LEU G 70 -5.71 1.48 54.30
C LEU G 70 -4.21 1.33 54.52
N HIS G 71 -3.48 2.44 54.38
CA HIS G 71 -2.08 2.52 54.73
C HIS G 71 -1.94 3.25 56.06
N LEU G 72 -1.16 2.69 56.97
CA LEU G 72 -0.92 3.28 58.28
C LEU G 72 0.44 3.96 58.32
N LEU G 73 0.47 5.19 58.81
CA LEU G 73 1.70 5.95 58.98
C LEU G 73 1.95 6.26 60.45
N ALA H 2 21.67 3.28 -59.77
CA ALA H 2 22.53 4.41 -59.45
C ALA H 2 23.45 4.10 -58.28
N ALA H 3 24.57 4.81 -58.23
CA ALA H 3 25.62 4.64 -57.24
C ALA H 3 25.24 5.31 -55.92
N MET H 4 26.08 5.10 -54.92
CA MET H 4 25.83 5.61 -53.57
C MET H 4 27.17 5.90 -52.91
N GLN H 5 27.11 6.64 -51.80
CA GLN H 5 28.30 7.07 -51.09
C GLN H 5 28.52 6.20 -49.86
N ILE H 6 29.75 5.67 -49.74
CA ILE H 6 30.19 4.96 -48.54
C ILE H 6 31.57 5.48 -48.18
N PHE H 7 32.04 5.08 -47.00
CA PHE H 7 33.30 5.58 -46.48
C PHE H 7 34.08 4.44 -45.87
N VAL H 8 35.39 4.61 -45.82
CA VAL H 8 36.26 3.70 -45.11
C VAL H 8 37.16 4.60 -44.27
N LYS H 9 37.01 4.50 -42.96
CA LYS H 9 37.78 5.29 -42.01
C LYS H 9 39.09 4.58 -41.70
N THR H 10 40.21 5.23 -42.02
CA THR H 10 41.56 4.75 -41.71
C THR H 10 41.70 4.66 -40.19
N LEU H 11 42.83 4.18 -39.66
CA LEU H 11 42.94 4.22 -38.21
C LEU H 11 42.88 5.67 -37.71
N ALA H 12 43.41 6.60 -38.50
CA ALA H 12 43.31 8.02 -38.21
C ALA H 12 41.92 8.51 -38.55
N ILE H 16 36.91 8.60 -45.06
CA ILE H 16 37.22 9.06 -46.41
C ILE H 16 36.20 8.45 -47.37
N SER H 17 35.75 9.28 -48.31
CA SER H 17 34.51 9.08 -49.06
C SER H 17 34.71 8.40 -50.42
N LEU H 18 33.71 7.59 -50.79
CA LEU H 18 33.66 6.83 -52.03
C LEU H 18 32.29 6.93 -52.66
N GLU H 19 32.25 6.85 -53.99
CA GLU H 19 31.01 6.59 -54.73
C GLU H 19 31.08 5.15 -55.22
N VAL H 20 30.00 4.38 -55.00
CA VAL H 20 30.04 2.93 -55.16
C VAL H 20 28.67 2.43 -55.58
N GLU H 21 28.66 1.25 -56.22
CA GLU H 21 27.43 0.54 -56.55
C GLU H 21 27.29 -0.70 -55.67
N PRO H 22 26.06 -1.16 -55.40
CA PRO H 22 25.90 -2.42 -54.66
C PRO H 22 26.53 -3.62 -55.35
N SER H 23 26.66 -3.58 -56.67
CA SER H 23 27.24 -4.69 -57.44
C SER H 23 28.76 -4.66 -57.46
N ASP H 24 29.40 -3.68 -56.83
CA ASP H 24 30.85 -3.58 -56.83
C ASP H 24 31.46 -4.73 -56.02
N THR H 25 32.58 -5.27 -56.52
CA THR H 25 33.28 -6.28 -55.73
C THR H 25 33.89 -5.62 -54.50
N ILE H 26 34.19 -6.45 -53.51
CA ILE H 26 34.96 -5.94 -52.38
C ILE H 26 36.32 -5.45 -52.87
N GLU H 27 36.84 -6.11 -53.91
CA GLU H 27 38.08 -5.68 -54.54
C GLU H 27 37.92 -4.34 -55.24
N ASN H 28 36.79 -4.09 -55.93
CA ASN H 28 36.61 -2.79 -56.55
C ASN H 28 36.78 -1.70 -55.52
N VAL H 29 36.21 -1.91 -54.34
CA VAL H 29 36.44 -0.99 -53.24
C VAL H 29 37.91 -1.00 -52.86
N LYS H 30 38.51 -2.17 -52.74
CA LYS H 30 39.96 -2.29 -52.51
C LYS H 30 40.77 -1.85 -53.73
N ALA H 31 40.27 -2.05 -54.95
CA ALA H 31 40.96 -1.51 -56.12
C ALA H 31 40.86 0.01 -56.09
N LYS H 32 39.72 0.52 -55.61
CA LYS H 32 39.64 1.93 -55.25
C LYS H 32 40.61 2.24 -54.11
N ILE H 33 40.87 1.28 -53.19
CA ILE H 33 41.71 1.62 -52.03
C ILE H 33 43.18 1.93 -52.43
N GLN H 34 43.70 1.34 -53.52
CA GLN H 34 45.06 1.75 -53.91
C GLN H 34 44.98 3.10 -54.54
N ASP H 35 43.92 3.27 -55.31
CA ASP H 35 43.61 4.49 -56.00
C ASP H 35 43.27 5.57 -54.98
N LYS H 36 42.78 5.16 -53.78
CA LYS H 36 42.29 6.01 -52.69
C LYS H 36 43.51 6.73 -52.10
N GLU H 37 44.28 6.07 -51.19
CA GLU H 37 45.42 6.73 -50.55
C GLU H 37 46.76 6.03 -50.83
N GLY H 38 46.83 5.22 -51.89
CA GLY H 38 48.04 4.51 -52.20
C GLY H 38 48.23 3.29 -51.33
N ILE H 39 47.15 2.63 -50.94
CA ILE H 39 47.17 1.51 -50.02
C ILE H 39 46.92 0.22 -50.85
N PRO H 40 47.89 -0.68 -50.93
CA PRO H 40 47.67 -1.91 -51.72
C PRO H 40 46.52 -2.72 -51.14
N PRO H 41 45.74 -3.38 -52.00
CA PRO H 41 44.59 -4.16 -51.49
C PRO H 41 44.95 -5.23 -50.48
N ASP H 42 46.18 -5.71 -50.45
CA ASP H 42 46.62 -6.61 -49.38
C ASP H 42 46.45 -5.97 -48.00
N THR H 45 42.53 -5.24 -45.18
CA THR H 45 41.36 -5.97 -44.70
C THR H 45 40.24 -5.00 -44.32
N LEU H 46 39.05 -5.24 -44.87
CA LEU H 46 37.90 -4.37 -44.68
C LEU H 46 36.92 -5.00 -43.70
N ILE H 47 36.46 -4.22 -42.73
CA ILE H 47 35.55 -4.67 -41.69
C ILE H 47 34.30 -3.81 -41.72
N PHE H 48 33.14 -4.45 -41.57
CA PHE H 48 31.88 -3.74 -41.36
C PHE H 48 31.00 -4.56 -40.44
N ALA H 49 30.41 -3.88 -39.45
CA ALA H 49 29.47 -4.52 -38.51
C ALA H 49 30.12 -5.67 -37.76
N ARG H 50 31.34 -5.45 -37.28
CA ARG H 50 32.13 -6.39 -36.51
C ARG H 50 32.38 -7.69 -37.26
N LYS H 51 32.14 -7.67 -38.57
CA LYS H 51 32.17 -8.83 -39.43
C LYS H 51 33.07 -8.52 -40.61
N GLN H 52 34.01 -9.42 -40.92
CA GLN H 52 35.00 -9.11 -41.94
C GLN H 52 34.46 -9.37 -43.34
N LEU H 53 34.66 -8.39 -44.23
CA LEU H 53 34.28 -8.48 -45.63
C LEU H 53 35.37 -9.15 -46.47
N GLU H 54 34.97 -10.20 -47.18
CA GLU H 54 35.80 -11.05 -48.03
C GLU H 54 35.88 -10.56 -49.46
N ASP H 55 37.03 -10.81 -50.08
CA ASP H 55 37.23 -10.43 -51.46
C ASP H 55 36.57 -11.51 -52.32
N GLY H 56 35.99 -11.09 -53.44
CA GLY H 56 35.16 -11.94 -54.24
C GLY H 56 33.68 -11.70 -54.03
N ARG H 57 33.30 -11.24 -52.84
CA ARG H 57 31.92 -10.92 -52.55
C ARG H 57 31.62 -9.49 -52.94
N THR H 58 30.39 -9.24 -53.35
CA THR H 58 29.94 -7.88 -53.57
C THR H 58 29.51 -7.26 -52.24
N LEU H 59 29.40 -5.93 -52.21
CA LEU H 59 28.78 -5.33 -51.03
C LEU H 59 27.27 -5.41 -51.07
N SER H 60 26.67 -5.83 -52.19
CA SER H 60 25.26 -6.20 -52.15
C SER H 60 25.08 -7.46 -51.33
N ASP H 61 26.05 -8.37 -51.38
CA ASP H 61 26.04 -9.58 -50.56
C ASP H 61 25.93 -9.23 -49.07
N TYR H 62 26.58 -8.14 -48.67
CA TYR H 62 26.56 -7.69 -47.28
C TYR H 62 25.49 -6.63 -47.03
N ASN H 63 24.71 -6.26 -48.05
CA ASN H 63 23.63 -5.28 -47.93
C ASN H 63 24.15 -3.96 -47.36
N ILE H 64 25.29 -3.51 -47.86
CA ILE H 64 25.87 -2.25 -47.42
C ILE H 64 24.98 -1.11 -47.85
N GLN H 65 24.55 -0.28 -46.90
CA GLN H 65 23.64 0.81 -47.19
C GLN H 65 24.42 2.07 -47.52
N LYS H 66 23.72 3.02 -48.13
CA LYS H 66 24.34 4.31 -48.43
C LYS H 66 24.61 5.04 -47.12
N TYR H 67 25.64 5.88 -47.13
CA TYR H 67 26.06 6.58 -45.93
C TYR H 67 26.58 5.65 -44.84
N SER H 68 26.83 4.38 -45.19
CA SER H 68 27.52 3.45 -44.32
C SER H 68 28.98 3.81 -44.18
N THR H 69 29.55 3.53 -43.01
CA THR H 69 30.95 3.83 -42.72
C THR H 69 31.69 2.52 -42.41
N LEU H 70 32.55 2.11 -43.34
CA LEU H 70 33.39 0.95 -43.14
C LEU H 70 34.61 1.29 -42.28
N HIS H 71 35.19 0.26 -41.67
CA HIS H 71 36.45 0.37 -40.95
C HIS H 71 37.55 -0.26 -41.80
N LEU H 72 38.66 0.45 -41.99
CA LEU H 72 39.81 -0.10 -42.68
C LEU H 72 40.92 -0.39 -41.68
N LEU H 73 41.43 -1.61 -41.71
CA LEU H 73 42.58 -2.01 -40.93
C LEU H 73 43.66 -2.48 -41.89
N LEU H 74 44.91 -2.34 -41.48
CA LEU H 74 46.04 -2.75 -42.30
C LEU H 74 46.66 -4.02 -41.74
N ARG H 75 47.27 -4.79 -42.64
CA ARG H 75 47.99 -6.02 -42.27
C ARG H 75 47.14 -6.97 -41.44
#